data_5AFG
# 
_entry.id   5AFG 
# 
_audit_conform.dict_name       mmcif_pdbx.dic 
_audit_conform.dict_version    5.383 
_audit_conform.dict_location   http://mmcif.pdb.org/dictionaries/ascii/mmcif_pdbx.dic 
# 
loop_
_database_2.database_id 
_database_2.database_code 
_database_2.pdbx_database_accession 
_database_2.pdbx_DOI 
PDB   5AFG         pdb_00005afg 10.2210/pdb5afg/pdb 
PDBE  EBI-62787    ?            ?                   
WWPDB D_1290062787 ?            ?                   
# 
loop_
_pdbx_audit_revision_history.ordinal 
_pdbx_audit_revision_history.data_content_type 
_pdbx_audit_revision_history.major_revision 
_pdbx_audit_revision_history.minor_revision 
_pdbx_audit_revision_history.revision_date 
1 'Structure model' 1 0 2016-01-27 
2 'Structure model' 2 0 2019-05-15 
3 'Structure model' 2 1 2024-01-10 
# 
_pdbx_audit_revision_details.ordinal             1 
_pdbx_audit_revision_details.revision_ordinal    1 
_pdbx_audit_revision_details.data_content_type   'Structure model' 
_pdbx_audit_revision_details.provider            repository 
_pdbx_audit_revision_details.type                'Initial release' 
_pdbx_audit_revision_details.description         ? 
_pdbx_audit_revision_details.details             ? 
# 
loop_
_pdbx_audit_revision_group.ordinal 
_pdbx_audit_revision_group.revision_ordinal 
_pdbx_audit_revision_group.data_content_type 
_pdbx_audit_revision_group.group 
1 2 'Structure model' 'Data collection'        
2 2 'Structure model' 'Derived calculations'   
3 2 'Structure model' Other                    
4 2 'Structure model' 'Polymer sequence'       
5 3 'Structure model' 'Data collection'        
6 3 'Structure model' 'Database references'    
7 3 'Structure model' 'Derived calculations'   
8 3 'Structure model' Other                    
9 3 'Structure model' 'Refinement description' 
# 
loop_
_pdbx_audit_revision_category.ordinal 
_pdbx_audit_revision_category.revision_ordinal 
_pdbx_audit_revision_category.data_content_type 
_pdbx_audit_revision_category.category 
1  2 'Structure model' entity_poly                   
2  2 'Structure model' pdbx_database_proc            
3  2 'Structure model' pdbx_database_status          
4  2 'Structure model' pdbx_seq_map_depositor_info   
5  2 'Structure model' struct_biol                   
6  2 'Structure model' struct_conn                   
7  3 'Structure model' chem_comp_atom                
8  3 'Structure model' chem_comp_bond                
9  3 'Structure model' database_2                    
10 3 'Structure model' pdbx_database_status          
11 3 'Structure model' pdbx_initial_refinement_model 
12 3 'Structure model' struct_site                   
# 
loop_
_pdbx_audit_revision_item.ordinal 
_pdbx_audit_revision_item.revision_ordinal 
_pdbx_audit_revision_item.data_content_type 
_pdbx_audit_revision_item.item 
1  2 'Structure model' '_entity_poly.pdbx_seq_one_letter_code_can'    
2  2 'Structure model' '_pdbx_database_status.recvd_author_approval'  
3  2 'Structure model' '_pdbx_seq_map_depositor_info.one_letter_code' 
4  2 'Structure model' '_struct_conn.pdbx_leaving_atom_flag'          
5  3 'Structure model' '_database_2.pdbx_DOI'                         
6  3 'Structure model' '_database_2.pdbx_database_accession'          
7  3 'Structure model' '_pdbx_database_status.status_code_sf'         
8  3 'Structure model' '_struct_site.pdbx_auth_asym_id'               
9  3 'Structure model' '_struct_site.pdbx_auth_comp_id'               
10 3 'Structure model' '_struct_site.pdbx_auth_seq_id'                
# 
_pdbx_database_status.status_code                     REL 
_pdbx_database_status.entry_id                        5AFG 
_pdbx_database_status.deposit_site                    PDBE 
_pdbx_database_status.process_site                    PDBE 
_pdbx_database_status.SG_entry                        . 
_pdbx_database_status.recvd_initial_deposition_date   2015-01-22 
_pdbx_database_status.pdb_format_compatible           Y 
_pdbx_database_status.status_code_sf                  REL 
_pdbx_database_status.status_code_mr                  ? 
_pdbx_database_status.status_code_cs                  ? 
_pdbx_database_status.methods_development_category    ? 
_pdbx_database_status.status_code_nmr_data            ? 
# 
loop_
_audit_author.name 
_audit_author.pdbx_ordinal 
'Lau, Y.H.'          1 
'Wu, Y.'             2 
'Rossmann, M.'       3 
'de Andrade, P.'     4 
'Tan, Y.S.'          5 
'McKenzie, G.J.'     6 
'Venkitaraman, A.R.' 7 
'Hyvonen, M.'        8 
'Spring, D.R.'       9 
# 
_citation.id                        primary 
_citation.title                     
'Double Strain-Promoted Macrocyclization for the Rapid Selection of Cell-Active Stapled Peptides.' 
_citation.journal_abbrev            Angew.Chem.Int.Ed.Engl. 
_citation.journal_volume            54 
_citation.page_first                15410 
_citation.page_last                 ? 
_citation.year                      2015 
_citation.journal_id_ASTM           ? 
_citation.country                   GE 
_citation.journal_id_ISSN           1433-7851 
_citation.journal_id_CSD            9999 
_citation.book_publisher            ? 
_citation.pdbx_database_id_PubMed   26768531 
_citation.pdbx_database_id_DOI      10.1002/ANIE.201508416 
# 
loop_
_citation_author.citation_id 
_citation_author.name 
_citation_author.ordinal 
_citation_author.identifier_ORCID 
primary 'Lau, Y.H.'          1  ? 
primary 'Wu, Y.'             2  ? 
primary 'Rossmann, M.'       3  ? 
primary 'Tan, B.X.'          4  ? 
primary 'De Andrade, P.'     5  ? 
primary 'Tan, Y.S.'          6  ? 
primary 'Verma, C.'          7  ? 
primary 'Mckenzie, G.J.'     8  ? 
primary 'Venkitaraman, A.R.' 9  ? 
primary 'Hyvonen, M.'        10 ? 
primary 'Spring, D.R.'       11 ? 
# 
loop_
_entity.id 
_entity.type 
_entity.src_method 
_entity.pdbx_description 
_entity.formula_weight 
_entity.pdbx_number_of_molecules 
_entity.pdbx_ec 
_entity.pdbx_mutation 
_entity.pdbx_fragment 
_entity.details 
1 polymer     man 'E3 UBIQUITIN-PROTEIN LIGASE MDM2'                                                                 11081.952 1  
6.3.2.19 YES 'P53 BINDING DOMAIN (RESIDUES 17-108)' ?                                                                           
2 polymer     syn 'STAPLED PEPTIDE'                                                                                  1441.583  1  
?        ?   ?                                      'SYNTHETIC PEPTIDE WITH A NIS-TRAZOLYL STAPLE BETWEEN AMINO ACIDS 4 AND 11' 
3 non-polymer syn "1,8-DIETHYL-1,8-DIHYDRODIBENZO[3,4:7,8][1,2,3]TRIAZOLO[4',5':5,6]CYCLOOCTA[1,2-D][1,2,3]TRIAZOLE" 342.397   1  
?        ?   ?                                      ?                                                                           
4 water       nat water                                                                                              18.015    88 
?        ?   ?                                      ?                                                                           
# 
loop_
_entity_poly.entity_id 
_entity_poly.type 
_entity_poly.nstd_linkage 
_entity_poly.nstd_monomer 
_entity_poly.pdbx_seq_one_letter_code 
_entity_poly.pdbx_seq_one_letter_code_can 
_entity_poly.pdbx_strand_id 
_entity_poly.pdbx_target_identifier 
1 'polypeptide(L)' no no  
;GPLGSSQIPASEQETLVRPKPLLLKLLKSVGAQKDTYTMKEVLFYLGQYIMTKRLYDAAQQHIVYCSNDLLGDLFGVPSF
SVKEHRKIYTMIYRNLV
;
;GPLGSSQIPASEQETLVRPKPLLLKLLKSVGAQKDTYTMKEVLFYLGQYIMTKRLYDAAQQHIVYCSNDLLGDLFGVPSF
SVKEHRKIYTMIYRNLV
;
A ? 
2 'polypeptide(L)' no yes '(LAY)TFAEYWAQLAS'                                                                                   
LTFAEYWAQLAS                                                                                         B ? 
# 
loop_
_pdbx_entity_nonpoly.entity_id 
_pdbx_entity_nonpoly.name 
_pdbx_entity_nonpoly.comp_id 
3 "1,8-DIETHYL-1,8-DIHYDRODIBENZO[3,4:7,8][1,2,3]TRIAZOLO[4',5':5,6]CYCLOOCTA[1,2-D][1,2,3]TRIAZOLE" P07 
4 water                                                                                              HOH 
# 
loop_
_entity_poly_seq.entity_id 
_entity_poly_seq.num 
_entity_poly_seq.mon_id 
_entity_poly_seq.hetero 
1 1  GLY n 
1 2  PRO n 
1 3  LEU n 
1 4  GLY n 
1 5  SER n 
1 6  SER n 
1 7  GLN n 
1 8  ILE n 
1 9  PRO n 
1 10 ALA n 
1 11 SER n 
1 12 GLU n 
1 13 GLN n 
1 14 GLU n 
1 15 THR n 
1 16 LEU n 
1 17 VAL n 
1 18 ARG n 
1 19 PRO n 
1 20 LYS n 
1 21 PRO n 
1 22 LEU n 
1 23 LEU n 
1 24 LEU n 
1 25 LYS n 
1 26 LEU n 
1 27 LEU n 
1 28 LYS n 
1 29 SER n 
1 30 VAL n 
1 31 GLY n 
1 32 ALA n 
1 33 GLN n 
1 34 LYS n 
1 35 ASP n 
1 36 THR n 
1 37 TYR n 
1 38 THR n 
1 39 MET n 
1 40 LYS n 
1 41 GLU n 
1 42 VAL n 
1 43 LEU n 
1 44 PHE n 
1 45 TYR n 
1 46 LEU n 
1 47 GLY n 
1 48 GLN n 
1 49 TYR n 
1 50 ILE n 
1 51 MET n 
1 52 THR n 
1 53 LYS n 
1 54 ARG n 
1 55 LEU n 
1 56 TYR n 
1 57 ASP n 
1 58 ALA n 
1 59 ALA n 
1 60 GLN n 
1 61 GLN n 
1 62 HIS n 
1 63 ILE n 
1 64 VAL n 
1 65 TYR n 
1 66 CYS n 
1 67 SER n 
1 68 ASN n 
1 69 ASP n 
1 70 LEU n 
1 71 LEU n 
1 72 GLY n 
1 73 ASP n 
1 74 LEU n 
1 75 PHE n 
1 76 GLY n 
1 77 VAL n 
1 78 PRO n 
1 79 SER n 
1 80 PHE n 
1 81 SER n 
1 82 VAL n 
1 83 LYS n 
1 84 GLU n 
1 85 HIS n 
1 86 ARG n 
1 87 LYS n 
1 88 ILE n 
1 89 TYR n 
1 90 THR n 
1 91 MET n 
1 92 ILE n 
1 93 TYR n 
1 94 ARG n 
1 95 ASN n 
1 96 LEU n 
1 97 VAL n 
2 1  LAY n 
2 2  THR n 
2 3  PHE n 
2 4  ALA n 
2 5  GLU n 
2 6  TYR n 
2 7  TRP n 
2 8  ALA n 
2 9  GLN n 
2 10 LEU n 
2 11 ALA n 
2 12 SER n 
# 
_entity_src_gen.entity_id                          1 
_entity_src_gen.pdbx_src_id                        1 
_entity_src_gen.pdbx_alt_source_flag               sample 
_entity_src_gen.pdbx_seq_type                      ? 
_entity_src_gen.pdbx_beg_seq_num                   ? 
_entity_src_gen.pdbx_end_seq_num                   ? 
_entity_src_gen.gene_src_common_name               HUMAN 
_entity_src_gen.gene_src_genus                     ? 
_entity_src_gen.pdbx_gene_src_gene                 ? 
_entity_src_gen.gene_src_species                   ? 
_entity_src_gen.gene_src_strain                    ? 
_entity_src_gen.gene_src_tissue                    ? 
_entity_src_gen.gene_src_tissue_fraction           ? 
_entity_src_gen.gene_src_details                   ? 
_entity_src_gen.pdbx_gene_src_fragment             ? 
_entity_src_gen.pdbx_gene_src_scientific_name      'HOMO SAPIENS' 
_entity_src_gen.pdbx_gene_src_ncbi_taxonomy_id     9606 
_entity_src_gen.pdbx_gene_src_variant              ? 
_entity_src_gen.pdbx_gene_src_cell_line            ? 
_entity_src_gen.pdbx_gene_src_atcc                 ? 
_entity_src_gen.pdbx_gene_src_organ                ? 
_entity_src_gen.pdbx_gene_src_organelle            ? 
_entity_src_gen.pdbx_gene_src_cell                 ? 
_entity_src_gen.pdbx_gene_src_cellular_location    ? 
_entity_src_gen.host_org_common_name               ? 
_entity_src_gen.pdbx_host_org_scientific_name      'ESCHERICHIA COLI' 
_entity_src_gen.pdbx_host_org_ncbi_taxonomy_id     469008 
_entity_src_gen.host_org_genus                     ? 
_entity_src_gen.pdbx_host_org_gene                 ? 
_entity_src_gen.pdbx_host_org_organ                ? 
_entity_src_gen.host_org_species                   ? 
_entity_src_gen.pdbx_host_org_tissue               ? 
_entity_src_gen.pdbx_host_org_tissue_fraction      ? 
_entity_src_gen.pdbx_host_org_strain               'BL21(DE3)' 
_entity_src_gen.pdbx_host_org_variant              ? 
_entity_src_gen.pdbx_host_org_cell_line            ? 
_entity_src_gen.pdbx_host_org_atcc                 ? 
_entity_src_gen.pdbx_host_org_culture_collection   ? 
_entity_src_gen.pdbx_host_org_cell                 ? 
_entity_src_gen.pdbx_host_org_organelle            ? 
_entity_src_gen.pdbx_host_org_cellular_location    ? 
_entity_src_gen.pdbx_host_org_vector_type          PLASMID 
_entity_src_gen.pdbx_host_org_vector               ? 
_entity_src_gen.host_org_details                   ? 
_entity_src_gen.expression_system_id               ? 
_entity_src_gen.plasmid_name                       PGEX6P1 
_entity_src_gen.plasmid_details                    ? 
_entity_src_gen.pdbx_description                   ? 
# 
_pdbx_entity_src_syn.entity_id              2 
_pdbx_entity_src_syn.pdbx_src_id            1 
_pdbx_entity_src_syn.pdbx_alt_source_flag   sample 
_pdbx_entity_src_syn.pdbx_beg_seq_num       ? 
_pdbx_entity_src_syn.pdbx_end_seq_num       ? 
_pdbx_entity_src_syn.organism_scientific    'SYHTHETIC CONSTRUCT' 
_pdbx_entity_src_syn.organism_common_name   ? 
_pdbx_entity_src_syn.ncbi_taxonomy_id       32630 
_pdbx_entity_src_syn.details                ? 
# 
loop_
_chem_comp.id 
_chem_comp.type 
_chem_comp.mon_nstd_flag 
_chem_comp.name 
_chem_comp.pdbx_synonyms 
_chem_comp.formula 
_chem_comp.formula_weight 
ALA 'L-peptide linking' y ALANINE                                                                                            ? 
'C3 H7 N O2'     89.093  
ARG 'L-peptide linking' y ARGININE                                                                                           ? 
'C6 H15 N4 O2 1' 175.209 
ASN 'L-peptide linking' y ASPARAGINE                                                                                         ? 
'C4 H8 N2 O3'    132.118 
ASP 'L-peptide linking' y 'ASPARTIC ACID'                                                                                    ? 
'C4 H7 N O4'     133.103 
CYS 'L-peptide linking' y CYSTEINE                                                                                           ? 
'C3 H7 N O2 S'   121.158 
GLN 'L-peptide linking' y GLUTAMINE                                                                                          ? 
'C5 H10 N2 O3'   146.144 
GLU 'L-peptide linking' y 'GLUTAMIC ACID'                                                                                    ? 
'C5 H9 N O4'     147.129 
GLY 'peptide linking'   y GLYCINE                                                                                            ? 
'C2 H5 N O2'     75.067  
HIS 'L-peptide linking' y HISTIDINE                                                                                          ? 
'C6 H10 N3 O2 1' 156.162 
HOH non-polymer         . WATER                                                                                              ? 
'H2 O'           18.015  
ILE 'L-peptide linking' y ISOLEUCINE                                                                                         ? 
'C6 H13 N O2'    131.173 
LAY 'L-peptide linking' n N-acetyl-L-leucine                                                                                 ? 
'C8 H15 N O3'    173.210 
LEU 'L-peptide linking' y LEUCINE                                                                                            ? 
'C6 H13 N O2'    131.173 
LYS 'L-peptide linking' y LYSINE                                                                                             ? 
'C6 H15 N2 O2 1' 147.195 
MET 'L-peptide linking' y METHIONINE                                                                                         ? 
'C5 H11 N O2 S'  149.211 
P07 non-polymer         . "1,8-DIETHYL-1,8-DIHYDRODIBENZO[3,4:7,8][1,2,3]TRIAZOLO[4',5':5,6]CYCLOOCTA[1,2-D][1,2,3]TRIAZOLE" ? 
'C20 H18 N6'     342.397 
PHE 'L-peptide linking' y PHENYLALANINE                                                                                      ? 
'C9 H11 N O2'    165.189 
PRO 'L-peptide linking' y PROLINE                                                                                            ? 
'C5 H9 N O2'     115.130 
SER 'L-peptide linking' y SERINE                                                                                             ? 
'C3 H7 N O3'     105.093 
THR 'L-peptide linking' y THREONINE                                                                                          ? 
'C4 H9 N O3'     119.119 
TRP 'L-peptide linking' y TRYPTOPHAN                                                                                         ? 
'C11 H12 N2 O2'  204.225 
TYR 'L-peptide linking' y TYROSINE                                                                                           ? 
'C9 H11 N O3'    181.189 
VAL 'L-peptide linking' y VALINE                                                                                             ? 
'C5 H11 N O2'    117.146 
# 
loop_
_pdbx_poly_seq_scheme.asym_id 
_pdbx_poly_seq_scheme.entity_id 
_pdbx_poly_seq_scheme.seq_id 
_pdbx_poly_seq_scheme.mon_id 
_pdbx_poly_seq_scheme.ndb_seq_num 
_pdbx_poly_seq_scheme.pdb_seq_num 
_pdbx_poly_seq_scheme.auth_seq_num 
_pdbx_poly_seq_scheme.pdb_mon_id 
_pdbx_poly_seq_scheme.auth_mon_id 
_pdbx_poly_seq_scheme.pdb_strand_id 
_pdbx_poly_seq_scheme.pdb_ins_code 
_pdbx_poly_seq_scheme.hetero 
A 1 1  GLY 1  12  ?   ?   ?   A . n 
A 1 2  PRO 2  13  ?   ?   ?   A . n 
A 1 3  LEU 3  14  ?   ?   ?   A . n 
A 1 4  GLY 4  15  ?   ?   ?   A . n 
A 1 5  SER 5  16  ?   ?   ?   A . n 
A 1 6  SER 6  17  ?   ?   ?   A . n 
A 1 7  GLN 7  18  ?   ?   ?   A . n 
A 1 8  ILE 8  19  ?   ?   ?   A . n 
A 1 9  PRO 9  20  ?   ?   ?   A . n 
A 1 10 ALA 10 21  ?   ?   ?   A . n 
A 1 11 SER 11 22  ?   ?   ?   A . n 
A 1 12 GLU 12 23  ?   ?   ?   A . n 
A 1 13 GLN 13 24  ?   ?   ?   A . n 
A 1 14 GLU 14 25  ?   ?   ?   A . n 
A 1 15 THR 15 26  26  THR THR A . n 
A 1 16 LEU 16 27  27  LEU LEU A . n 
A 1 17 VAL 17 28  28  VAL VAL A . n 
A 1 18 ARG 18 29  29  ARG ARG A . n 
A 1 19 PRO 19 30  30  PRO PRO A . n 
A 1 20 LYS 20 31  31  LYS LYS A . n 
A 1 21 PRO 21 32  32  PRO PRO A . n 
A 1 22 LEU 22 33  33  LEU LEU A . n 
A 1 23 LEU 23 34  34  LEU LEU A . n 
A 1 24 LEU 24 35  35  LEU LEU A . n 
A 1 25 LYS 25 36  36  LYS LYS A . n 
A 1 26 LEU 26 37  37  LEU LEU A . n 
A 1 27 LEU 27 38  38  LEU LEU A . n 
A 1 28 LYS 28 39  39  LYS LYS A . n 
A 1 29 SER 29 40  40  SER SER A . n 
A 1 30 VAL 30 41  41  VAL VAL A . n 
A 1 31 GLY 31 42  42  GLY GLY A . n 
A 1 32 ALA 32 43  43  ALA ALA A . n 
A 1 33 GLN 33 44  44  GLN GLN A . n 
A 1 34 LYS 34 45  45  LYS LYS A . n 
A 1 35 ASP 35 46  46  ASP ASP A . n 
A 1 36 THR 36 47  47  THR THR A . n 
A 1 37 TYR 37 48  48  TYR TYR A . n 
A 1 38 THR 38 49  49  THR THR A . n 
A 1 39 MET 39 50  50  MET MET A . n 
A 1 40 LYS 40 51  51  LYS LYS A . n 
A 1 41 GLU 41 52  52  GLU GLU A . n 
A 1 42 VAL 42 53  53  VAL VAL A . n 
A 1 43 LEU 43 54  54  LEU LEU A . n 
A 1 44 PHE 44 55  55  PHE PHE A . n 
A 1 45 TYR 45 56  56  TYR TYR A . n 
A 1 46 LEU 46 57  57  LEU LEU A . n 
A 1 47 GLY 47 58  58  GLY GLY A . n 
A 1 48 GLN 48 59  59  GLN GLN A . n 
A 1 49 TYR 49 60  60  TYR TYR A . n 
A 1 50 ILE 50 61  61  ILE ILE A . n 
A 1 51 MET 51 62  62  MET MET A . n 
A 1 52 THR 52 63  63  THR THR A . n 
A 1 53 LYS 53 64  64  LYS LYS A . n 
A 1 54 ARG 54 65  65  ARG ARG A . n 
A 1 55 LEU 55 66  66  LEU LEU A . n 
A 1 56 TYR 56 67  67  TYR TYR A . n 
A 1 57 ASP 57 68  68  ASP ASP A . n 
A 1 58 ALA 58 69  69  ALA ALA A . n 
A 1 59 ALA 59 70  70  ALA ALA A . n 
A 1 60 GLN 60 71  71  GLN GLN A . n 
A 1 61 GLN 61 72  72  GLN GLN A . n 
A 1 62 HIS 62 73  73  HIS HIS A . n 
A 1 63 ILE 63 74  74  ILE ILE A . n 
A 1 64 VAL 64 75  75  VAL VAL A . n 
A 1 65 TYR 65 76  76  TYR TYR A . n 
A 1 66 CYS 66 77  77  CYS CYS A . n 
A 1 67 SER 67 78  78  SER SER A . n 
A 1 68 ASN 68 79  79  ASN ASN A . n 
A 1 69 ASP 69 80  80  ASP ASP A . n 
A 1 70 LEU 70 81  81  LEU LEU A . n 
A 1 71 LEU 71 82  82  LEU LEU A . n 
A 1 72 GLY 72 83  83  GLY GLY A . n 
A 1 73 ASP 73 84  84  ASP ASP A . n 
A 1 74 LEU 74 85  85  LEU LEU A . n 
A 1 75 PHE 75 86  86  PHE PHE A . n 
A 1 76 GLY 76 87  87  GLY GLY A . n 
A 1 77 VAL 77 88  88  VAL VAL A . n 
A 1 78 PRO 78 89  89  PRO PRO A . n 
A 1 79 SER 79 90  90  SER SER A . n 
A 1 80 PHE 80 91  91  PHE PHE A . n 
A 1 81 SER 81 92  92  SER SER A . n 
A 1 82 VAL 82 93  93  VAL VAL A . n 
A 1 83 LYS 83 94  94  LYS LYS A . n 
A 1 84 GLU 84 95  95  GLU GLU A . n 
A 1 85 HIS 85 96  96  HIS HIS A . n 
A 1 86 ARG 86 97  97  ARG ARG A . n 
A 1 87 LYS 87 98  98  LYS LYS A . n 
A 1 88 ILE 88 99  99  ILE ILE A . n 
A 1 89 TYR 89 100 100 TYR TYR A . n 
A 1 90 THR 90 101 101 THR THR A . n 
A 1 91 MET 91 102 102 MET MET A . n 
A 1 92 ILE 92 103 103 ILE ILE A . n 
A 1 93 TYR 93 104 104 TYR TYR A . n 
A 1 94 ARG 94 105 105 ARG ARG A . n 
A 1 95 ASN 95 106 106 ASN ASN A . n 
A 1 96 LEU 96 107 107 LEU LEU A . n 
A 1 97 VAL 97 108 108 VAL VAL A . n 
B 2 1  LAY 1  1   1   LAY LAY B . n 
B 2 2  THR 2  2   2   THR THR B . n 
B 2 3  PHE 3  3   3   PHE PHE B . n 
B 2 4  ALA 4  4   4   ALA ALA B . n 
B 2 5  GLU 5  5   5   GLU GLU B . n 
B 2 6  TYR 6  6   6   TYR TYR B . n 
B 2 7  TRP 7  7   7   TRP TRP B . n 
B 2 8  ALA 8  8   8   ALA ALA B . n 
B 2 9  GLN 9  9   9   GLN GLN B . n 
B 2 10 LEU 10 10  10  LEU LEU B . n 
B 2 11 ALA 11 11  11  ALA ALA B . n 
B 2 12 SER 12 12  12  SER SER B . n 
# 
loop_
_pdbx_nonpoly_scheme.asym_id 
_pdbx_nonpoly_scheme.entity_id 
_pdbx_nonpoly_scheme.mon_id 
_pdbx_nonpoly_scheme.ndb_seq_num 
_pdbx_nonpoly_scheme.pdb_seq_num 
_pdbx_nonpoly_scheme.auth_seq_num 
_pdbx_nonpoly_scheme.pdb_mon_id 
_pdbx_nonpoly_scheme.auth_mon_id 
_pdbx_nonpoly_scheme.pdb_strand_id 
_pdbx_nonpoly_scheme.pdb_ins_code 
C 3 P07 1  1030 1030 P07 P07 B . 
D 4 HOH 1  2001 2001 HOH HOH A . 
D 4 HOH 2  2002 2002 HOH HOH A . 
D 4 HOH 3  2003 2003 HOH HOH A . 
D 4 HOH 4  2004 2004 HOH HOH A . 
D 4 HOH 5  2005 2005 HOH HOH A . 
D 4 HOH 6  2006 2006 HOH HOH A . 
D 4 HOH 7  2007 2007 HOH HOH A . 
D 4 HOH 8  2008 2008 HOH HOH A . 
D 4 HOH 9  2009 2009 HOH HOH A . 
D 4 HOH 10 2010 2010 HOH HOH A . 
D 4 HOH 11 2011 2011 HOH HOH A . 
D 4 HOH 12 2012 2012 HOH HOH A . 
D 4 HOH 13 2013 2013 HOH HOH A . 
D 4 HOH 14 2014 2014 HOH HOH A . 
D 4 HOH 15 2015 2015 HOH HOH A . 
D 4 HOH 16 2016 2016 HOH HOH A . 
D 4 HOH 17 2017 2017 HOH HOH A . 
D 4 HOH 18 2018 2018 HOH HOH A . 
D 4 HOH 19 2019 2019 HOH HOH A . 
D 4 HOH 20 2020 2020 HOH HOH A . 
D 4 HOH 21 2021 2021 HOH HOH A . 
D 4 HOH 22 2022 2022 HOH HOH A . 
D 4 HOH 23 2023 2023 HOH HOH A . 
D 4 HOH 24 2024 2024 HOH HOH A . 
D 4 HOH 25 2025 2025 HOH HOH A . 
D 4 HOH 26 2026 2026 HOH HOH A . 
D 4 HOH 27 2027 2027 HOH HOH A . 
D 4 HOH 28 2028 2028 HOH HOH A . 
D 4 HOH 29 2029 2029 HOH HOH A . 
D 4 HOH 30 2030 2030 HOH HOH A . 
D 4 HOH 31 2031 2031 HOH HOH A . 
D 4 HOH 32 2032 2032 HOH HOH A . 
D 4 HOH 33 2033 2033 HOH HOH A . 
D 4 HOH 34 2034 2034 HOH HOH A . 
D 4 HOH 35 2035 2035 HOH HOH A . 
D 4 HOH 36 2036 2036 HOH HOH A . 
D 4 HOH 37 2037 2037 HOH HOH A . 
D 4 HOH 38 2038 2038 HOH HOH A . 
D 4 HOH 39 2039 2039 HOH HOH A . 
D 4 HOH 40 2040 2040 HOH HOH A . 
D 4 HOH 41 2041 2041 HOH HOH A . 
D 4 HOH 42 2042 2042 HOH HOH A . 
D 4 HOH 43 2043 2043 HOH HOH A . 
D 4 HOH 44 2044 2044 HOH HOH A . 
D 4 HOH 45 2045 2045 HOH HOH A . 
D 4 HOH 46 2046 2046 HOH HOH A . 
D 4 HOH 47 2047 2047 HOH HOH A . 
D 4 HOH 48 2048 2048 HOH HOH A . 
D 4 HOH 49 2049 2049 HOH HOH A . 
D 4 HOH 50 2050 2050 HOH HOH A . 
D 4 HOH 51 2051 2051 HOH HOH A . 
D 4 HOH 52 2052 2052 HOH HOH A . 
D 4 HOH 53 2053 2053 HOH HOH A . 
D 4 HOH 54 2054 2054 HOH HOH A . 
D 4 HOH 55 2055 2055 HOH HOH A . 
D 4 HOH 56 2056 2056 HOH HOH A . 
D 4 HOH 57 2057 2057 HOH HOH A . 
D 4 HOH 58 2058 2058 HOH HOH A . 
D 4 HOH 59 2059 2059 HOH HOH A . 
D 4 HOH 60 2060 2060 HOH HOH A . 
D 4 HOH 61 2061 2061 HOH HOH A . 
D 4 HOH 62 2062 2062 HOH HOH A . 
D 4 HOH 63 2063 2063 HOH HOH A . 
D 4 HOH 64 2064 2064 HOH HOH A . 
D 4 HOH 65 2065 2065 HOH HOH A . 
D 4 HOH 66 2066 2066 HOH HOH A . 
D 4 HOH 67 2067 2067 HOH HOH A . 
D 4 HOH 68 2068 2068 HOH HOH A . 
D 4 HOH 69 2069 2069 HOH HOH A . 
D 4 HOH 70 2070 2070 HOH HOH A . 
D 4 HOH 71 2071 2071 HOH HOH A . 
D 4 HOH 72 2072 2072 HOH HOH A . 
D 4 HOH 73 2073 2073 HOH HOH A . 
D 4 HOH 74 2074 2074 HOH HOH A . 
D 4 HOH 75 2075 2075 HOH HOH A . 
E 4 HOH 1  2001 2001 HOH HOH B . 
E 4 HOH 2  2002 2002 HOH HOH B . 
E 4 HOH 3  2003 2003 HOH HOH B . 
E 4 HOH 4  2004 2004 HOH HOH B . 
E 4 HOH 5  2005 2005 HOH HOH B . 
E 4 HOH 6  2006 2006 HOH HOH B . 
E 4 HOH 7  2007 2007 HOH HOH B . 
E 4 HOH 8  2008 2008 HOH HOH B . 
E 4 HOH 9  2009 2009 HOH HOH B . 
E 4 HOH 10 2010 2010 HOH HOH B . 
E 4 HOH 11 2011 2011 HOH HOH B . 
E 4 HOH 12 2012 2012 HOH HOH B . 
E 4 HOH 13 2013 2013 HOH HOH B . 
# 
loop_
_software.name 
_software.classification 
_software.version 
_software.citation_id 
_software.pdbx_ordinal 
_software.date 
_software.type 
_software.location 
_software.language 
REFMAC   refinement       5.8.0073 ? 1 ? ? ? ? 
PROTEUM2 'data reduction' .        ? 2 ? ? ? ? 
PROTEUM2 'data scaling'   .        ? 3 ? ? ? ? 
PHASER   phasing          .        ? 4 ? ? ? ? 
# 
_cell.entry_id           5AFG 
_cell.length_a           36.821 
_cell.length_b           36.821 
_cell.length_c           177.416 
_cell.angle_alpha        90.00 
_cell.angle_beta         90.00 
_cell.angle_gamma        90.00 
_cell.Z_PDB              8 
_cell.pdbx_unique_axis   ? 
# 
_symmetry.entry_id                         5AFG 
_symmetry.space_group_name_H-M             'P 41 21 2' 
_symmetry.pdbx_full_space_group_name_H-M   ? 
_symmetry.cell_setting                     ? 
_symmetry.Int_Tables_number                92 
# 
_exptl.entry_id          5AFG 
_exptl.method            'X-RAY DIFFRACTION' 
_exptl.crystals_number   1 
# 
_exptl_crystal.id                    1 
_exptl_crystal.density_meas          ? 
_exptl_crystal.density_Matthews      2.72 
_exptl_crystal.density_percent_sol   54.85 
_exptl_crystal.description           NONE 
_exptl_crystal.preparation           ? 
# 
_exptl_crystal_grow.crystal_id      1 
_exptl_crystal_grow.method          ? 
_exptl_crystal_grow.temp            ? 
_exptl_crystal_grow.temp_details    ? 
_exptl_crystal_grow.pH              4.5 
_exptl_crystal_grow.pdbx_pH_range   ? 
_exptl_crystal_grow.pdbx_details    '100 MM SODIUM ACETATE, 1 M AMMONIUM DI-HYDROGEN PHOSPHATE, PH 4.5' 
# 
_diffrn.id                               1 
_diffrn.ambient_temp                     100 
_diffrn.ambient_temp_details             ? 
_diffrn.crystal_id                       1 
_diffrn.pdbx_serial_crystal_experiment   ? 
# 
_diffrn_detector.diffrn_id              1 
_diffrn_detector.detector               ? 
_diffrn_detector.type                   ? 
_diffrn_detector.pdbx_collection_date   2014-11-13 
_diffrn_detector.details                ? 
# 
_diffrn_radiation.diffrn_id                        1 
_diffrn_radiation.wavelength_id                    1 
_diffrn_radiation.pdbx_monochromatic_or_laue_m_l   M 
_diffrn_radiation.monochromator                    ? 
_diffrn_radiation.pdbx_diffrn_protocol             'SINGLE WAVELENGTH' 
_diffrn_radiation.pdbx_scattering_type             x-ray 
# 
_diffrn_radiation_wavelength.id           1 
_diffrn_radiation_wavelength.wavelength   1.5418 
_diffrn_radiation_wavelength.wt           1.0 
# 
_diffrn_source.diffrn_id                   1 
_diffrn_source.source                      'ROTATING ANODE' 
_diffrn_source.type                        ? 
_diffrn_source.pdbx_synchrotron_site       ? 
_diffrn_source.pdbx_synchrotron_beamline   ? 
_diffrn_source.pdbx_wavelength             1.5418 
_diffrn_source.pdbx_wavelength_list        ? 
# 
_reflns.pdbx_diffrn_id               1 
_reflns.pdbx_ordinal                 1 
_reflns.entry_id                     5AFG 
_reflns.observed_criterion_sigma_I   2.0 
_reflns.observed_criterion_sigma_F   ? 
_reflns.d_resolution_low             44.36 
_reflns.d_resolution_high            1.90 
_reflns.number_obs                   10513 
_reflns.number_all                   ? 
_reflns.percent_possible_obs         100.0 
_reflns.pdbx_Rmerge_I_obs            0.10 
_reflns.pdbx_Rsym_value              ? 
_reflns.pdbx_netI_over_sigmaI        26.13 
_reflns.B_iso_Wilson_estimate        ? 
_reflns.pdbx_redundancy              30.7 
# 
_reflns_shell.pdbx_diffrn_id         1 
_reflns_shell.pdbx_ordinal           1 
_reflns_shell.d_res_high             1.90 
_reflns_shell.d_res_low              2.00 
_reflns_shell.percent_possible_all   100.0 
_reflns_shell.Rmerge_I_obs           0.64 
_reflns_shell.pdbx_Rsym_value        ? 
_reflns_shell.meanI_over_sigI_obs    2.88 
_reflns_shell.pdbx_redundancy        15.6 
# 
_refine.pdbx_refine_id                           'X-RAY DIFFRACTION' 
_refine.entry_id                                 5AFG 
_refine.pdbx_diffrn_id                           1 
_refine.pdbx_TLS_residual_ADP_flag               ? 
_refine.ls_number_reflns_obs                     9935 
_refine.ls_number_reflns_all                     ? 
_refine.pdbx_ls_sigma_I                          ? 
_refine.pdbx_ls_sigma_F                          . 
_refine.pdbx_data_cutoff_high_absF               ? 
_refine.pdbx_data_cutoff_low_absF                ? 
_refine.pdbx_data_cutoff_high_rms_absF           ? 
_refine.ls_d_res_low                             44.35 
_refine.ls_d_res_high                            1.90 
_refine.ls_percent_reflns_obs                    99.99 
_refine.ls_R_factor_obs                          0.17870 
_refine.ls_R_factor_all                          ? 
_refine.ls_R_factor_R_work                       0.17639 
_refine.ls_R_factor_R_free                       0.22616 
_refine.ls_R_factor_R_free_error                 ? 
_refine.ls_R_factor_R_free_error_details         ? 
_refine.ls_percent_reflns_R_free                 4.8 
_refine.ls_number_reflns_R_free                  500 
_refine.ls_number_parameters                     ? 
_refine.ls_number_restraints                     ? 
_refine.occupancy_min                            ? 
_refine.occupancy_max                            ? 
_refine.correlation_coeff_Fo_to_Fc               0.956 
_refine.correlation_coeff_Fo_to_Fc_free          0.929 
_refine.B_iso_mean                               23.554 
_refine.aniso_B[1][1]                            0.00 
_refine.aniso_B[2][2]                            0.00 
_refine.aniso_B[3][3]                            0.00 
_refine.aniso_B[1][2]                            0.00 
_refine.aniso_B[1][3]                            0.00 
_refine.aniso_B[2][3]                            0.00 
_refine.solvent_model_details                    MASK 
_refine.solvent_model_param_ksol                 ? 
_refine.solvent_model_param_bsol                 ? 
_refine.pdbx_solvent_vdw_probe_radii             1.20 
_refine.pdbx_solvent_ion_probe_radii             0.80 
_refine.pdbx_solvent_shrinkage_radii             0.80 
_refine.pdbx_ls_cross_valid_method               THROUGHOUT 
_refine.details                                  'HYDROGENS HAVE BEEN ADDED IN THE RIDING POSITIONS.' 
_refine.pdbx_starting_model                      'PDB ENTRY 4HG7' 
_refine.pdbx_method_to_determine_struct          'MOLECULAR REPLACEMENT' 
_refine.pdbx_isotropic_thermal_model             ? 
_refine.pdbx_stereochemistry_target_values       'MAXIMUM LIKELIHOOD' 
_refine.pdbx_stereochem_target_val_spec_case     ? 
_refine.pdbx_R_Free_selection_details            RANDOM 
_refine.pdbx_overall_ESU_R                       0.130 
_refine.pdbx_overall_ESU_R_Free                  0.132 
_refine.overall_SU_ML                            ? 
_refine.pdbx_overall_phase_error                 ? 
_refine.overall_SU_B                             ? 
_refine.overall_SU_R_Cruickshank_DPI             ? 
_refine.pdbx_overall_SU_R_free_Cruickshank_DPI   ? 
_refine.pdbx_overall_SU_R_Blow_DPI               ? 
_refine.pdbx_overall_SU_R_free_Blow_DPI          ? 
# 
_refine_hist.pdbx_refine_id                   'X-RAY DIFFRACTION' 
_refine_hist.cycle_id                         LAST 
_refine_hist.pdbx_number_atoms_protein        785 
_refine_hist.pdbx_number_atoms_nucleic_acid   0 
_refine_hist.pdbx_number_atoms_ligand         26 
_refine_hist.number_atoms_solvent             88 
_refine_hist.number_atoms_total               899 
_refine_hist.d_res_high                       1.90 
_refine_hist.d_res_low                        44.35 
# 
loop_
_refine_ls_restr.type 
_refine_ls_restr.dev_ideal 
_refine_ls_restr.dev_ideal_target 
_refine_ls_restr.weight 
_refine_ls_restr.number 
_refine_ls_restr.pdbx_refine_id 
_refine_ls_restr.pdbx_restraint_function 
r_bond_refined_d             0.023  0.020  ? 850  'X-RAY DIFFRACTION' ? 
r_bond_other_d               0.000  0.020  ? 830  'X-RAY DIFFRACTION' ? 
r_angle_refined_deg          1.947  2.037  ? 1154 'X-RAY DIFFRACTION' ? 
r_angle_other_deg            4.256  3.005  ? 1904 'X-RAY DIFFRACTION' ? 
r_dihedral_angle_1_deg       7.146  5.000  ? 99   'X-RAY DIFFRACTION' ? 
r_dihedral_angle_2_deg       40.489 23.235 ? 34   'X-RAY DIFFRACTION' ? 
r_dihedral_angle_3_deg       14.373 15.000 ? 151  'X-RAY DIFFRACTION' ? 
r_dihedral_angle_4_deg       18.062 15.000 ? 4    'X-RAY DIFFRACTION' ? 
r_chiral_restr               0.104  0.200  ? 128  'X-RAY DIFFRACTION' ? 
r_gen_planes_refined         0.011  0.020  ? 926  'X-RAY DIFFRACTION' ? 
r_gen_planes_other           0.019  0.020  ? 198  'X-RAY DIFFRACTION' ? 
r_nbd_refined                ?      ?      ? ?    'X-RAY DIFFRACTION' ? 
r_nbd_other                  ?      ?      ? ?    'X-RAY DIFFRACTION' ? 
r_nbtor_refined              ?      ?      ? ?    'X-RAY DIFFRACTION' ? 
r_nbtor_other                ?      ?      ? ?    'X-RAY DIFFRACTION' ? 
r_xyhbond_nbd_refined        ?      ?      ? ?    'X-RAY DIFFRACTION' ? 
r_xyhbond_nbd_other          ?      ?      ? ?    'X-RAY DIFFRACTION' ? 
r_metal_ion_refined          ?      ?      ? ?    'X-RAY DIFFRACTION' ? 
r_metal_ion_other            ?      ?      ? ?    'X-RAY DIFFRACTION' ? 
r_symmetry_vdw_refined       ?      ?      ? ?    'X-RAY DIFFRACTION' ? 
r_symmetry_vdw_other         ?      ?      ? ?    'X-RAY DIFFRACTION' ? 
r_symmetry_hbond_refined     ?      ?      ? ?    'X-RAY DIFFRACTION' ? 
r_symmetry_hbond_other       ?      ?      ? ?    'X-RAY DIFFRACTION' ? 
r_symmetry_metal_ion_refined ?      ?      ? ?    'X-RAY DIFFRACTION' ? 
r_symmetry_metal_ion_other   ?      ?      ? ?    'X-RAY DIFFRACTION' ? 
r_mcbond_it                  2.432  2.041  ? 385  'X-RAY DIFFRACTION' ? 
r_mcbond_other               2.433  2.041  ? 384  'X-RAY DIFFRACTION' ? 
r_mcangle_it                 3.465  3.030  ? 478  'X-RAY DIFFRACTION' ? 
r_mcangle_other              ?      ?      ? ?    'X-RAY DIFFRACTION' ? 
r_scbond_it                  3.212  2.317  ? 465  'X-RAY DIFFRACTION' ? 
r_scbond_other               ?      ?      ? ?    'X-RAY DIFFRACTION' ? 
r_scangle_it                 ?      ?      ? ?    'X-RAY DIFFRACTION' ? 
r_scangle_other              ?      ?      ? ?    'X-RAY DIFFRACTION' ? 
r_long_range_B_refined       ?      ?      ? ?    'X-RAY DIFFRACTION' ? 
r_long_range_B_other         ?      ?      ? ?    'X-RAY DIFFRACTION' ? 
r_rigid_bond_restr           ?      ?      ? ?    'X-RAY DIFFRACTION' ? 
r_sphericity_free            ?      ?      ? ?    'X-RAY DIFFRACTION' ? 
r_sphericity_bonded          ?      ?      ? ?    'X-RAY DIFFRACTION' ? 
# 
_refine_ls_shell.pdbx_refine_id                   'X-RAY DIFFRACTION' 
_refine_ls_shell.pdbx_total_number_of_bins_used   20 
_refine_ls_shell.d_res_high                       1.900 
_refine_ls_shell.d_res_low                        1.949 
_refine_ls_shell.number_reflns_R_work             725 
_refine_ls_shell.R_factor_R_work                  0.268 
_refine_ls_shell.percent_reflns_obs               100.00 
_refine_ls_shell.R_factor_R_free                  0.337 
_refine_ls_shell.R_factor_R_free_error            ? 
_refine_ls_shell.percent_reflns_R_free            ? 
_refine_ls_shell.number_reflns_R_free             29 
_refine_ls_shell.number_reflns_all                ? 
_refine_ls_shell.R_factor_all                     ? 
# 
_struct.entry_id                  5AFG 
_struct.title                     'Structure of the Stapled Peptide Bound to Mdm2' 
_struct.pdbx_model_details        ? 
_struct.pdbx_CASP_flag            ? 
_struct.pdbx_model_type_details   ? 
# 
_struct_keywords.entry_id        5AFG 
_struct_keywords.pdbx_keywords   LIGASE 
_struct_keywords.text            'LIGASE, MDM2' 
# 
loop_
_struct_asym.id 
_struct_asym.pdbx_blank_PDB_chainid_flag 
_struct_asym.pdbx_modified 
_struct_asym.entity_id 
_struct_asym.details 
A N N 1 ? 
B N N 2 ? 
C N N 3 ? 
D N N 4 ? 
E N N 4 ? 
# 
loop_
_struct_ref.id 
_struct_ref.db_name 
_struct_ref.db_code 
_struct_ref.entity_id 
_struct_ref.pdbx_seq_one_letter_code 
_struct_ref.pdbx_align_begin 
_struct_ref.pdbx_db_accession 
_struct_ref.pdbx_db_isoform 
1 UNP MDM2_HUMAN 1 ? ? Q00987 ? 
2 PDB 5AFG       2 ? ? 5AFG   ? 
# 
loop_
_struct_ref_seq.align_id 
_struct_ref_seq.ref_id 
_struct_ref_seq.pdbx_PDB_id_code 
_struct_ref_seq.pdbx_strand_id 
_struct_ref_seq.seq_align_beg 
_struct_ref_seq.pdbx_seq_align_beg_ins_code 
_struct_ref_seq.seq_align_end 
_struct_ref_seq.pdbx_seq_align_end_ins_code 
_struct_ref_seq.pdbx_db_accession 
_struct_ref_seq.db_align_beg 
_struct_ref_seq.pdbx_db_align_beg_ins_code 
_struct_ref_seq.db_align_end 
_struct_ref_seq.pdbx_db_align_end_ins_code 
_struct_ref_seq.pdbx_auth_seq_align_beg 
_struct_ref_seq.pdbx_auth_seq_align_end 
1 1 5AFG A 6 ? 97 ? Q00987 17 ? 108 ? 17 108 
2 2 5AFG B 1 ? 12 ? 5AFG   1  ? 12  ? 1  12  
# 
loop_
_struct_ref_seq_dif.align_id 
_struct_ref_seq_dif.pdbx_pdb_id_code 
_struct_ref_seq_dif.mon_id 
_struct_ref_seq_dif.pdbx_pdb_strand_id 
_struct_ref_seq_dif.seq_num 
_struct_ref_seq_dif.pdbx_pdb_ins_code 
_struct_ref_seq_dif.pdbx_seq_db_name 
_struct_ref_seq_dif.pdbx_seq_db_accession_code 
_struct_ref_seq_dif.db_mon_id 
_struct_ref_seq_dif.pdbx_seq_db_seq_num 
_struct_ref_seq_dif.details 
_struct_ref_seq_dif.pdbx_auth_seq_num 
_struct_ref_seq_dif.pdbx_ordinal 
1 5AFG GLY A 1  ? UNP Q00987 ?   ?  'expression tag'      12 1 
1 5AFG PRO A 2  ? UNP Q00987 ?   ?  'expression tag'      13 2 
1 5AFG LEU A 3  ? UNP Q00987 ?   ?  'expression tag'      14 3 
1 5AFG GLY A 4  ? UNP Q00987 ?   ?  'expression tag'      15 4 
1 5AFG SER A 5  ? UNP Q00987 ?   ?  'expression tag'      16 5 
1 5AFG ALA A 58 ? UNP Q00987 GLU 69 'engineered mutation' 69 6 
1 5AFG ALA A 59 ? UNP Q00987 LYS 70 'engineered mutation' 70 7 
# 
_pdbx_struct_assembly.id                   1 
_pdbx_struct_assembly.details              author_and_software_defined_assembly 
_pdbx_struct_assembly.method_details       PISA 
_pdbx_struct_assembly.oligomeric_details   dimeric 
_pdbx_struct_assembly.oligomeric_count     2 
# 
loop_
_pdbx_struct_assembly_prop.biol_id 
_pdbx_struct_assembly_prop.type 
_pdbx_struct_assembly_prop.value 
_pdbx_struct_assembly_prop.details 
1 'ABSA (A^2)' 1770  ? 
1 MORE         -15.5 ? 
1 'SSA (A^2)'  5450  ? 
# 
_pdbx_struct_assembly_gen.assembly_id       1 
_pdbx_struct_assembly_gen.oper_expression   1 
_pdbx_struct_assembly_gen.asym_id_list      A,B,C,D,E 
# 
_pdbx_struct_oper_list.id                   1 
_pdbx_struct_oper_list.type                 'identity operation' 
_pdbx_struct_oper_list.name                 1_555 
_pdbx_struct_oper_list.symmetry_operation   x,y,z 
_pdbx_struct_oper_list.matrix[1][1]         1.0000000000 
_pdbx_struct_oper_list.matrix[1][2]         0.0000000000 
_pdbx_struct_oper_list.matrix[1][3]         0.0000000000 
_pdbx_struct_oper_list.vector[1]            0.0000000000 
_pdbx_struct_oper_list.matrix[2][1]         0.0000000000 
_pdbx_struct_oper_list.matrix[2][2]         1.0000000000 
_pdbx_struct_oper_list.matrix[2][3]         0.0000000000 
_pdbx_struct_oper_list.vector[2]            0.0000000000 
_pdbx_struct_oper_list.matrix[3][1]         0.0000000000 
_pdbx_struct_oper_list.matrix[3][2]         0.0000000000 
_pdbx_struct_oper_list.matrix[3][3]         1.0000000000 
_pdbx_struct_oper_list.vector[3]            0.0000000000 
# 
loop_
_struct_conf.conf_type_id 
_struct_conf.id 
_struct_conf.pdbx_PDB_helix_id 
_struct_conf.beg_label_comp_id 
_struct_conf.beg_label_asym_id 
_struct_conf.beg_label_seq_id 
_struct_conf.pdbx_beg_PDB_ins_code 
_struct_conf.end_label_comp_id 
_struct_conf.end_label_asym_id 
_struct_conf.end_label_seq_id 
_struct_conf.pdbx_end_PDB_ins_code 
_struct_conf.beg_auth_comp_id 
_struct_conf.beg_auth_asym_id 
_struct_conf.beg_auth_seq_id 
_struct_conf.end_auth_comp_id 
_struct_conf.end_auth_asym_id 
_struct_conf.end_auth_seq_id 
_struct_conf.pdbx_PDB_helix_class 
_struct_conf.details 
_struct_conf.pdbx_PDB_helix_length 
HELX_P HELX_P1 1 LYS A 20 ? SER A 29 ? LYS A 31 SER A 40  1 ? 10 
HELX_P HELX_P2 2 MET A 39 ? LYS A 53 ? MET A 50 LYS A 64  1 ? 15 
HELX_P HELX_P3 3 ASP A 69 ? GLY A 76 ? ASP A 80 GLY A 87  1 ? 8  
HELX_P HELX_P4 4 GLU A 84 ? ARG A 94 ? GLU A 95 ARG A 105 1 ? 11 
HELX_P HELX_P5 5 THR B 2  ? SER B 12 ? THR B 2  SER B 12  1 ? 11 
# 
_struct_conf_type.id          HELX_P 
_struct_conf_type.criteria    ? 
_struct_conf_type.reference   ? 
# 
loop_
_struct_conn.id 
_struct_conn.conn_type_id 
_struct_conn.pdbx_leaving_atom_flag 
_struct_conn.pdbx_PDB_id 
_struct_conn.ptnr1_label_asym_id 
_struct_conn.ptnr1_label_comp_id 
_struct_conn.ptnr1_label_seq_id 
_struct_conn.ptnr1_label_atom_id 
_struct_conn.pdbx_ptnr1_label_alt_id 
_struct_conn.pdbx_ptnr1_PDB_ins_code 
_struct_conn.pdbx_ptnr1_standard_comp_id 
_struct_conn.ptnr1_symmetry 
_struct_conn.ptnr2_label_asym_id 
_struct_conn.ptnr2_label_comp_id 
_struct_conn.ptnr2_label_seq_id 
_struct_conn.ptnr2_label_atom_id 
_struct_conn.pdbx_ptnr2_label_alt_id 
_struct_conn.pdbx_ptnr2_PDB_ins_code 
_struct_conn.ptnr1_auth_asym_id 
_struct_conn.ptnr1_auth_comp_id 
_struct_conn.ptnr1_auth_seq_id 
_struct_conn.ptnr2_auth_asym_id 
_struct_conn.ptnr2_auth_comp_id 
_struct_conn.ptnr2_auth_seq_id 
_struct_conn.ptnr2_symmetry 
_struct_conn.pdbx_ptnr3_label_atom_id 
_struct_conn.pdbx_ptnr3_label_seq_id 
_struct_conn.pdbx_ptnr3_label_comp_id 
_struct_conn.pdbx_ptnr3_label_asym_id 
_struct_conn.pdbx_ptnr3_label_alt_id 
_struct_conn.pdbx_ptnr3_PDB_ins_code 
_struct_conn.details 
_struct_conn.pdbx_dist_value 
_struct_conn.pdbx_value_order 
_struct_conn.pdbx_role 
covale1 covale both ? B LAY 1  C  ? ? ? 1_555 B THR 2 N   ? ? B LAY 1  B THR 2    1_555 ? ? ? ? ? ? ? 1.363 ? ? 
covale2 covale none ? B ALA 4  CB ? ? ? 1_555 C P07 . CAK ? ? B ALA 4  B P07 1030 1_555 ? ? ? ? ? ? ? 1.464 ? ? 
covale3 covale none ? B ALA 11 CB ? ? ? 1_555 C P07 . CAL ? ? B ALA 11 B P07 1030 1_555 ? ? ? ? ? ? ? 1.514 ? ? 
# 
_struct_conn_type.id          covale 
_struct_conn_type.criteria    ? 
_struct_conn_type.reference   ? 
# 
loop_
_struct_sheet.id 
_struct_sheet.type 
_struct_sheet.number_strands 
_struct_sheet.details 
AA ? 2 ? 
AB ? 2 ? 
# 
loop_
_struct_sheet_order.sheet_id 
_struct_sheet_order.range_id_1 
_struct_sheet_order.range_id_2 
_struct_sheet_order.offset 
_struct_sheet_order.sense 
AA 1 2 ? anti-parallel 
AB 1 2 ? anti-parallel 
# 
loop_
_struct_sheet_range.sheet_id 
_struct_sheet_range.id 
_struct_sheet_range.beg_label_comp_id 
_struct_sheet_range.beg_label_asym_id 
_struct_sheet_range.beg_label_seq_id 
_struct_sheet_range.pdbx_beg_PDB_ins_code 
_struct_sheet_range.end_label_comp_id 
_struct_sheet_range.end_label_asym_id 
_struct_sheet_range.end_label_seq_id 
_struct_sheet_range.pdbx_end_PDB_ins_code 
_struct_sheet_range.beg_auth_comp_id 
_struct_sheet_range.beg_auth_asym_id 
_struct_sheet_range.beg_auth_seq_id 
_struct_sheet_range.end_auth_comp_id 
_struct_sheet_range.end_auth_asym_id 
_struct_sheet_range.end_auth_seq_id 
AA 1 LEU A 16 ? VAL A 17 ? LEU A 27 VAL A 28 
AA 2 TYR A 37 ? THR A 38 ? TYR A 48 THR A 49 
AB 1 ILE A 63 ? TYR A 65 ? ILE A 74 TYR A 76 
AB 2 SER A 79 ? SER A 81 ? SER A 90 SER A 92 
# 
loop_
_pdbx_struct_sheet_hbond.sheet_id 
_pdbx_struct_sheet_hbond.range_id_1 
_pdbx_struct_sheet_hbond.range_id_2 
_pdbx_struct_sheet_hbond.range_1_label_atom_id 
_pdbx_struct_sheet_hbond.range_1_label_comp_id 
_pdbx_struct_sheet_hbond.range_1_label_asym_id 
_pdbx_struct_sheet_hbond.range_1_label_seq_id 
_pdbx_struct_sheet_hbond.range_1_PDB_ins_code 
_pdbx_struct_sheet_hbond.range_1_auth_atom_id 
_pdbx_struct_sheet_hbond.range_1_auth_comp_id 
_pdbx_struct_sheet_hbond.range_1_auth_asym_id 
_pdbx_struct_sheet_hbond.range_1_auth_seq_id 
_pdbx_struct_sheet_hbond.range_2_label_atom_id 
_pdbx_struct_sheet_hbond.range_2_label_comp_id 
_pdbx_struct_sheet_hbond.range_2_label_asym_id 
_pdbx_struct_sheet_hbond.range_2_label_seq_id 
_pdbx_struct_sheet_hbond.range_2_PDB_ins_code 
_pdbx_struct_sheet_hbond.range_2_auth_atom_id 
_pdbx_struct_sheet_hbond.range_2_auth_comp_id 
_pdbx_struct_sheet_hbond.range_2_auth_asym_id 
_pdbx_struct_sheet_hbond.range_2_auth_seq_id 
AA 1 2 N VAL A 17 ? N VAL A 28 O TYR A 37 ? O TYR A 48 
AB 1 2 N VAL A 64 ? N VAL A 75 O PHE A 80 ? O PHE A 91 
# 
_struct_site.id                   AC1 
_struct_site.pdbx_evidence_code   Software 
_struct_site.pdbx_auth_asym_id    B 
_struct_site.pdbx_auth_comp_id    P07 
_struct_site.pdbx_auth_seq_id     1030 
_struct_site.pdbx_auth_ins_code   ? 
_struct_site.pdbx_num_residues    11 
_struct_site.details              'BINDING SITE FOR RESIDUE P07 B 1030' 
# 
loop_
_struct_site_gen.id 
_struct_site_gen.site_id 
_struct_site_gen.pdbx_num_res 
_struct_site_gen.label_comp_id 
_struct_site_gen.label_asym_id 
_struct_site_gen.label_seq_id 
_struct_site_gen.pdbx_auth_ins_code 
_struct_site_gen.auth_comp_id 
_struct_site_gen.auth_asym_id 
_struct_site_gen.auth_seq_id 
_struct_site_gen.label_atom_id 
_struct_site_gen.label_alt_id 
_struct_site_gen.symmetry 
_struct_site_gen.details 
1  AC1 11 PHE A 44 ? PHE A 55   . ? 1_555 ? 
2  AC1 11 MET A 51 ? MET A 62   . ? 1_555 ? 
3  AC1 11 ARG A 86 ? ARG A 97   . ? 6_454 ? 
4  AC1 11 TYR A 89 ? TYR A 100  . ? 6_454 ? 
5  AC1 11 THR A 90 ? THR A 101  . ? 6_454 ? 
6  AC1 11 TYR A 93 ? TYR A 104  . ? 6_454 ? 
7  AC1 11 ALA B 4  ? ALA B 4    . ? 1_555 ? 
8  AC1 11 TRP B 7  ? TRP B 7    . ? 1_555 ? 
9  AC1 11 ALA B 8  ? ALA B 8    . ? 1_555 ? 
10 AC1 11 ALA B 11 ? ALA B 11   . ? 1_555 ? 
11 AC1 11 HOH E .  ? HOH B 2012 . ? 1_555 ? 
# 
_pdbx_validate_rmsd_angle.id                         1 
_pdbx_validate_rmsd_angle.PDB_model_num              1 
_pdbx_validate_rmsd_angle.auth_atom_id_1             O 
_pdbx_validate_rmsd_angle.auth_asym_id_1             B 
_pdbx_validate_rmsd_angle.auth_comp_id_1             LAY 
_pdbx_validate_rmsd_angle.auth_seq_id_1              1 
_pdbx_validate_rmsd_angle.PDB_ins_code_1             ? 
_pdbx_validate_rmsd_angle.label_alt_id_1             ? 
_pdbx_validate_rmsd_angle.auth_atom_id_2             C 
_pdbx_validate_rmsd_angle.auth_asym_id_2             B 
_pdbx_validate_rmsd_angle.auth_comp_id_2             LAY 
_pdbx_validate_rmsd_angle.auth_seq_id_2              1 
_pdbx_validate_rmsd_angle.PDB_ins_code_2             ? 
_pdbx_validate_rmsd_angle.label_alt_id_2             ? 
_pdbx_validate_rmsd_angle.auth_atom_id_3             N 
_pdbx_validate_rmsd_angle.auth_asym_id_3             B 
_pdbx_validate_rmsd_angle.auth_comp_id_3             THR 
_pdbx_validate_rmsd_angle.auth_seq_id_3              2 
_pdbx_validate_rmsd_angle.PDB_ins_code_3             ? 
_pdbx_validate_rmsd_angle.label_alt_id_3             ? 
_pdbx_validate_rmsd_angle.angle_value                134.08 
_pdbx_validate_rmsd_angle.angle_target_value         122.70 
_pdbx_validate_rmsd_angle.angle_deviation            11.38 
_pdbx_validate_rmsd_angle.angle_standard_deviation   1.60 
_pdbx_validate_rmsd_angle.linker_flag                Y 
# 
_pdbx_validate_main_chain_plane.id                       1 
_pdbx_validate_main_chain_plane.PDB_model_num            1 
_pdbx_validate_main_chain_plane.auth_comp_id             LAY 
_pdbx_validate_main_chain_plane.auth_asym_id             B 
_pdbx_validate_main_chain_plane.auth_seq_id              1 
_pdbx_validate_main_chain_plane.PDB_ins_code             ? 
_pdbx_validate_main_chain_plane.label_alt_id             ? 
_pdbx_validate_main_chain_plane.improper_torsion_angle   64.83 
# 
_pdbx_struct_mod_residue.id               1 
_pdbx_struct_mod_residue.label_asym_id    B 
_pdbx_struct_mod_residue.label_comp_id    LAY 
_pdbx_struct_mod_residue.label_seq_id     1 
_pdbx_struct_mod_residue.auth_asym_id     B 
_pdbx_struct_mod_residue.auth_comp_id     LAY 
_pdbx_struct_mod_residue.auth_seq_id      1 
_pdbx_struct_mod_residue.PDB_ins_code     ? 
_pdbx_struct_mod_residue.parent_comp_id   LEU 
_pdbx_struct_mod_residue.details          N-ACETYL-L-LEUCINE 
# 
_pdbx_entry_details.entry_id                 5AFG 
_pdbx_entry_details.compound_details         ? 
_pdbx_entry_details.source_details           ? 
_pdbx_entry_details.nonpolymer_details       
;ACETYL GROUP (ACE): ACETYL GROUP IS COVALENTLY ATTACHED TO
 THE N-TERMINUS OF LYSINE
;
_pdbx_entry_details.sequence_details         ? 
_pdbx_entry_details.has_ligand_of_interest   ? 
# 
loop_
_pdbx_unobs_or_zero_occ_residues.id 
_pdbx_unobs_or_zero_occ_residues.PDB_model_num 
_pdbx_unobs_or_zero_occ_residues.polymer_flag 
_pdbx_unobs_or_zero_occ_residues.occupancy_flag 
_pdbx_unobs_or_zero_occ_residues.auth_asym_id 
_pdbx_unobs_or_zero_occ_residues.auth_comp_id 
_pdbx_unobs_or_zero_occ_residues.auth_seq_id 
_pdbx_unobs_or_zero_occ_residues.PDB_ins_code 
_pdbx_unobs_or_zero_occ_residues.label_asym_id 
_pdbx_unobs_or_zero_occ_residues.label_comp_id 
_pdbx_unobs_or_zero_occ_residues.label_seq_id 
1  1 Y 1 A GLY 12 ? A GLY 1  
2  1 Y 1 A PRO 13 ? A PRO 2  
3  1 Y 1 A LEU 14 ? A LEU 3  
4  1 Y 1 A GLY 15 ? A GLY 4  
5  1 Y 1 A SER 16 ? A SER 5  
6  1 Y 1 A SER 17 ? A SER 6  
7  1 Y 1 A GLN 18 ? A GLN 7  
8  1 Y 1 A ILE 19 ? A ILE 8  
9  1 Y 1 A PRO 20 ? A PRO 9  
10 1 Y 1 A ALA 21 ? A ALA 10 
11 1 Y 1 A SER 22 ? A SER 11 
12 1 Y 1 A GLU 23 ? A GLU 12 
13 1 Y 1 A GLN 24 ? A GLN 13 
14 1 Y 1 A GLU 25 ? A GLU 14 
# 
loop_
_chem_comp_atom.comp_id 
_chem_comp_atom.atom_id 
_chem_comp_atom.type_symbol 
_chem_comp_atom.pdbx_aromatic_flag 
_chem_comp_atom.pdbx_stereo_config 
_chem_comp_atom.pdbx_ordinal 
ALA N    N N N 1   
ALA CA   C N S 2   
ALA C    C N N 3   
ALA O    O N N 4   
ALA CB   C N N 5   
ALA OXT  O N N 6   
ALA H    H N N 7   
ALA H2   H N N 8   
ALA HA   H N N 9   
ALA HB1  H N N 10  
ALA HB2  H N N 11  
ALA HB3  H N N 12  
ALA HXT  H N N 13  
ARG N    N N N 14  
ARG CA   C N S 15  
ARG C    C N N 16  
ARG O    O N N 17  
ARG CB   C N N 18  
ARG CG   C N N 19  
ARG CD   C N N 20  
ARG NE   N N N 21  
ARG CZ   C N N 22  
ARG NH1  N N N 23  
ARG NH2  N N N 24  
ARG OXT  O N N 25  
ARG H    H N N 26  
ARG H2   H N N 27  
ARG HA   H N N 28  
ARG HB2  H N N 29  
ARG HB3  H N N 30  
ARG HG2  H N N 31  
ARG HG3  H N N 32  
ARG HD2  H N N 33  
ARG HD3  H N N 34  
ARG HE   H N N 35  
ARG HH11 H N N 36  
ARG HH12 H N N 37  
ARG HH21 H N N 38  
ARG HH22 H N N 39  
ARG HXT  H N N 40  
ASN N    N N N 41  
ASN CA   C N S 42  
ASN C    C N N 43  
ASN O    O N N 44  
ASN CB   C N N 45  
ASN CG   C N N 46  
ASN OD1  O N N 47  
ASN ND2  N N N 48  
ASN OXT  O N N 49  
ASN H    H N N 50  
ASN H2   H N N 51  
ASN HA   H N N 52  
ASN HB2  H N N 53  
ASN HB3  H N N 54  
ASN HD21 H N N 55  
ASN HD22 H N N 56  
ASN HXT  H N N 57  
ASP N    N N N 58  
ASP CA   C N S 59  
ASP C    C N N 60  
ASP O    O N N 61  
ASP CB   C N N 62  
ASP CG   C N N 63  
ASP OD1  O N N 64  
ASP OD2  O N N 65  
ASP OXT  O N N 66  
ASP H    H N N 67  
ASP H2   H N N 68  
ASP HA   H N N 69  
ASP HB2  H N N 70  
ASP HB3  H N N 71  
ASP HD2  H N N 72  
ASP HXT  H N N 73  
CYS N    N N N 74  
CYS CA   C N R 75  
CYS C    C N N 76  
CYS O    O N N 77  
CYS CB   C N N 78  
CYS SG   S N N 79  
CYS OXT  O N N 80  
CYS H    H N N 81  
CYS H2   H N N 82  
CYS HA   H N N 83  
CYS HB2  H N N 84  
CYS HB3  H N N 85  
CYS HG   H N N 86  
CYS HXT  H N N 87  
GLN N    N N N 88  
GLN CA   C N S 89  
GLN C    C N N 90  
GLN O    O N N 91  
GLN CB   C N N 92  
GLN CG   C N N 93  
GLN CD   C N N 94  
GLN OE1  O N N 95  
GLN NE2  N N N 96  
GLN OXT  O N N 97  
GLN H    H N N 98  
GLN H2   H N N 99  
GLN HA   H N N 100 
GLN HB2  H N N 101 
GLN HB3  H N N 102 
GLN HG2  H N N 103 
GLN HG3  H N N 104 
GLN HE21 H N N 105 
GLN HE22 H N N 106 
GLN HXT  H N N 107 
GLU N    N N N 108 
GLU CA   C N S 109 
GLU C    C N N 110 
GLU O    O N N 111 
GLU CB   C N N 112 
GLU CG   C N N 113 
GLU CD   C N N 114 
GLU OE1  O N N 115 
GLU OE2  O N N 116 
GLU OXT  O N N 117 
GLU H    H N N 118 
GLU H2   H N N 119 
GLU HA   H N N 120 
GLU HB2  H N N 121 
GLU HB3  H N N 122 
GLU HG2  H N N 123 
GLU HG3  H N N 124 
GLU HE2  H N N 125 
GLU HXT  H N N 126 
GLY N    N N N 127 
GLY CA   C N N 128 
GLY C    C N N 129 
GLY O    O N N 130 
GLY OXT  O N N 131 
GLY H    H N N 132 
GLY H2   H N N 133 
GLY HA2  H N N 134 
GLY HA3  H N N 135 
GLY HXT  H N N 136 
HIS N    N N N 137 
HIS CA   C N S 138 
HIS C    C N N 139 
HIS O    O N N 140 
HIS CB   C N N 141 
HIS CG   C Y N 142 
HIS ND1  N Y N 143 
HIS CD2  C Y N 144 
HIS CE1  C Y N 145 
HIS NE2  N Y N 146 
HIS OXT  O N N 147 
HIS H    H N N 148 
HIS H2   H N N 149 
HIS HA   H N N 150 
HIS HB2  H N N 151 
HIS HB3  H N N 152 
HIS HD1  H N N 153 
HIS HD2  H N N 154 
HIS HE1  H N N 155 
HIS HE2  H N N 156 
HIS HXT  H N N 157 
HOH O    O N N 158 
HOH H1   H N N 159 
HOH H2   H N N 160 
ILE N    N N N 161 
ILE CA   C N S 162 
ILE C    C N N 163 
ILE O    O N N 164 
ILE CB   C N S 165 
ILE CG1  C N N 166 
ILE CG2  C N N 167 
ILE CD1  C N N 168 
ILE OXT  O N N 169 
ILE H    H N N 170 
ILE H2   H N N 171 
ILE HA   H N N 172 
ILE HB   H N N 173 
ILE HG12 H N N 174 
ILE HG13 H N N 175 
ILE HG21 H N N 176 
ILE HG22 H N N 177 
ILE HG23 H N N 178 
ILE HD11 H N N 179 
ILE HD12 H N N 180 
ILE HD13 H N N 181 
ILE HXT  H N N 182 
LAY CN   C N N 183 
LAY O    O N N 184 
LAY CH3  C N N 185 
LAY N    N N N 186 
LAY CA   C N S 187 
LAY C    C N N 188 
LAY ON   O N N 189 
LAY CB   C N N 190 
LAY CG   C N N 191 
LAY CD1  C N N 192 
LAY CD2  C N N 193 
LAY OXT  O N N 194 
LAY HH31 H N N 195 
LAY HH32 H N N 196 
LAY HH33 H N N 197 
LAY H    H N N 198 
LAY HA   H N N 199 
LAY HB1C H N N 200 
LAY HB2C H N N 201 
LAY HXT  H N N 202 
LAY HG   H N N 203 
LAY HD11 H N N 204 
LAY HD12 H N N 205 
LAY HD13 H N N 206 
LAY HD21 H N N 207 
LAY HD22 H N N 208 
LAY HD23 H N N 209 
LEU N    N N N 210 
LEU CA   C N S 211 
LEU C    C N N 212 
LEU O    O N N 213 
LEU CB   C N N 214 
LEU CG   C N N 215 
LEU CD1  C N N 216 
LEU CD2  C N N 217 
LEU OXT  O N N 218 
LEU H    H N N 219 
LEU H2   H N N 220 
LEU HA   H N N 221 
LEU HB2  H N N 222 
LEU HB3  H N N 223 
LEU HG   H N N 224 
LEU HD11 H N N 225 
LEU HD12 H N N 226 
LEU HD13 H N N 227 
LEU HD21 H N N 228 
LEU HD22 H N N 229 
LEU HD23 H N N 230 
LEU HXT  H N N 231 
LYS N    N N N 232 
LYS CA   C N S 233 
LYS C    C N N 234 
LYS O    O N N 235 
LYS CB   C N N 236 
LYS CG   C N N 237 
LYS CD   C N N 238 
LYS CE   C N N 239 
LYS NZ   N N N 240 
LYS OXT  O N N 241 
LYS H    H N N 242 
LYS H2   H N N 243 
LYS HA   H N N 244 
LYS HB2  H N N 245 
LYS HB3  H N N 246 
LYS HG2  H N N 247 
LYS HG3  H N N 248 
LYS HD2  H N N 249 
LYS HD3  H N N 250 
LYS HE2  H N N 251 
LYS HE3  H N N 252 
LYS HZ1  H N N 253 
LYS HZ2  H N N 254 
LYS HZ3  H N N 255 
LYS HXT  H N N 256 
MET N    N N N 257 
MET CA   C N S 258 
MET C    C N N 259 
MET O    O N N 260 
MET CB   C N N 261 
MET CG   C N N 262 
MET SD   S N N 263 
MET CE   C N N 264 
MET OXT  O N N 265 
MET H    H N N 266 
MET H2   H N N 267 
MET HA   H N N 268 
MET HB2  H N N 269 
MET HB3  H N N 270 
MET HG2  H N N 271 
MET HG3  H N N 272 
MET HE1  H N N 273 
MET HE2  H N N 274 
MET HE3  H N N 275 
MET HXT  H N N 276 
P07 CAK  C N N 277 
P07 CAM  C N N 278 
P07 NBA  N Y N 279 
P07 NAQ  N Y N 280 
P07 NAP  N Y N 281 
P07 CAX  C Y N 282 
P07 CAY  C Y N 283 
P07 CAU  C Y N 284 
P07 CAI  C Y N 285 
P07 CAE  C Y N 286 
P07 CAC  C Y N 287 
P07 CAG  C Y N 288 
P07 CAS  C Y N 289 
P07 CAW  C Y N 290 
P07 NAO  N Y N 291 
P07 NAR  N Y N 292 
P07 NBB  N Y N 293 
P07 CAN  C N N 294 
P07 CAL  C N N 295 
P07 CAZ  C Y N 296 
P07 CAV  C Y N 297 
P07 CAT  C Y N 298 
P07 CAH  C Y N 299 
P07 CAD  C Y N 300 
P07 CAF  C Y N 301 
P07 CAJ  C Y N 302 
P07 HAK1 H N N 303 
P07 HAK2 H N N 304 
P07 HAK3 H N N 305 
P07 HAM1 H N N 306 
P07 HAM2 H N N 307 
P07 HAI  H N N 308 
P07 HAE  H N N 309 
P07 HAC  H N N 310 
P07 HAG  H N N 311 
P07 HAN1 H N N 312 
P07 HAN2 H N N 313 
P07 HAL1 H N N 314 
P07 HAL2 H N N 315 
P07 HAL3 H N N 316 
P07 HAJ  H N N 317 
P07 HAH  H N N 318 
P07 HAD  H N N 319 
P07 HAF  H N N 320 
PHE N    N N N 321 
PHE CA   C N S 322 
PHE C    C N N 323 
PHE O    O N N 324 
PHE CB   C N N 325 
PHE CG   C Y N 326 
PHE CD1  C Y N 327 
PHE CD2  C Y N 328 
PHE CE1  C Y N 329 
PHE CE2  C Y N 330 
PHE CZ   C Y N 331 
PHE OXT  O N N 332 
PHE H    H N N 333 
PHE H2   H N N 334 
PHE HA   H N N 335 
PHE HB2  H N N 336 
PHE HB3  H N N 337 
PHE HD1  H N N 338 
PHE HD2  H N N 339 
PHE HE1  H N N 340 
PHE HE2  H N N 341 
PHE HZ   H N N 342 
PHE HXT  H N N 343 
PRO N    N N N 344 
PRO CA   C N S 345 
PRO C    C N N 346 
PRO O    O N N 347 
PRO CB   C N N 348 
PRO CG   C N N 349 
PRO CD   C N N 350 
PRO OXT  O N N 351 
PRO H    H N N 352 
PRO HA   H N N 353 
PRO HB2  H N N 354 
PRO HB3  H N N 355 
PRO HG2  H N N 356 
PRO HG3  H N N 357 
PRO HD2  H N N 358 
PRO HD3  H N N 359 
PRO HXT  H N N 360 
SER N    N N N 361 
SER CA   C N S 362 
SER C    C N N 363 
SER O    O N N 364 
SER CB   C N N 365 
SER OG   O N N 366 
SER OXT  O N N 367 
SER H    H N N 368 
SER H2   H N N 369 
SER HA   H N N 370 
SER HB2  H N N 371 
SER HB3  H N N 372 
SER HG   H N N 373 
SER HXT  H N N 374 
THR N    N N N 375 
THR CA   C N S 376 
THR C    C N N 377 
THR O    O N N 378 
THR CB   C N R 379 
THR OG1  O N N 380 
THR CG2  C N N 381 
THR OXT  O N N 382 
THR H    H N N 383 
THR H2   H N N 384 
THR HA   H N N 385 
THR HB   H N N 386 
THR HG1  H N N 387 
THR HG21 H N N 388 
THR HG22 H N N 389 
THR HG23 H N N 390 
THR HXT  H N N 391 
TRP N    N N N 392 
TRP CA   C N S 393 
TRP C    C N N 394 
TRP O    O N N 395 
TRP CB   C N N 396 
TRP CG   C Y N 397 
TRP CD1  C Y N 398 
TRP CD2  C Y N 399 
TRP NE1  N Y N 400 
TRP CE2  C Y N 401 
TRP CE3  C Y N 402 
TRP CZ2  C Y N 403 
TRP CZ3  C Y N 404 
TRP CH2  C Y N 405 
TRP OXT  O N N 406 
TRP H    H N N 407 
TRP H2   H N N 408 
TRP HA   H N N 409 
TRP HB2  H N N 410 
TRP HB3  H N N 411 
TRP HD1  H N N 412 
TRP HE1  H N N 413 
TRP HE3  H N N 414 
TRP HZ2  H N N 415 
TRP HZ3  H N N 416 
TRP HH2  H N N 417 
TRP HXT  H N N 418 
TYR N    N N N 419 
TYR CA   C N S 420 
TYR C    C N N 421 
TYR O    O N N 422 
TYR CB   C N N 423 
TYR CG   C Y N 424 
TYR CD1  C Y N 425 
TYR CD2  C Y N 426 
TYR CE1  C Y N 427 
TYR CE2  C Y N 428 
TYR CZ   C Y N 429 
TYR OH   O N N 430 
TYR OXT  O N N 431 
TYR H    H N N 432 
TYR H2   H N N 433 
TYR HA   H N N 434 
TYR HB2  H N N 435 
TYR HB3  H N N 436 
TYR HD1  H N N 437 
TYR HD2  H N N 438 
TYR HE1  H N N 439 
TYR HE2  H N N 440 
TYR HH   H N N 441 
TYR HXT  H N N 442 
VAL N    N N N 443 
VAL CA   C N S 444 
VAL C    C N N 445 
VAL O    O N N 446 
VAL CB   C N N 447 
VAL CG1  C N N 448 
VAL CG2  C N N 449 
VAL OXT  O N N 450 
VAL H    H N N 451 
VAL H2   H N N 452 
VAL HA   H N N 453 
VAL HB   H N N 454 
VAL HG11 H N N 455 
VAL HG12 H N N 456 
VAL HG13 H N N 457 
VAL HG21 H N N 458 
VAL HG22 H N N 459 
VAL HG23 H N N 460 
VAL HXT  H N N 461 
# 
loop_
_chem_comp_bond.comp_id 
_chem_comp_bond.atom_id_1 
_chem_comp_bond.atom_id_2 
_chem_comp_bond.value_order 
_chem_comp_bond.pdbx_aromatic_flag 
_chem_comp_bond.pdbx_stereo_config 
_chem_comp_bond.pdbx_ordinal 
ALA N   CA   sing N N 1   
ALA N   H    sing N N 2   
ALA N   H2   sing N N 3   
ALA CA  C    sing N N 4   
ALA CA  CB   sing N N 5   
ALA CA  HA   sing N N 6   
ALA C   O    doub N N 7   
ALA C   OXT  sing N N 8   
ALA CB  HB1  sing N N 9   
ALA CB  HB2  sing N N 10  
ALA CB  HB3  sing N N 11  
ALA OXT HXT  sing N N 12  
ARG N   CA   sing N N 13  
ARG N   H    sing N N 14  
ARG N   H2   sing N N 15  
ARG CA  C    sing N N 16  
ARG CA  CB   sing N N 17  
ARG CA  HA   sing N N 18  
ARG C   O    doub N N 19  
ARG C   OXT  sing N N 20  
ARG CB  CG   sing N N 21  
ARG CB  HB2  sing N N 22  
ARG CB  HB3  sing N N 23  
ARG CG  CD   sing N N 24  
ARG CG  HG2  sing N N 25  
ARG CG  HG3  sing N N 26  
ARG CD  NE   sing N N 27  
ARG CD  HD2  sing N N 28  
ARG CD  HD3  sing N N 29  
ARG NE  CZ   sing N N 30  
ARG NE  HE   sing N N 31  
ARG CZ  NH1  sing N N 32  
ARG CZ  NH2  doub N N 33  
ARG NH1 HH11 sing N N 34  
ARG NH1 HH12 sing N N 35  
ARG NH2 HH21 sing N N 36  
ARG NH2 HH22 sing N N 37  
ARG OXT HXT  sing N N 38  
ASN N   CA   sing N N 39  
ASN N   H    sing N N 40  
ASN N   H2   sing N N 41  
ASN CA  C    sing N N 42  
ASN CA  CB   sing N N 43  
ASN CA  HA   sing N N 44  
ASN C   O    doub N N 45  
ASN C   OXT  sing N N 46  
ASN CB  CG   sing N N 47  
ASN CB  HB2  sing N N 48  
ASN CB  HB3  sing N N 49  
ASN CG  OD1  doub N N 50  
ASN CG  ND2  sing N N 51  
ASN ND2 HD21 sing N N 52  
ASN ND2 HD22 sing N N 53  
ASN OXT HXT  sing N N 54  
ASP N   CA   sing N N 55  
ASP N   H    sing N N 56  
ASP N   H2   sing N N 57  
ASP CA  C    sing N N 58  
ASP CA  CB   sing N N 59  
ASP CA  HA   sing N N 60  
ASP C   O    doub N N 61  
ASP C   OXT  sing N N 62  
ASP CB  CG   sing N N 63  
ASP CB  HB2  sing N N 64  
ASP CB  HB3  sing N N 65  
ASP CG  OD1  doub N N 66  
ASP CG  OD2  sing N N 67  
ASP OD2 HD2  sing N N 68  
ASP OXT HXT  sing N N 69  
CYS N   CA   sing N N 70  
CYS N   H    sing N N 71  
CYS N   H2   sing N N 72  
CYS CA  C    sing N N 73  
CYS CA  CB   sing N N 74  
CYS CA  HA   sing N N 75  
CYS C   O    doub N N 76  
CYS C   OXT  sing N N 77  
CYS CB  SG   sing N N 78  
CYS CB  HB2  sing N N 79  
CYS CB  HB3  sing N N 80  
CYS SG  HG   sing N N 81  
CYS OXT HXT  sing N N 82  
GLN N   CA   sing N N 83  
GLN N   H    sing N N 84  
GLN N   H2   sing N N 85  
GLN CA  C    sing N N 86  
GLN CA  CB   sing N N 87  
GLN CA  HA   sing N N 88  
GLN C   O    doub N N 89  
GLN C   OXT  sing N N 90  
GLN CB  CG   sing N N 91  
GLN CB  HB2  sing N N 92  
GLN CB  HB3  sing N N 93  
GLN CG  CD   sing N N 94  
GLN CG  HG2  sing N N 95  
GLN CG  HG3  sing N N 96  
GLN CD  OE1  doub N N 97  
GLN CD  NE2  sing N N 98  
GLN NE2 HE21 sing N N 99  
GLN NE2 HE22 sing N N 100 
GLN OXT HXT  sing N N 101 
GLU N   CA   sing N N 102 
GLU N   H    sing N N 103 
GLU N   H2   sing N N 104 
GLU CA  C    sing N N 105 
GLU CA  CB   sing N N 106 
GLU CA  HA   sing N N 107 
GLU C   O    doub N N 108 
GLU C   OXT  sing N N 109 
GLU CB  CG   sing N N 110 
GLU CB  HB2  sing N N 111 
GLU CB  HB3  sing N N 112 
GLU CG  CD   sing N N 113 
GLU CG  HG2  sing N N 114 
GLU CG  HG3  sing N N 115 
GLU CD  OE1  doub N N 116 
GLU CD  OE2  sing N N 117 
GLU OE2 HE2  sing N N 118 
GLU OXT HXT  sing N N 119 
GLY N   CA   sing N N 120 
GLY N   H    sing N N 121 
GLY N   H2   sing N N 122 
GLY CA  C    sing N N 123 
GLY CA  HA2  sing N N 124 
GLY CA  HA3  sing N N 125 
GLY C   O    doub N N 126 
GLY C   OXT  sing N N 127 
GLY OXT HXT  sing N N 128 
HIS N   CA   sing N N 129 
HIS N   H    sing N N 130 
HIS N   H2   sing N N 131 
HIS CA  C    sing N N 132 
HIS CA  CB   sing N N 133 
HIS CA  HA   sing N N 134 
HIS C   O    doub N N 135 
HIS C   OXT  sing N N 136 
HIS CB  CG   sing N N 137 
HIS CB  HB2  sing N N 138 
HIS CB  HB3  sing N N 139 
HIS CG  ND1  sing Y N 140 
HIS CG  CD2  doub Y N 141 
HIS ND1 CE1  doub Y N 142 
HIS ND1 HD1  sing N N 143 
HIS CD2 NE2  sing Y N 144 
HIS CD2 HD2  sing N N 145 
HIS CE1 NE2  sing Y N 146 
HIS CE1 HE1  sing N N 147 
HIS NE2 HE2  sing N N 148 
HIS OXT HXT  sing N N 149 
HOH O   H1   sing N N 150 
HOH O   H2   sing N N 151 
ILE N   CA   sing N N 152 
ILE N   H    sing N N 153 
ILE N   H2   sing N N 154 
ILE CA  C    sing N N 155 
ILE CA  CB   sing N N 156 
ILE CA  HA   sing N N 157 
ILE C   O    doub N N 158 
ILE C   OXT  sing N N 159 
ILE CB  CG1  sing N N 160 
ILE CB  CG2  sing N N 161 
ILE CB  HB   sing N N 162 
ILE CG1 CD1  sing N N 163 
ILE CG1 HG12 sing N N 164 
ILE CG1 HG13 sing N N 165 
ILE CG2 HG21 sing N N 166 
ILE CG2 HG22 sing N N 167 
ILE CG2 HG23 sing N N 168 
ILE CD1 HD11 sing N N 169 
ILE CD1 HD12 sing N N 170 
ILE CD1 HD13 sing N N 171 
ILE OXT HXT  sing N N 172 
LAY CN  O    doub N N 173 
LAY CN  CH3  sing N N 174 
LAY CN  N    sing N N 175 
LAY N   CA   sing N N 176 
LAY CA  C    sing N N 177 
LAY CA  CB   sing N N 178 
LAY C   ON   doub N N 179 
LAY C   OXT  sing N N 180 
LAY CB  CG   sing N N 181 
LAY CG  CD1  sing N N 182 
LAY CG  CD2  sing N N 183 
LAY CH3 HH31 sing N N 184 
LAY CH3 HH32 sing N N 185 
LAY CH3 HH33 sing N N 186 
LAY N   H    sing N N 187 
LAY CA  HA   sing N N 188 
LAY CB  HB1C sing N N 189 
LAY CB  HB2C sing N N 190 
LAY OXT HXT  sing N N 191 
LAY CG  HG   sing N N 192 
LAY CD1 HD11 sing N N 193 
LAY CD1 HD12 sing N N 194 
LAY CD1 HD13 sing N N 195 
LAY CD2 HD21 sing N N 196 
LAY CD2 HD22 sing N N 197 
LAY CD2 HD23 sing N N 198 
LEU N   CA   sing N N 199 
LEU N   H    sing N N 200 
LEU N   H2   sing N N 201 
LEU CA  C    sing N N 202 
LEU CA  CB   sing N N 203 
LEU CA  HA   sing N N 204 
LEU C   O    doub N N 205 
LEU C   OXT  sing N N 206 
LEU CB  CG   sing N N 207 
LEU CB  HB2  sing N N 208 
LEU CB  HB3  sing N N 209 
LEU CG  CD1  sing N N 210 
LEU CG  CD2  sing N N 211 
LEU CG  HG   sing N N 212 
LEU CD1 HD11 sing N N 213 
LEU CD1 HD12 sing N N 214 
LEU CD1 HD13 sing N N 215 
LEU CD2 HD21 sing N N 216 
LEU CD2 HD22 sing N N 217 
LEU CD2 HD23 sing N N 218 
LEU OXT HXT  sing N N 219 
LYS N   CA   sing N N 220 
LYS N   H    sing N N 221 
LYS N   H2   sing N N 222 
LYS CA  C    sing N N 223 
LYS CA  CB   sing N N 224 
LYS CA  HA   sing N N 225 
LYS C   O    doub N N 226 
LYS C   OXT  sing N N 227 
LYS CB  CG   sing N N 228 
LYS CB  HB2  sing N N 229 
LYS CB  HB3  sing N N 230 
LYS CG  CD   sing N N 231 
LYS CG  HG2  sing N N 232 
LYS CG  HG3  sing N N 233 
LYS CD  CE   sing N N 234 
LYS CD  HD2  sing N N 235 
LYS CD  HD3  sing N N 236 
LYS CE  NZ   sing N N 237 
LYS CE  HE2  sing N N 238 
LYS CE  HE3  sing N N 239 
LYS NZ  HZ1  sing N N 240 
LYS NZ  HZ2  sing N N 241 
LYS NZ  HZ3  sing N N 242 
LYS OXT HXT  sing N N 243 
MET N   CA   sing N N 244 
MET N   H    sing N N 245 
MET N   H2   sing N N 246 
MET CA  C    sing N N 247 
MET CA  CB   sing N N 248 
MET CA  HA   sing N N 249 
MET C   O    doub N N 250 
MET C   OXT  sing N N 251 
MET CB  CG   sing N N 252 
MET CB  HB2  sing N N 253 
MET CB  HB3  sing N N 254 
MET CG  SD   sing N N 255 
MET CG  HG2  sing N N 256 
MET CG  HG3  sing N N 257 
MET SD  CE   sing N N 258 
MET CE  HE1  sing N N 259 
MET CE  HE2  sing N N 260 
MET CE  HE3  sing N N 261 
MET OXT HXT  sing N N 262 
P07 CAK CAM  sing N N 263 
P07 CAM NBA  sing N N 264 
P07 NBA NAQ  sing Y N 265 
P07 NBA CAY  sing Y N 266 
P07 NAQ NAP  doub Y N 267 
P07 NAP CAX  sing Y N 268 
P07 CAX CAY  doub Y N 269 
P07 CAX CAT  sing N N 270 
P07 CAY CAU  sing N N 271 
P07 CAU CAI  sing Y N 272 
P07 CAU CAS  doub Y N 273 
P07 CAI CAE  doub Y N 274 
P07 CAE CAC  sing Y N 275 
P07 CAC CAG  doub Y N 276 
P07 CAG CAS  sing Y N 277 
P07 CAS CAW  sing N N 278 
P07 CAW NAO  sing Y N 279 
P07 CAW CAZ  doub Y N 280 
P07 NAO NAR  doub Y N 281 
P07 NAR NBB  sing Y N 282 
P07 NBB CAN  sing N N 283 
P07 NBB CAZ  sing Y N 284 
P07 CAN CAL  sing N N 285 
P07 CAZ CAV  sing N N 286 
P07 CAV CAT  sing Y N 287 
P07 CAV CAJ  doub Y N 288 
P07 CAT CAH  doub Y N 289 
P07 CAH CAD  sing Y N 290 
P07 CAD CAF  doub Y N 291 
P07 CAF CAJ  sing Y N 292 
P07 CAK HAK1 sing N N 293 
P07 CAK HAK2 sing N N 294 
P07 CAK HAK3 sing N N 295 
P07 CAM HAM1 sing N N 296 
P07 CAM HAM2 sing N N 297 
P07 CAI HAI  sing N N 298 
P07 CAE HAE  sing N N 299 
P07 CAC HAC  sing N N 300 
P07 CAG HAG  sing N N 301 
P07 CAN HAN1 sing N N 302 
P07 CAN HAN2 sing N N 303 
P07 CAL HAL1 sing N N 304 
P07 CAL HAL2 sing N N 305 
P07 CAL HAL3 sing N N 306 
P07 CAJ HAJ  sing N N 307 
P07 CAH HAH  sing N N 308 
P07 CAD HAD  sing N N 309 
P07 CAF HAF  sing N N 310 
PHE N   CA   sing N N 311 
PHE N   H    sing N N 312 
PHE N   H2   sing N N 313 
PHE CA  C    sing N N 314 
PHE CA  CB   sing N N 315 
PHE CA  HA   sing N N 316 
PHE C   O    doub N N 317 
PHE C   OXT  sing N N 318 
PHE CB  CG   sing N N 319 
PHE CB  HB2  sing N N 320 
PHE CB  HB3  sing N N 321 
PHE CG  CD1  doub Y N 322 
PHE CG  CD2  sing Y N 323 
PHE CD1 CE1  sing Y N 324 
PHE CD1 HD1  sing N N 325 
PHE CD2 CE2  doub Y N 326 
PHE CD2 HD2  sing N N 327 
PHE CE1 CZ   doub Y N 328 
PHE CE1 HE1  sing N N 329 
PHE CE2 CZ   sing Y N 330 
PHE CE2 HE2  sing N N 331 
PHE CZ  HZ   sing N N 332 
PHE OXT HXT  sing N N 333 
PRO N   CA   sing N N 334 
PRO N   CD   sing N N 335 
PRO N   H    sing N N 336 
PRO CA  C    sing N N 337 
PRO CA  CB   sing N N 338 
PRO CA  HA   sing N N 339 
PRO C   O    doub N N 340 
PRO C   OXT  sing N N 341 
PRO CB  CG   sing N N 342 
PRO CB  HB2  sing N N 343 
PRO CB  HB3  sing N N 344 
PRO CG  CD   sing N N 345 
PRO CG  HG2  sing N N 346 
PRO CG  HG3  sing N N 347 
PRO CD  HD2  sing N N 348 
PRO CD  HD3  sing N N 349 
PRO OXT HXT  sing N N 350 
SER N   CA   sing N N 351 
SER N   H    sing N N 352 
SER N   H2   sing N N 353 
SER CA  C    sing N N 354 
SER CA  CB   sing N N 355 
SER CA  HA   sing N N 356 
SER C   O    doub N N 357 
SER C   OXT  sing N N 358 
SER CB  OG   sing N N 359 
SER CB  HB2  sing N N 360 
SER CB  HB3  sing N N 361 
SER OG  HG   sing N N 362 
SER OXT HXT  sing N N 363 
THR N   CA   sing N N 364 
THR N   H    sing N N 365 
THR N   H2   sing N N 366 
THR CA  C    sing N N 367 
THR CA  CB   sing N N 368 
THR CA  HA   sing N N 369 
THR C   O    doub N N 370 
THR C   OXT  sing N N 371 
THR CB  OG1  sing N N 372 
THR CB  CG2  sing N N 373 
THR CB  HB   sing N N 374 
THR OG1 HG1  sing N N 375 
THR CG2 HG21 sing N N 376 
THR CG2 HG22 sing N N 377 
THR CG2 HG23 sing N N 378 
THR OXT HXT  sing N N 379 
TRP N   CA   sing N N 380 
TRP N   H    sing N N 381 
TRP N   H2   sing N N 382 
TRP CA  C    sing N N 383 
TRP CA  CB   sing N N 384 
TRP CA  HA   sing N N 385 
TRP C   O    doub N N 386 
TRP C   OXT  sing N N 387 
TRP CB  CG   sing N N 388 
TRP CB  HB2  sing N N 389 
TRP CB  HB3  sing N N 390 
TRP CG  CD1  doub Y N 391 
TRP CG  CD2  sing Y N 392 
TRP CD1 NE1  sing Y N 393 
TRP CD1 HD1  sing N N 394 
TRP CD2 CE2  doub Y N 395 
TRP CD2 CE3  sing Y N 396 
TRP NE1 CE2  sing Y N 397 
TRP NE1 HE1  sing N N 398 
TRP CE2 CZ2  sing Y N 399 
TRP CE3 CZ3  doub Y N 400 
TRP CE3 HE3  sing N N 401 
TRP CZ2 CH2  doub Y N 402 
TRP CZ2 HZ2  sing N N 403 
TRP CZ3 CH2  sing Y N 404 
TRP CZ3 HZ3  sing N N 405 
TRP CH2 HH2  sing N N 406 
TRP OXT HXT  sing N N 407 
TYR N   CA   sing N N 408 
TYR N   H    sing N N 409 
TYR N   H2   sing N N 410 
TYR CA  C    sing N N 411 
TYR CA  CB   sing N N 412 
TYR CA  HA   sing N N 413 
TYR C   O    doub N N 414 
TYR C   OXT  sing N N 415 
TYR CB  CG   sing N N 416 
TYR CB  HB2  sing N N 417 
TYR CB  HB3  sing N N 418 
TYR CG  CD1  doub Y N 419 
TYR CG  CD2  sing Y N 420 
TYR CD1 CE1  sing Y N 421 
TYR CD1 HD1  sing N N 422 
TYR CD2 CE2  doub Y N 423 
TYR CD2 HD2  sing N N 424 
TYR CE1 CZ   doub Y N 425 
TYR CE1 HE1  sing N N 426 
TYR CE2 CZ   sing Y N 427 
TYR CE2 HE2  sing N N 428 
TYR CZ  OH   sing N N 429 
TYR OH  HH   sing N N 430 
TYR OXT HXT  sing N N 431 
VAL N   CA   sing N N 432 
VAL N   H    sing N N 433 
VAL N   H2   sing N N 434 
VAL CA  C    sing N N 435 
VAL CA  CB   sing N N 436 
VAL CA  HA   sing N N 437 
VAL C   O    doub N N 438 
VAL C   OXT  sing N N 439 
VAL CB  CG1  sing N N 440 
VAL CB  CG2  sing N N 441 
VAL CB  HB   sing N N 442 
VAL CG1 HG11 sing N N 443 
VAL CG1 HG12 sing N N 444 
VAL CG1 HG13 sing N N 445 
VAL CG2 HG21 sing N N 446 
VAL CG2 HG22 sing N N 447 
VAL CG2 HG23 sing N N 448 
VAL OXT HXT  sing N N 449 
# 
_pdbx_initial_refinement_model.id               1 
_pdbx_initial_refinement_model.entity_id_list   ? 
_pdbx_initial_refinement_model.type             'experimental model' 
_pdbx_initial_refinement_model.source_name      PDB 
_pdbx_initial_refinement_model.accession_code   4HG7 
_pdbx_initial_refinement_model.details          'PDB ENTRY 4HG7' 
# 
_atom_sites.entry_id                    5AFG 
_atom_sites.fract_transf_matrix[1][1]   0.00008866 
_atom_sites.fract_transf_matrix[1][2]   -0.02687985 
_atom_sites.fract_transf_matrix[1][3]   -0.00387592 
_atom_sites.fract_transf_matrix[2][1]   -0.02491146 
_atom_sites.fract_transf_matrix[2][2]   -0.00162402 
_atom_sites.fract_transf_matrix[2][3]   0.01069292 
_atom_sites.fract_transf_matrix[3][1]   -0.00224443 
_atom_sites.fract_transf_matrix[3][2]   0.00073057 
_atom_sites.fract_transf_matrix[3][3]   -0.00511794 
_atom_sites.fract_transf_vector[1]      0.189586 
_atom_sites.fract_transf_vector[2]      0.148026 
_atom_sites.fract_transf_vector[3]      -0.084040 
# 
loop_
_atom_type.symbol 
C 
N 
O 
S 
# 
loop_
_atom_site.group_PDB 
_atom_site.id 
_atom_site.type_symbol 
_atom_site.label_atom_id 
_atom_site.label_alt_id 
_atom_site.label_comp_id 
_atom_site.label_asym_id 
_atom_site.label_entity_id 
_atom_site.label_seq_id 
_atom_site.pdbx_PDB_ins_code 
_atom_site.Cartn_x 
_atom_site.Cartn_y 
_atom_site.Cartn_z 
_atom_site.occupancy 
_atom_site.B_iso_or_equiv 
_atom_site.pdbx_formal_charge 
_atom_site.auth_seq_id 
_atom_site.auth_comp_id 
_atom_site.auth_asym_id 
_atom_site.auth_atom_id 
_atom_site.pdbx_PDB_model_num 
ATOM   1   N N   . THR A 1 15 ? 9.284   -10.006 12.984  1.00 59.01 ? 26   THR A N   1 
ATOM   2   C CA  . THR A 1 15 ? 9.521   -8.563  13.302  1.00 48.45 ? 26   THR A CA  1 
ATOM   3   C C   . THR A 1 15 ? 9.673   -7.757  11.962  1.00 43.80 ? 26   THR A C   1 
ATOM   4   O O   . THR A 1 15 ? 8.692   -7.174  11.555  1.00 30.32 ? 26   THR A O   1 
ATOM   5   C CB  . THR A 1 15 ? 10.701  -8.324  14.314  1.00 48.96 ? 26   THR A CB  1 
ATOM   6   O OG1 . THR A 1 15 ? 11.749  -9.268  14.067  1.00 46.28 ? 26   THR A OG1 1 
ATOM   7   C CG2 . THR A 1 15 ? 10.257  -8.425  15.815  1.00 45.42 ? 26   THR A CG2 1 
ATOM   8   N N   . LEU A 1 16 ? 10.827  -7.791  11.268  1.00 38.69 ? 27   LEU A N   1 
ATOM   9   C CA  . LEU A 1 16 ? 11.251  -6.683  10.343  1.00 38.31 ? 27   LEU A CA  1 
ATOM   10  C C   . LEU A 1 16 ? 11.498  -6.999  8.863   1.00 38.00 ? 27   LEU A C   1 
ATOM   11  O O   . LEU A 1 16 ? 12.009  -8.064  8.548   1.00 43.13 ? 27   LEU A O   1 
ATOM   12  C CB  . LEU A 1 16 ? 12.539  -6.046  10.859  1.00 38.95 ? 27   LEU A CB  1 
ATOM   13  C CG  . LEU A 1 16 ? 12.499  -4.756  11.703  1.00 42.46 ? 27   LEU A CG  1 
ATOM   14  C CD1 . LEU A 1 16 ? 11.226  -4.542  12.503  1.00 40.52 ? 27   LEU A CD1 1 
ATOM   15  C CD2 . LEU A 1 16 ? 13.696  -4.754  12.626  1.00 43.08 ? 27   LEU A CD2 1 
ATOM   16  N N   . VAL A 1 17 ? 11.187  -6.031  7.974   1.00 29.20 ? 28   VAL A N   1 
ATOM   17  C CA  . VAL A 1 17 ? 11.393  -6.160  6.547   1.00 22.56 ? 28   VAL A CA  1 
ATOM   18  C C   . VAL A 1 17 ? 12.145  -4.974  5.921   1.00 22.03 ? 28   VAL A C   1 
ATOM   19  O O   . VAL A 1 17 ? 12.146  -3.887  6.473   1.00 22.44 ? 28   VAL A O   1 
ATOM   20  C CB  . VAL A 1 17 ? 10.047  -6.400  5.817   1.00 23.15 ? 28   VAL A CB  1 
ATOM   21  C CG1 . VAL A 1 17 ? 9.453   -7.721  6.330   1.00 23.76 ? 28   VAL A CG1 1 
ATOM   22  C CG2 . VAL A 1 17 ? 9.083   -5.245  5.985   1.00 23.39 ? 28   VAL A CG2 1 
ATOM   23  N N   . ARG A 1 18 ? 12.811  -5.254  4.831   1.00 19.59 ? 29   ARG A N   1 
ATOM   24  C CA  . ARG A 1 18 ? 13.643  -4.303  4.101   1.00 22.32 ? 29   ARG A CA  1 
ATOM   25  C C   . ARG A 1 18 ? 13.106  -4.052  2.706   1.00 21.30 ? 29   ARG A C   1 
ATOM   26  O O   . ARG A 1 18 ? 13.343  -4.835  1.722   1.00 21.10 ? 29   ARG A O   1 
ATOM   27  C CB  . ARG A 1 18 ? 15.118  -4.795  4.069   1.00 24.15 ? 29   ARG A CB  1 
ATOM   28  C CG  . ARG A 1 18 ? 16.103  -3.861  3.353   1.00 27.95 ? 29   ARG A CG  1 
ATOM   29  C CD  . ARG A 1 18 ? 17.584  -4.360  3.485   1.00 29.75 ? 29   ARG A CD  1 
ATOM   30  N NE  . ARG A 1 18 ? 17.987  -4.524  4.871   1.00 30.07 ? 29   ARG A NE  1 
ATOM   31  C CZ  . ARG A 1 18 ? 18.534  -3.564  5.629   1.00 35.96 ? 29   ARG A CZ  1 
ATOM   32  N NH1 . ARG A 1 18 ? 18.789  -2.335  5.165   1.00 33.21 ? 29   ARG A NH1 1 
ATOM   33  N NH2 . ARG A 1 18 ? 18.840  -3.840  6.872   1.00 39.34 ? 29   ARG A NH2 1 
ATOM   34  N N   . PRO A 1 19 ? 12.409  -2.903  2.550   1.00 19.44 ? 30   PRO A N   1 
ATOM   35  C CA  . PRO A 1 19 ? 11.942  -2.556  1.225   1.00 19.27 ? 30   PRO A CA  1 
ATOM   36  C C   . PRO A 1 19 ? 13.080  -2.383  0.256   1.00 22.27 ? 30   PRO A C   1 
ATOM   37  O O   . PRO A 1 19 ? 14.158  -1.822  0.593   1.00 21.56 ? 30   PRO A O   1 
ATOM   38  C CB  . PRO A 1 19 ? 11.213  -1.204  1.444   1.00 19.44 ? 30   PRO A CB  1 
ATOM   39  C CG  . PRO A 1 19 ? 10.739  -1.264  2.869   1.00 18.74 ? 30   PRO A CG  1 
ATOM   40  C CD  . PRO A 1 19 ? 11.916  -1.931  3.572   1.00 20.25 ? 30   PRO A CD  1 
ATOM   41  N N   . LYS A 1 20 ? 12.815  -2.858  -0.933  1.00 21.91 ? 31   LYS A N   1 
ATOM   42  C CA  . LYS A 1 20 ? 13.589  -2.480  -2.084  1.00 24.77 ? 31   LYS A CA  1 
ATOM   43  C C   . LYS A 1 20 ? 13.472  -1.000  -2.405  1.00 24.70 ? 31   LYS A C   1 
ATOM   44  O O   . LYS A 1 20 ? 12.600  -0.313  -1.864  1.00 23.37 ? 31   LYS A O   1 
ATOM   45  C CB  . LYS A 1 20 ? 13.210  -3.331  -3.269  1.00 25.82 ? 31   LYS A CB  1 
ATOM   46  C CG  . LYS A 1 20 ? 13.536  -4.801  -3.074  1.00 28.23 ? 31   LYS A CG  1 
ATOM   47  C CD  . LYS A 1 20 ? 13.244  -5.552  -4.384  1.00 31.02 ? 31   LYS A CD  1 
ATOM   48  C CE  . LYS A 1 20 ? 13.464  -7.056  -4.195  1.00 37.52 ? 31   LYS A CE  1 
ATOM   49  N NZ  . LYS A 1 20 ? 12.876  -7.801  -5.336  1.00 37.94 ? 31   LYS A NZ  1 
ATOM   50  N N   . PRO A 1 21 ? 14.380  -0.492  -3.255  1.00 24.99 ? 32   PRO A N   1 
ATOM   51  C CA  . PRO A 1 21 ? 14.549  0.945   -3.418  1.00 24.15 ? 32   PRO A CA  1 
ATOM   52  C C   . PRO A 1 21 ? 13.311  1.672   -3.822  1.00 23.08 ? 32   PRO A C   1 
ATOM   53  O O   . PRO A 1 21 ? 13.062  2.707   -3.265  1.00 23.71 ? 32   PRO A O   1 
ATOM   54  C CB  . PRO A 1 21 ? 15.617  1.061   -4.513  1.00 26.92 ? 32   PRO A CB  1 
ATOM   55  C CG  . PRO A 1 21 ? 16.440  -0.182  -4.330  1.00 26.40 ? 32   PRO A CG  1 
ATOM   56  C CD  . PRO A 1 21 ? 15.507  -1.245  -3.854  1.00 26.47 ? 32   PRO A CD  1 
ATOM   57  N N   . LEU A 1 22 ? 12.515  1.138   -4.737  1.00 21.42 ? 33   LEU A N   1 
ATOM   58  C CA  . LEU A 1 22 ? 11.374  1.891   -5.235  1.00 22.75 ? 33   LEU A CA  1 
ATOM   59  C C   . LEU A 1 22 ? 10.240  1.945   -4.234  1.00 21.59 ? 33   LEU A C   1 
ATOM   60  O O   . LEU A 1 22 ? 9.609   2.994   -4.075  1.00 20.60 ? 33   LEU A O   1 
ATOM   61  C CB  . LEU A 1 22 ? 10.846  1.376   -6.590  1.00 25.69 ? 33   LEU A CB  1 
ATOM   62  C CG  . LEU A 1 22 ? 11.640  1.812   -7.822  1.00 29.29 ? 33   LEU A CG  1 
ATOM   63  C CD1 . LEU A 1 22 ? 10.922  1.425   -9.106  1.00 29.44 ? 33   LEU A CD1 1 
ATOM   64  C CD2 . LEU A 1 22 ? 11.937  3.301   -7.794  1.00 28.90 ? 33   LEU A CD2 1 
ATOM   65  N N   . LEU A 1 23 ? 9.994   0.820   -3.554  1.00 19.19 ? 34   LEU A N   1 
ATOM   66  C CA  . LEU A 1 23 ? 9.028   0.816   -2.461  1.00 19.13 ? 34   LEU A CA  1 
ATOM   67  C C   . LEU A 1 23 ? 9.468   1.751   -1.336  1.00 18.40 ? 34   LEU A C   1 
ATOM   68  O O   . LEU A 1 23 ? 8.656   2.455   -0.758  1.00 16.07 ? 34   LEU A O   1 
ATOM   69  C CB  . LEU A 1 23 ? 8.797   -0.605  -1.898  1.00 18.81 ? 34   LEU A CB  1 
ATOM   70  C CG  . LEU A 1 23 ? 7.895   -0.648  -0.637  1.00 18.55 ? 34   LEU A CG  1 
ATOM   71  C CD1 . LEU A 1 23 ? 6.522   -0.124  -0.996  1.00 18.09 ? 34   LEU A CD1 1 
ATOM   72  C CD2 . LEU A 1 23 ? 7.768   -2.117  -0.172  1.00 20.96 ? 34   LEU A CD2 1 
ATOM   73  N N   . LEU A 1 24 ? 10.768  1.781   -1.045  1.00 18.16 ? 35   LEU A N   1 
ATOM   74  C CA  . LEU A 1 24 ? 11.283  2.619   -0.023  1.00 19.18 ? 35   LEU A CA  1 
ATOM   75  C C   . LEU A 1 24 ? 11.081  4.096   -0.379  1.00 18.84 ? 35   LEU A C   1 
ATOM   76  O O   . LEU A 1 24 ? 10.690  4.918   0.462   1.00 17.30 ? 35   LEU A O   1 
ATOM   77  C CB  . LEU A 1 24 ? 12.746  2.266   0.242   1.00 21.57 ? 35   LEU A CB  1 
ATOM   78  C CG  . LEU A 1 24 ? 13.342  3.080   1.391   1.00 21.83 ? 35   LEU A CG  1 
ATOM   79  C CD1 . LEU A 1 24 ? 12.791  2.617   2.722   1.00 22.64 ? 35   LEU A CD1 1 
ATOM   80  C CD2 . LEU A 1 24 ? 14.872  3.091   1.399   1.00 24.51 ? 35   LEU A CD2 1 
ATOM   81  N N   . LYS A 1 25 ? 11.256  4.417   -1.626  1.00 18.80 ? 36   LYS A N   1 
ATOM   82  C CA  . LYS A 1 25 ? 10.949  5.754   -2.085  1.00 22.32 ? 36   LYS A CA  1 
ATOM   83  C C   . LYS A 1 25 ? 9.479   6.107   -1.898  1.00 20.83 ? 36   LYS A C   1 
ATOM   84  O O   . LYS A 1 25 ? 9.176   7.169   -1.423  1.00 19.94 ? 36   LYS A O   1 
ATOM   85  C CB  . LYS A 1 25 ? 11.324  5.945   -3.555  1.00 25.87 ? 36   LYS A CB  1 
ATOM   86  C CG  . LYS A 1 25 ? 12.816  6.046   -3.759  1.00 33.74 ? 36   LYS A CG  1 
ATOM   87  C CD  . LYS A 1 25 ? 13.224  6.266   -5.230  1.00 40.72 ? 36   LYS A CD  1 
ATOM   88  C CE  . LYS A 1 25 ? 14.521  5.544   -5.639  1.00 39.69 ? 36   LYS A CE  1 
ATOM   89  N NZ  . LYS A 1 25 ? 14.782  5.809   -7.105  1.00 38.71 ? 36   LYS A NZ  1 
ATOM   90  N N   . LEU A 1 26 ? 8.570   5.218   -2.266  1.00 19.21 ? 37   LEU A N   1 
ATOM   91  C CA  . LEU A 1 26 ? 7.145   5.443   -1.982  1.00 18.07 ? 37   LEU A CA  1 
ATOM   92  C C   . LEU A 1 26 ? 6.877   5.747   -0.494  1.00 17.90 ? 37   LEU A C   1 
ATOM   93  O O   . LEU A 1 26 ? 6.205   6.750   -0.158  1.00 18.76 ? 37   LEU A O   1 
ATOM   94  C CB  . LEU A 1 26 ? 6.326   4.272   -2.510  1.00 18.83 ? 37   LEU A CB  1 
ATOM   95  C CG  . LEU A 1 26 ? 4.798   4.370   -2.379  1.00 19.69 ? 37   LEU A CG  1 
ATOM   96  C CD1 . LEU A 1 26 ? 4.205   3.494   -3.469  1.00 21.49 ? 37   LEU A CD1 1 
ATOM   97  C CD2 . LEU A 1 26 ? 4.346   3.932   -0.976  1.00 19.71 ? 37   LEU A CD2 1 
ATOM   98  N N   . LEU A 1 27 ? 7.396   4.896   0.403   1.00 17.08 ? 38   LEU A N   1 
ATOM   99  C CA  . LEU A 1 27 ? 7.171   5.061   1.852   1.00 18.57 ? 38   LEU A CA  1 
ATOM   100 C C   . LEU A 1 27 ? 7.759   6.402   2.379   1.00 18.10 ? 38   LEU A C   1 
ATOM   101 O O   . LEU A 1 27 ? 7.122   7.084   3.157   1.00 18.55 ? 38   LEU A O   1 
ATOM   102 C CB  . LEU A 1 27 ? 7.804   3.899   2.636   1.00 18.79 ? 38   LEU A CB  1 
ATOM   103 C CG  . LEU A 1 27 ? 7.364   2.460   2.224   1.00 18.84 ? 38   LEU A CG  1 
ATOM   104 C CD1 . LEU A 1 27 ? 8.153   1.470   3.043   1.00 18.62 ? 38   LEU A CD1 1 
ATOM   105 C CD2 . LEU A 1 27 ? 5.873   2.320   2.438   1.00 18.83 ? 38   LEU A CD2 1 
ATOM   106 N N   . LYS A 1 28 ? 8.959   6.729   1.923   1.00 15.89 ? 39   LYS A N   1 
ATOM   107 C CA  . LYS A 1 28 ? 9.644   7.944   2.366   1.00 19.41 ? 39   LYS A CA  1 
ATOM   108 C C   . LYS A 1 28 ? 8.903   9.189   1.854   1.00 18.63 ? 39   LYS A C   1 
ATOM   109 O O   . LYS A 1 28 ? 8.932   10.245  2.490   1.00 21.38 ? 39   LYS A O   1 
ATOM   110 C CB  . LYS A 1 28 ? 11.086  7.916   1.923   1.00 20.07 ? 39   LYS A CB  1 
ATOM   111 C CG  . LYS A 1 28 ? 11.938  6.990   2.746   1.00 21.91 ? 39   LYS A CG  1 
ATOM   112 C CD  . LYS A 1 28 ? 13.425  7.274   2.505   1.00 24.42 ? 39   LYS A CD  1 
ATOM   113 C CE  . LYS A 1 28 ? 14.244  6.548   3.563   1.00 29.33 ? 39   LYS A CE  1 
ATOM   114 N NZ  . LYS A 1 28 ? 15.505  7.259   3.948   1.00 30.23 ? 39   LYS A NZ  1 
ATOM   115 N N   . SER A 1 29 ? 8.177   9.035   0.770   1.00 17.15 ? 40   SER A N   1 
ATOM   116 C CA  . SER A 1 29 ? 7.359   10.127  0.249   1.00 21.05 ? 40   SER A CA  1 
ATOM   117 C C   . SER A 1 29 ? 6.212   10.508  1.162   1.00 22.51 ? 40   SER A C   1 
ATOM   118 O O   . SER A 1 29 ? 5.661   11.602  1.007   1.00 21.13 ? 40   SER A O   1 
ATOM   119 C CB  . SER A 1 29 ? 6.810   9.831   -1.157  1.00 19.60 ? 40   SER A CB  1 
ATOM   120 O OG  . SER A 1 29 ? 5.640   9.037   -1.184  1.00 16.49 ? 40   SER A OG  1 
ATOM   121 N N   . VAL A 1 30 ? 5.851   9.636   2.107   1.00 17.73 ? 41   VAL A N   1 
ATOM   122 C CA  . VAL A 1 30 ? 4.757   9.949   3.058   1.00 18.58 ? 41   VAL A CA  1 
ATOM   123 C C   . VAL A 1 30 ? 5.276   9.907   4.469   1.00 17.38 ? 41   VAL A C   1 
ATOM   124 O O   . VAL A 1 30 ? 4.554   9.556   5.395   1.00 18.50 ? 41   VAL A O   1 
ATOM   125 C CB  . VAL A 1 30 ? 3.531   8.987   2.861   1.00 19.08 ? 41   VAL A CB  1 
ATOM   126 C CG1 . VAL A 1 30 ? 2.672   9.454   1.695   1.00 19.85 ? 41   VAL A CG1 1 
ATOM   127 C CG2 . VAL A 1 30 ? 3.938   7.538   2.678   1.00 19.73 ? 41   VAL A CG2 1 
ATOM   128 N N   . GLY A 1 31 ? 6.541   10.260  4.647   1.00 16.58 ? 42   GLY A N   1 
ATOM   129 C CA  . GLY A 1 31 ? 7.092   10.484  5.977   1.00 18.30 ? 42   GLY A CA  1 
ATOM   130 C C   . GLY A 1 31 ? 7.960   9.424   6.646   1.00 19.21 ? 42   GLY A C   1 
ATOM   131 O O   . GLY A 1 31 ? 8.509   9.645   7.704   1.00 17.89 ? 42   GLY A O   1 
ATOM   132 N N   . ALA A 1 32 ? 8.132   8.290   5.987   1.00 17.29 ? 43   ALA A N   1 
ATOM   133 C CA  . ALA A 1 32 ? 8.891   7.175   6.603   1.00 17.02 ? 43   ALA A CA  1 
ATOM   134 C C   . ALA A 1 32 ? 10.354  7.537   6.682   1.00 16.01 ? 43   ALA A C   1 
ATOM   135 O O   . ALA A 1 32 ? 10.888  8.180   5.784   1.00 15.71 ? 43   ALA A O   1 
ATOM   136 C CB  . ALA A 1 32 ? 8.719   5.900   5.779   1.00 16.41 ? 43   ALA A CB  1 
ATOM   137 N N   . GLN A 1 33 ? 10.995  7.134   7.772   1.00 17.37 ? 44   GLN A N   1 
ATOM   138 C CA  . GLN A 1 33 ? 12.331  7.618   8.075   1.00 20.39 ? 44   GLN A CA  1 
ATOM   139 C C   . GLN A 1 33 ? 13.373  6.504   8.059   1.00 22.81 ? 44   GLN A C   1 
ATOM   140 O O   . GLN A 1 33 ? 14.530  6.780   8.296   1.00 24.02 ? 44   GLN A O   1 
ATOM   141 C CB  . GLN A 1 33 ? 12.332  8.295   9.464   1.00 21.38 ? 44   GLN A CB  1 
ATOM   142 C CG  . GLN A 1 33 ? 11.400  9.481   9.543   1.00 21.07 ? 44   GLN A CG  1 
ATOM   143 C CD  . GLN A 1 33 ? 11.863  10.567  8.604   1.00 23.57 ? 44   GLN A CD  1 
ATOM   144 O OE1 . GLN A 1 33 ? 13.047  10.928  8.619   1.00 25.78 ? 44   GLN A OE1 1 
ATOM   145 N NE2 . GLN A 1 33 ? 10.960  11.085  7.784   1.00 21.13 ? 44   GLN A NE2 1 
ATOM   146 N N   . LYS A 1 34 ? 12.959  5.257   7.891   1.00 22.89 ? 45   LYS A N   1 
ATOM   147 C CA  . LYS A 1 34 ? 13.841  4.090   8.164   1.00 22.75 ? 45   LYS A CA  1 
ATOM   148 C C   . LYS A 1 34 ? 14.171  3.295   6.913   1.00 23.54 ? 45   LYS A C   1 
ATOM   149 O O   . LYS A 1 34 ? 13.597  3.566   5.850   1.00 20.15 ? 45   LYS A O   1 
ATOM   150 C CB  . LYS A 1 34 ? 13.154  3.178   9.183   1.00 24.11 ? 45   LYS A CB  1 
ATOM   151 C CG  . LYS A 1 34 ? 12.856  3.883   10.505  1.00 27.35 ? 45   LYS A CG  1 
ATOM   152 C CD  . LYS A 1 34 ? 12.318  2.952   11.596  1.00 30.00 ? 45   LYS A CD  1 
ATOM   153 C CE  . LYS A 1 34 ? 10.999  2.345   11.184  1.00 29.09 ? 45   LYS A CE  1 
ATOM   154 N NZ  . LYS A 1 34 ? 10.535  1.274   12.084  1.00 29.57 ? 45   LYS A NZ  1 
ATOM   155 N N   . ASP A 1 35 ? 15.118  2.321   7.040   1.00 23.16 ? 46   ASP A N   1 
ATOM   156 C CA  . ASP A 1 35 ? 15.390  1.361   5.971   1.00 23.71 ? 46   ASP A CA  1 
ATOM   157 C C   . ASP A 1 35 ? 14.682  0.032   6.169   1.00 21.64 ? 46   ASP A C   1 
ATOM   158 O O   . ASP A 1 35 ? 14.564  -0.734  5.240   1.00 21.87 ? 46   ASP A O   1 
ATOM   159 C CB  . ASP A 1 35 ? 16.885  1.106   5.848   1.00 28.74 ? 46   ASP A CB  1 
ATOM   160 C CG  . ASP A 1 35 ? 17.626  2.309   5.275   1.00 34.46 ? 46   ASP A CG  1 
ATOM   161 O OD1 . ASP A 1 35 ? 16.994  3.229   4.634   1.00 35.07 ? 46   ASP A OD1 1 
ATOM   162 O OD2 . ASP A 1 35 ? 18.846  2.326   5.517   1.00 37.11 ? 46   ASP A OD2 1 
ATOM   163 N N   . THR A 1 36 ? 14.256  -0.219  7.380   1.00 21.37 ? 47   THR A N   1 
ATOM   164 C CA  . THR A 1 36 ? 13.553  -1.429  7.703   1.00 22.53 ? 47   THR A CA  1 
ATOM   165 C C   . THR A 1 36 ? 12.350  -1.109  8.591   1.00 20.18 ? 47   THR A C   1 
ATOM   166 O O   . THR A 1 36 ? 12.345  -0.115  9.318   1.00 19.42 ? 47   THR A O   1 
ATOM   167 C CB  . THR A 1 36 ? 14.452  -2.465  8.401   1.00 22.81 ? 47   THR A CB  1 
ATOM   168 O OG1 . THR A 1 36 ? 14.815  -2.008  9.701   1.00 23.67 ? 47   THR A OG1 1 
ATOM   169 C CG2 . THR A 1 36 ? 15.711  -2.808  7.578   1.00 23.96 ? 47   THR A CG2 1 
ATOM   170 N N   . TYR A 1 37 ? 11.320  -1.949  8.482   1.00 19.46 ? 48   TYR A N   1 
ATOM   171 C CA  . TYR A 1 37 ? 10.003  -1.717  9.047   1.00 19.56 ? 48   TYR A CA  1 
ATOM   172 C C   . TYR A 1 37 ? 9.341   -2.996  9.468   1.00 19.49 ? 48   TYR A C   1 
ATOM   173 O O   . TYR A 1 37 ? 9.620   -4.039  8.888   1.00 24.75 ? 48   TYR A O   1 
ATOM   174 C CB  . TYR A 1 37 ? 9.068   -1.134  7.945   1.00 18.79 ? 48   TYR A CB  1 
ATOM   175 C CG  . TYR A 1 37 ? 9.556   0.179   7.455   1.00 17.73 ? 48   TYR A CG  1 
ATOM   176 C CD1 . TYR A 1 37 ? 10.520  0.251   6.439   1.00 16.96 ? 48   TYR A CD1 1 
ATOM   177 C CD2 . TYR A 1 37 ? 9.171   1.342   8.068   1.00 17.76 ? 48   TYR A CD2 1 
ATOM   178 C CE1 . TYR A 1 37 ? 11.011  1.445   5.995   1.00 17.49 ? 48   TYR A CE1 1 
ATOM   179 C CE2 . TYR A 1 37 ? 9.694   2.559   7.660   1.00 17.29 ? 48   TYR A CE2 1 
ATOM   180 C CZ  . TYR A 1 37 ? 10.576  2.615   6.588   1.00 17.78 ? 48   TYR A CZ  1 
ATOM   181 O OH  . TYR A 1 37 ? 11.163  3.803   6.172   1.00 18.91 ? 48   TYR A OH  1 
ATOM   182 N N   . THR A 1 38 ? 8.401   -2.903  10.375  1.00 18.77 ? 49   THR A N   1 
ATOM   183 C CA  . THR A 1 38 ? 7.434   -3.974  10.528  1.00 21.36 ? 49   THR A CA  1 
ATOM   184 C C   . THR A 1 38 ? 6.465   -3.918  9.343   1.00 22.61 ? 49   THR A C   1 
ATOM   185 O O   . THR A 1 38 ? 6.320   -2.862  8.712   1.00 20.55 ? 49   THR A O   1 
ATOM   186 C CB  . THR A 1 38 ? 6.651   -3.885  11.813  1.00 20.66 ? 49   THR A CB  1 
ATOM   187 O OG1 . THR A 1 38 ? 5.838   -2.692  11.871  1.00 21.68 ? 49   THR A OG1 1 
ATOM   188 C CG2 . THR A 1 38 ? 7.602   -3.959  13.012  1.00 23.60 ? 49   THR A CG2 1 
ATOM   189 N N   . MET A 1 39 ? 5.816   -5.041  9.040   1.00 22.76 ? 50   MET A N   1 
ATOM   190 C CA  . MET A 1 39 ? 4.784   -5.030  8.016   1.00 21.99 ? 50   MET A CA  1 
ATOM   191 C C   . MET A 1 39 ? 3.675   -4.057  8.356   1.00 20.10 ? 50   MET A C   1 
ATOM   192 O O   . MET A 1 39 ? 3.139   -3.436  7.452   1.00 17.74 ? 50   MET A O   1 
ATOM   193 C CB  . MET A 1 39 ? 4.157   -6.405  7.779   1.00 24.65 ? 50   MET A CB  1 
ATOM   194 C CG  . MET A 1 39 ? 4.881   -7.270  6.756   1.00 27.05 ? 50   MET A CG  1 
ATOM   195 S SD  . MET A 1 39 ? 5.191   -6.577  5.119   1.00 24.32 ? 50   MET A SD  1 
ATOM   196 C CE  . MET A 1 39 ? 3.663   -7.015  4.272   1.00 29.43 ? 50   MET A CE  1 
ATOM   197 N N   . LYS A 1 40 ? 3.338   -3.911  9.631   1.00 19.18 ? 51   LYS A N   1 
ATOM   198 C CA  . LYS A 1 40 ? 2.227   -3.035  9.963   1.00 21.04 ? 51   LYS A CA  1 
ATOM   199 C C   . LYS A 1 40 ? 2.611   -1.579  9.633   1.00 17.52 ? 51   LYS A C   1 
ATOM   200 O O   . LYS A 1 40 ? 1.749   -0.824  9.211   1.00 16.17 ? 51   LYS A O   1 
ATOM   201 C CB  . LYS A 1 40 ? 1.826   -3.088  11.421  1.00 23.12 ? 51   LYS A CB  1 
ATOM   202 C CG  . LYS A 1 40 ? 1.181   -4.376  11.932  1.00 30.75 ? 51   LYS A CG  1 
ATOM   203 C CD  . LYS A 1 40 ? 0.294   -5.164  10.942  1.00 33.20 ? 51   LYS A CD  1 
ATOM   204 C CE  . LYS A 1 40 ? -0.003  -6.547  11.533  1.00 36.50 ? 51   LYS A CE  1 
ATOM   205 N NZ  . LYS A 1 40 ? -0.555  -6.446  12.923  1.00 40.08 ? 51   LYS A NZ  1 
ATOM   206 N N   . GLU A 1 41 ? 3.870   -1.219  9.881   1.00 15.84 ? 52   GLU A N   1 
ATOM   207 C CA  . GLU A 1 41 ? 4.376   0.132   9.472   1.00 16.10 ? 52   GLU A CA  1 
ATOM   208 C C   . GLU A 1 41 ? 4.380   0.301   7.942   1.00 15.24 ? 52   GLU A C   1 
ATOM   209 O O   . GLU A 1 41 ? 4.071   1.392   7.398   1.00 14.45 ? 52   GLU A O   1 
ATOM   210 C CB  . GLU A 1 41 ? 5.753   0.385   10.024  1.00 16.35 ? 52   GLU A CB  1 
ATOM   211 C CG  . GLU A 1 41 ? 5.867   0.432   11.553  1.00 16.52 ? 52   GLU A CG  1 
ATOM   212 C CD  . GLU A 1 41 ? 7.319   0.339   12.109  1.00 17.51 ? 52   GLU A CD  1 
ATOM   213 O OE1 . GLU A 1 41 ? 8.261   -0.068  11.358  1.00 19.73 ? 52   GLU A OE1 1 
ATOM   214 O OE2 . GLU A 1 41 ? 7.527   0.811   13.258  1.00 12.80 ? 52   GLU A OE2 1 
ATOM   215 N N   . VAL A 1 42 ? 4.785   -0.751  7.232   1.00 14.49 ? 53   VAL A N   1 
ATOM   216 C CA  . VAL A 1 42 ? 4.660   -0.749  5.784   1.00 14.26 ? 53   VAL A CA  1 
ATOM   217 C C   . VAL A 1 42 ? 3.211   -0.467  5.347   1.00 13.08 ? 53   VAL A C   1 
ATOM   218 O O   . VAL A 1 42 ? 3.010   0.393   4.514   1.00 11.59 ? 53   VAL A O   1 
ATOM   219 C CB  . VAL A 1 42 ? 5.253   -2.033  5.105   1.00 14.45 ? 53   VAL A CB  1 
ATOM   220 C CG1 . VAL A 1 42 ? 4.894   -2.018  3.647   1.00 15.57 ? 53   VAL A CG1 1 
ATOM   221 C CG2 . VAL A 1 42 ? 6.800   -2.083  5.290   1.00 15.04 ? 53   VAL A CG2 1 
ATOM   222 N N   . LEU A 1 43 ? 2.213   -1.159  5.918   1.00 12.06 ? 54   LEU A N   1 
ATOM   223 C CA  . LEU A 1 43 ? 0.813   -0.991  5.551   1.00 12.47 ? 54   LEU A CA  1 
ATOM   224 C C   . LEU A 1 43 ? 0.394   0.439   5.928   1.00 13.80 ? 54   LEU A C   1 
ATOM   225 O O   . LEU A 1 43 ? -0.330  1.051   5.206   1.00 12.71 ? 54   LEU A O   1 
ATOM   226 C CB  . LEU A 1 43 ? -0.067  -2.034  6.234   1.00 13.33 ? 54   LEU A CB  1 
ATOM   227 C CG  . LEU A 1 43 ? 0.224   -3.477  5.758   1.00 14.18 ? 54   LEU A CG  1 
ATOM   228 C CD1 . LEU A 1 43 ? -0.486  -4.488  6.624   1.00 15.26 ? 54   LEU A CD1 1 
ATOM   229 C CD2 . LEU A 1 43 ? -0.227  -3.636  4.312   1.00 14.84 ? 54   LEU A CD2 1 
ATOM   230 N N   . PHE A 1 44 ? 0.903   0.911   7.053   1.00 12.42 ? 55   PHE A N   1 
ATOM   231 C CA  . PHE A 1 44 ? 0.593   2.248   7.535   1.00 14.09 ? 55   PHE A CA  1 
ATOM   232 C C   . PHE A 1 44 ? 1.003   3.318   6.531   1.00 12.64 ? 55   PHE A C   1 
ATOM   233 O O   . PHE A 1 44 ? 0.159   4.147   6.146   1.00 13.40 ? 55   PHE A O   1 
ATOM   234 C CB  . PHE A 1 44 ? 1.240   2.422   8.914   1.00 14.39 ? 55   PHE A CB  1 
ATOM   235 C CG  . PHE A 1 44 ? 1.248   3.836   9.426   1.00 15.15 ? 55   PHE A CG  1 
ATOM   236 C CD1 . PHE A 1 44 ? 0.051   4.444   9.791   1.00 15.91 ? 55   PHE A CD1 1 
ATOM   237 C CD2 . PHE A 1 44 ? 2.451   4.560   9.521   1.00 15.96 ? 55   PHE A CD2 1 
ATOM   238 C CE1 . PHE A 1 44 ? 0.078   5.762   10.276  1.00 17.80 ? 55   PHE A CE1 1 
ATOM   239 C CE2 . PHE A 1 44 ? 2.467   5.869   10.023  1.00 15.93 ? 55   PHE A CE2 1 
ATOM   240 C CZ  . PHE A 1 44 ? 1.285   6.449   10.380  1.00 17.68 ? 55   PHE A CZ  1 
ATOM   241 N N   . TYR A 1 45 ? 2.270   3.310   6.106   1.00 12.97 ? 56   TYR A N   1 
ATOM   242 C CA  . TYR A 1 45 ? 2.712   4.276   5.109   1.00 13.04 ? 56   TYR A CA  1 
ATOM   243 C C   . TYR A 1 45 ? 2.081   4.077   3.747   1.00 15.64 ? 56   TYR A C   1 
ATOM   244 O O   . TYR A 1 45 ? 1.752   5.056   3.040   1.00 14.93 ? 56   TYR A O   1 
ATOM   245 C CB  . TYR A 1 45 ? 4.225   4.295   5.004   1.00 13.09 ? 56   TYR A CB  1 
ATOM   246 C CG  . TYR A 1 45 ? 4.866   4.841   6.276   1.00 12.42 ? 56   TYR A CG  1 
ATOM   247 C CD1 . TYR A 1 45 ? 4.803   6.181   6.542   1.00 13.68 ? 56   TYR A CD1 1 
ATOM   248 C CD2 . TYR A 1 45 ? 5.546   4.013   7.159   1.00 12.96 ? 56   TYR A CD2 1 
ATOM   249 C CE1 . TYR A 1 45 ? 5.368   6.753   7.678   1.00 14.39 ? 56   TYR A CE1 1 
ATOM   250 C CE2 . TYR A 1 45 ? 6.108   4.500   8.306   1.00 13.61 ? 56   TYR A CE2 1 
ATOM   251 C CZ  . TYR A 1 45 ? 6.037   5.894   8.569   1.00 15.10 ? 56   TYR A CZ  1 
ATOM   252 O OH  . TYR A 1 45 ? 6.623   6.368   9.715   1.00 14.54 ? 56   TYR A OH  1 
ATOM   253 N N   . LEU A 1 46 ? 1.862   2.799   3.346   1.00 14.73 ? 57   LEU A N   1 
ATOM   254 C CA  A LEU A 1 46 ? 1.162   2.556   2.115   0.50 15.18 ? 57   LEU A CA  1 
ATOM   255 C CA  B LEU A 1 46 ? 1.163   2.457   2.100   0.50 15.18 ? 57   LEU A CA  1 
ATOM   256 C C   . LEU A 1 46 ? -0.247  3.148   2.155   1.00 13.59 ? 57   LEU A C   1 
ATOM   257 O O   . LEU A 1 46 ? -0.729  3.728   1.165   1.00 12.69 ? 57   LEU A O   1 
ATOM   258 C CB  A LEU A 1 46 ? 1.152   1.042   1.842   0.50 16.23 ? 57   LEU A CB  1 
ATOM   259 C CB  B LEU A 1 46 ? 1.152   0.943   1.827   0.50 16.23 ? 57   LEU A CB  1 
ATOM   260 C CG  A LEU A 1 46 ? 0.541   0.611   0.579   0.50 23.69 ? 57   LEU A CG  1 
ATOM   261 C CG  B LEU A 1 46 ? 2.455   0.316   1.579   0.50 23.69 ? 57   LEU A CG  1 
ATOM   262 C CD1 A LEU A 1 46 ? 1.208   1.287   -0.645  0.50 23.91 ? 57   LEU A CD1 1 
ATOM   263 C CD1 B LEU A 1 46 ? 2.340   -1.224  1.466   0.50 23.91 ? 57   LEU A CD1 1 
ATOM   264 C CD2 A LEU A 1 46 ? 0.627   -0.931  0.453   0.50 24.09 ? 57   LEU A CD2 1 
ATOM   265 C CD2 B LEU A 1 46 ? 3.084   0.903   0.290   0.50 24.09 ? 57   LEU A CD2 1 
ATOM   266 N N   . GLY A 1 47 ? -0.948  2.986   3.265   1.00 13.06 ? 58   GLY A N   1 
ATOM   267 C CA  . GLY A 1 47 ? -2.254  3.621   3.468   1.00 13.49 ? 58   GLY A CA  1 
ATOM   268 C C   . GLY A 1 47 ? -2.231  5.167   3.292   1.00 14.00 ? 58   GLY A C   1 
ATOM   269 O O   . GLY A 1 47 ? -3.136  5.750   2.652   1.00 13.74 ? 58   GLY A O   1 
ATOM   270 N N   . GLN A 1 48 ? -1.252  5.823   3.925   1.00 13.31 ? 59   GLN A N   1 
ATOM   271 C CA  . GLN A 1 48 ? -1.040  7.277   3.742   1.00 14.56 ? 59   GLN A CA  1 
ATOM   272 C C   . GLN A 1 48 ? -0.891  7.636   2.285   1.00 14.96 ? 59   GLN A C   1 
ATOM   273 O O   . GLN A 1 48 ? -1.552  8.585   1.788   1.00 16.06 ? 59   GLN A O   1 
ATOM   274 C CB  . GLN A 1 48 ? 0.172   7.751   4.507   1.00 13.93 ? 59   GLN A CB  1 
ATOM   275 C CG  . GLN A 1 48 ? -0.038  7.684   6.022   1.00 15.22 ? 59   GLN A CG  1 
ATOM   276 C CD  . GLN A 1 48 ? 1.021   8.517   6.751   1.00 16.91 ? 59   GLN A CD  1 
ATOM   277 O OE1 . GLN A 1 48 ? 1.759   8.052   7.666   1.00 20.96 ? 59   GLN A OE1 1 
ATOM   278 N NE2 . GLN A 1 48 ? 1.122   9.729   6.344   1.00 14.35 ? 59   GLN A NE2 1 
ATOM   279 N N   . TYR A 1 49 ? -0.077  6.849   1.574   1.00 14.97 ? 60   TYR A N   1 
ATOM   280 C CA  . TYR A 1 49 ? 0.130   7.016   0.163   1.00 15.93 ? 60   TYR A CA  1 
ATOM   281 C C   . TYR A 1 49 ? -1.169  6.942   -0.668  1.00 16.44 ? 60   TYR A C   1 
ATOM   282 O O   . TYR A 1 49 ? -1.464  7.830   -1.473  1.00 14.47 ? 60   TYR A O   1 
ATOM   283 C CB  . TYR A 1 49 ? 1.205   6.028   -0.338  1.00 15.45 ? 60   TYR A CB  1 
ATOM   284 C CG  . TYR A 1 49 ? 1.562   6.199   -1.791  1.00 17.76 ? 60   TYR A CG  1 
ATOM   285 C CD1 . TYR A 1 49 ? 0.859   5.536   -2.777  1.00 17.72 ? 60   TYR A CD1 1 
ATOM   286 C CD2 . TYR A 1 49 ? 2.588   7.084   -2.187  1.00 18.38 ? 60   TYR A CD2 1 
ATOM   287 C CE1 . TYR A 1 49 ? 1.191   5.693   -4.138  1.00 19.25 ? 60   TYR A CE1 1 
ATOM   288 C CE2 . TYR A 1 49 ? 2.922   7.269   -3.521  1.00 21.66 ? 60   TYR A CE2 1 
ATOM   289 C CZ  . TYR A 1 49 ? 2.205   6.546   -4.509  1.00 21.55 ? 60   TYR A CZ  1 
ATOM   290 O OH  . TYR A 1 49 ? 2.466   6.678   -5.868  1.00 22.42 ? 60   TYR A OH  1 
ATOM   291 N N   . ILE A 1 50 ? -1.972  5.901   -0.453  1.00 14.49 ? 61   ILE A N   1 
ATOM   292 C CA  . ILE A 1 50 ? -3.187  5.648   -1.212  1.00 14.99 ? 61   ILE A CA  1 
ATOM   293 C C   . ILE A 1 50 ? -4.164  6.812   -0.972  1.00 17.53 ? 61   ILE A C   1 
ATOM   294 O O   . ILE A 1 50 ? -4.776  7.351   -1.931  1.00 15.32 ? 61   ILE A O   1 
ATOM   295 C CB  . ILE A 1 50 ? -3.757  4.270   -0.830  1.00 15.16 ? 61   ILE A CB  1 
ATOM   296 C CG1 . ILE A 1 50 ? -2.832  3.163   -1.347  1.00 15.72 ? 61   ILE A CG1 1 
ATOM   297 C CG2 . ILE A 1 50 ? -5.174  4.073   -1.366  1.00 15.47 ? 61   ILE A CG2 1 
ATOM   298 C CD1 . ILE A 1 50 ? -3.123  1.764   -0.786  1.00 14.37 ? 61   ILE A CD1 1 
ATOM   299 N N   . MET A 1 51 ? -4.283  7.211   0.285   1.00 16.79 ? 62   MET A N   1 
ATOM   300 C CA  . MET A 1 51 ? -5.140  8.317   0.651   1.00 21.70 ? 62   MET A CA  1 
ATOM   301 C C   . MET A 1 51 ? -4.644  9.623   0.083   1.00 22.07 ? 62   MET A C   1 
ATOM   302 O O   . MET A 1 51 ? -5.448  10.370  -0.456  1.00 23.36 ? 62   MET A O   1 
ATOM   303 C CB  . MET A 1 51 ? -5.295  8.431   2.178   1.00 23.34 ? 62   MET A CB  1 
ATOM   304 C CG  . MET A 1 51 ? -6.055  7.250   2.711   1.00 29.02 ? 62   MET A CG  1 
ATOM   305 S SD  . MET A 1 51 ? -6.023  7.072   4.513   1.00 36.14 ? 62   MET A SD  1 
ATOM   306 C CE  . MET A 1 51 ? -7.651  7.743   4.889   1.00 44.43 ? 62   MET A CE  1 
ATOM   307 N N   . THR A 1 52 ? -3.364  9.957   0.216   1.00 22.94 ? 63   THR A N   1 
ATOM   308 C CA  A THR A 1 52 ? -2.894  11.239  -0.302  0.50 23.51 ? 63   THR A CA  1 
ATOM   309 C CA  B THR A 1 52 ? -2.922  11.245  -0.303  0.50 23.40 ? 63   THR A CA  1 
ATOM   310 C C   . THR A 1 52 ? -3.129  11.310  -1.813  1.00 25.27 ? 63   THR A C   1 
ATOM   311 O O   . THR A 1 52 ? -3.522  12.353  -2.317  1.00 22.71 ? 63   THR A O   1 
ATOM   312 C CB  A THR A 1 52 ? -1.404  11.499  -0.040  0.50 22.51 ? 63   THR A CB  1 
ATOM   313 C CB  B THR A 1 52 ? -1.469  11.629  0.032   0.50 22.59 ? 63   THR A CB  1 
ATOM   314 O OG1 A THR A 1 52 ? -1.082  11.076  1.277   0.50 25.15 ? 63   THR A OG1 1 
ATOM   315 O OG1 B THR A 1 52 ? -0.527  10.691  -0.531  0.50 20.85 ? 63   THR A OG1 1 
ATOM   316 C CG2 A THR A 1 52 ? -1.074  13.006  -0.179  0.50 20.70 ? 63   THR A CG2 1 
ATOM   317 C CG2 B THR A 1 52 ? -1.316  11.755  1.518   0.50 23.21 ? 63   THR A CG2 1 
ATOM   318 N N   . LYS A 1 53 ? -2.875  10.203  -2.535  1.00 22.70 ? 64   LYS A N   1 
ATOM   319 C CA  . LYS A 1 53 ? -3.057  10.213  -3.965  1.00 22.88 ? 64   LYS A CA  1 
ATOM   320 C C   . LYS A 1 53 ? -4.483  9.901   -4.428  1.00 22.37 ? 64   LYS A C   1 
ATOM   321 O O   . LYS A 1 53 ? -4.724  9.863   -5.639  1.00 23.81 ? 64   LYS A O   1 
ATOM   322 C CB  . LYS A 1 53 ? -2.044  9.322   -4.597  1.00 23.59 ? 64   LYS A CB  1 
ATOM   323 C CG  . LYS A 1 53 ? -0.663  9.742   -4.153  1.00 26.16 ? 64   LYS A CG  1 
ATOM   324 C CD  . LYS A 1 53 ? 0.350   9.237   -5.097  1.00 29.18 ? 64   LYS A CD  1 
ATOM   325 C CE  . LYS A 1 53 ? 0.345   10.012  -6.396  1.00 33.36 ? 64   LYS A CE  1 
ATOM   326 N NZ  . LYS A 1 53 ? 1.361   9.349   -7.265  1.00 32.50 ? 64   LYS A NZ  1 
ATOM   327 N N   . ARG A 1 54 ? -5.395  9.624   -3.486  1.00 21.23 ? 65   ARG A N   1 
ATOM   328 C CA  . ARG A 1 54 ? -6.801  9.304   -3.770  1.00 24.17 ? 65   ARG A CA  1 
ATOM   329 C C   . ARG A 1 54 ? -6.967  8.228   -4.801  1.00 25.30 ? 65   ARG A C   1 
ATOM   330 O O   . ARG A 1 54 ? -7.726  8.394   -5.775  1.00 22.48 ? 65   ARG A O   1 
ATOM   331 C CB  . ARG A 1 54 ? -7.537  10.567  -4.233  1.00 31.48 ? 65   ARG A CB  1 
ATOM   332 C CG  . ARG A 1 54 ? -7.422  11.680  -3.202  1.00 42.20 ? 65   ARG A CG  1 
ATOM   333 C CD  . ARG A 1 54 ? -7.720  13.093  -3.700  1.00 55.64 ? 65   ARG A CD  1 
ATOM   334 N NE  . ARG A 1 54 ? -8.171  13.921  -2.567  1.00 69.64 ? 65   ARG A NE  1 
ATOM   335 C CZ  . ARG A 1 54 ? -7.393  14.413  -1.587  1.00 86.13 ? 65   ARG A CZ  1 
ATOM   336 N NH1 . ARG A 1 54 ? -6.064  14.209  -1.571  1.00 85.47 ? 65   ARG A NH1 1 
ATOM   337 N NH2 . ARG A 1 54 ? -7.951  15.131  -0.601  1.00 94.98 ? 65   ARG A NH2 1 
ATOM   338 N N   . LEU A 1 55 ? -6.306  7.094   -4.584  1.00 20.14 ? 66   LEU A N   1 
ATOM   339 C CA  . LEU A 1 55 ? -6.272  6.037   -5.593  1.00 19.22 ? 66   LEU A CA  1 
ATOM   340 C C   . LEU A 1 55 ? -7.447  5.090   -5.483  1.00 18.60 ? 66   LEU A C   1 
ATOM   341 O O   . LEU A 1 55 ? -7.663  4.346   -6.372  1.00 19.85 ? 66   LEU A O   1 
ATOM   342 C CB  . LEU A 1 55 ? -4.977  5.241   -5.470  1.00 19.35 ? 66   LEU A CB  1 
ATOM   343 C CG  . LEU A 1 55 ? -3.720  6.032   -5.759  1.00 20.60 ? 66   LEU A CG  1 
ATOM   344 C CD1 . LEU A 1 55 ? -2.561  5.092   -5.529  1.00 22.15 ? 66   LEU A CD1 1 
ATOM   345 C CD2 . LEU A 1 55 ? -3.688  6.550   -7.203  1.00 19.54 ? 66   LEU A CD2 1 
ATOM   346 N N   . TYR A 1 56 ? -8.193  5.132   -4.379  1.00 19.34 ? 67   TYR A N   1 
ATOM   347 C CA  . TYR A 1 56 ? -9.349  4.269   -4.193  1.00 20.47 ? 67   TYR A CA  1 
ATOM   348 C C   . TYR A 1 56 ? -10.598 4.831   -4.846  1.00 25.59 ? 67   TYR A C   1 
ATOM   349 O O   . TYR A 1 56 ? -10.732 6.070   -4.993  1.00 23.90 ? 67   TYR A O   1 
ATOM   350 C CB  . TYR A 1 56 ? -9.595  4.042   -2.718  1.00 20.74 ? 67   TYR A CB  1 
ATOM   351 C CG  . TYR A 1 56 ? -9.945  5.263   -1.898  1.00 21.34 ? 67   TYR A CG  1 
ATOM   352 C CD1 . TYR A 1 56 ? -11.275 5.739   -1.831  1.00 22.25 ? 67   TYR A CD1 1 
ATOM   353 C CD2 . TYR A 1 56 ? -8.982  5.919   -1.195  1.00 21.00 ? 67   TYR A CD2 1 
ATOM   354 C CE1 . TYR A 1 56 ? -11.588 6.867   -1.061  1.00 25.17 ? 67   TYR A CE1 1 
ATOM   355 C CE2 . TYR A 1 56 ? -9.274  7.028   -0.391  1.00 25.76 ? 67   TYR A CE2 1 
ATOM   356 C CZ  . TYR A 1 56 ? -10.576 7.522   -0.334  1.00 24.34 ? 67   TYR A CZ  1 
ATOM   357 O OH  . TYR A 1 56 ? -10.862 8.598   0.486   1.00 28.77 ? 67   TYR A OH  1 
ATOM   358 N N   . ASP A 1 57 ? -11.487 3.922   -5.238  1.00 23.35 ? 68   ASP A N   1 
ATOM   359 C CA  A ASP A 1 57 ? -12.750 4.264   -5.955  0.50 27.08 ? 68   ASP A CA  1 
ATOM   360 C CA  B ASP A 1 57 ? -12.750 4.165   -5.970  0.50 27.08 ? 68   ASP A CA  1 
ATOM   361 C C   . ASP A 1 57 ? -13.706 4.969   -4.994  1.00 24.58 ? 68   ASP A C   1 
ATOM   362 O O   . ASP A 1 57 ? -13.960 4.485   -3.934  1.00 21.18 ? 68   ASP A O   1 
ATOM   363 C CB  A ASP A 1 57 ? -13.441 2.990   -6.486  0.50 25.65 ? 68   ASP A CB  1 
ATOM   364 C CB  B ASP A 1 57 ? -13.441 2.891   -6.500  0.50 25.65 ? 68   ASP A CB  1 
ATOM   365 C CG  A ASP A 1 57 ? -14.699 3.303   -7.448  0.50 25.23 ? 68   ASP A CG  1 
ATOM   366 C CG  B ASP A 1 57 ? -14.758 3.202   -7.379  0.50 25.23 ? 68   ASP A CG  1 
ATOM   367 O OD1 A ASP A 1 57 ? -14.464 3.746   -8.539  0.50 25.45 ? 68   ASP A OD1 1 
ATOM   368 O OD1 B ASP A 1 57 ? -15.053 4.353   -7.546  0.50 25.45 ? 68   ASP A OD1 1 
ATOM   369 O OD2 A ASP A 1 57 ? -15.861 3.107   -7.033  0.50 24.60 ? 68   ASP A OD2 1 
ATOM   370 O OD2 B ASP A 1 57 ? -15.440 2.256   -7.831  0.50 24.60 ? 68   ASP A OD2 1 
ATOM   371 N N   . ALA A 1 58 ? -14.197 6.146   -5.331  1.00 26.58 ? 69   ALA A N   1 
ATOM   372 C CA  . ALA A 1 58 ? -15.086 6.859   -4.431  1.00 28.63 ? 69   ALA A CA  1 
ATOM   373 C C   . ALA A 1 58 ? -16.384 6.119   -4.073  1.00 27.09 ? 69   ALA A C   1 
ATOM   374 O O   . ALA A 1 58 ? -16.896 6.313   -2.989  1.00 23.50 ? 69   ALA A O   1 
ATOM   375 C CB  . ALA A 1 58 ? -15.417 8.228   -5.025  1.00 37.50 ? 69   ALA A CB  1 
ATOM   376 N N   . ALA A 1 59 ? -16.885 5.238   -4.940  1.00 27.49 ? 70   ALA A N   1 
ATOM   377 C CA  . ALA A 1 59 ? -18.157 4.517   -4.687  1.00 30.81 ? 70   ALA A CA  1 
ATOM   378 C C   . ALA A 1 59 ? -17.922 3.149   -4.012  1.00 36.09 ? 70   ALA A C   1 
ATOM   379 O O   . ALA A 1 59 ? -18.646 2.746   -3.089  1.00 40.11 ? 70   ALA A O   1 
ATOM   380 C CB  . ALA A 1 59 ? -18.902 4.322   -6.007  1.00 33.60 ? 70   ALA A CB  1 
ATOM   381 N N   . GLN A 1 60 ? -16.859 2.462   -4.447  1.00 34.10 ? 71   GLN A N   1 
ATOM   382 C CA  . GLN A 1 60 ? -16.521 1.151   -3.916  1.00 30.19 ? 71   GLN A CA  1 
ATOM   383 C C   . GLN A 1 60 ? -15.102 1.305   -3.370  1.00 21.95 ? 71   GLN A C   1 
ATOM   384 O O   . GLN A 1 60 ? -14.133 1.100   -4.080  1.00 19.26 ? 71   GLN A O   1 
ATOM   385 C CB  . GLN A 1 60 ? -16.578 0.111   -5.029  1.00 35.14 ? 71   GLN A CB  1 
ATOM   386 C CG  . GLN A 1 60 ? -17.902 -0.616  -5.123  1.00 45.47 ? 71   GLN A CG  1 
ATOM   387 C CD  . GLN A 1 60 ? -17.801 -1.732  -6.155  1.00 55.90 ? 71   GLN A CD  1 
ATOM   388 O OE1 . GLN A 1 60 ? -17.769 -2.924  -5.811  1.00 64.95 ? 71   GLN A OE1 1 
ATOM   389 N NE2 . GLN A 1 60 ? -17.679 -1.344  -7.423  1.00 56.58 ? 71   GLN A NE2 1 
ATOM   390 N N   . GLN A 1 61 ? -15.045 1.723   -2.114  1.00 21.05 ? 72   GLN A N   1 
ATOM   391 C CA  . GLN A 1 61 ? -13.847 2.220   -1.511  1.00 20.84 ? 72   GLN A CA  1 
ATOM   392 C C   . GLN A 1 61 ? -12.881 1.149   -1.110  1.00 19.58 ? 72   GLN A C   1 
ATOM   393 O O   . GLN A 1 61 ? -11.756 1.467   -0.733  1.00 21.14 ? 72   GLN A O   1 
ATOM   394 C CB  . GLN A 1 61 ? -14.170 3.126   -0.348  1.00 20.06 ? 72   GLN A CB  1 
ATOM   395 C CG  . GLN A 1 61 ? -14.972 4.310   -0.844  1.00 21.83 ? 72   GLN A CG  1 
ATOM   396 C CD  . GLN A 1 61 ? -14.862 5.531   0.015   1.00 21.73 ? 72   GLN A CD  1 
ATOM   397 O OE1 . GLN A 1 61 ? -14.237 5.581   1.086   1.00 20.27 ? 72   GLN A OE1 1 
ATOM   398 N NE2 . GLN A 1 61 ? -15.500 6.572   -0.482  1.00 26.24 ? 72   GLN A NE2 1 
ATOM   399 N N   . HIS A 1 62 ? -13.258 -0.114  -1.254  1.00 18.11 ? 73   HIS A N   1 
ATOM   400 C CA  . HIS A 1 62 ? -12.260 -1.170  -1.174  1.00 18.38 ? 73   HIS A CA  1 
ATOM   401 C C   . HIS A 1 62 ? -11.396 -1.369  -2.424  1.00 17.28 ? 73   HIS A C   1 
ATOM   402 O O   . HIS A 1 62 ? -10.421 -2.147  -2.380  1.00 15.06 ? 73   HIS A O   1 
ATOM   403 C CB  . HIS A 1 62 ? -12.886 -2.523  -0.752  1.00 18.58 ? 73   HIS A CB  1 
ATOM   404 C CG  . HIS A 1 62 ? -13.727 -3.161  -1.787  1.00 20.46 ? 73   HIS A CG  1 
ATOM   405 N ND1 . HIS A 1 62 ? -15.039 -2.802  -1.996  1.00 26.08 ? 73   HIS A ND1 1 
ATOM   406 C CD2 . HIS A 1 62 ? -13.456 -4.136  -2.687  1.00 21.81 ? 73   HIS A CD2 1 
ATOM   407 C CE1 . HIS A 1 62 ? -15.537 -3.538  -2.976  1.00 23.34 ? 73   HIS A CE1 1 
ATOM   408 N NE2 . HIS A 1 62 ? -14.596 -4.347  -3.407  1.00 24.41 ? 73   HIS A NE2 1 
ATOM   409 N N   . ILE A 1 63 ? -11.714 -0.720  -3.555  1.00 14.25 ? 74   ILE A N   1 
ATOM   410 C CA  . ILE A 1 63 ? -10.996 -0.999  -4.759  1.00 16.80 ? 74   ILE A CA  1 
ATOM   411 C C   . ILE A 1 63 ? -9.977  0.121   -4.969  1.00 16.72 ? 74   ILE A C   1 
ATOM   412 O O   . ILE A 1 63 ? -10.334 1.314   -4.964  1.00 18.39 ? 74   ILE A O   1 
ATOM   413 C CB  . ILE A 1 63 ? -11.933 -1.099  -5.995  1.00 19.02 ? 74   ILE A CB  1 
ATOM   414 C CG1 . ILE A 1 63 ? -12.911 -2.239  -5.765  1.00 20.96 ? 74   ILE A CG1 1 
ATOM   415 C CG2 . ILE A 1 63 ? -11.100 -1.313  -7.249  1.00 20.76 ? 74   ILE A CG2 1 
ATOM   416 C CD1 . ILE A 1 63 ? -14.071 -2.214  -6.719  1.00 26.78 ? 74   ILE A CD1 1 
ATOM   417 N N   . VAL A 1 64 ? -8.718  -0.255  -5.117  1.00 16.04 ? 75   VAL A N   1 
ATOM   418 C CA  . VAL A 1 64 ? -7.634  0.680   -5.329  1.00 15.65 ? 75   VAL A CA  1 
ATOM   419 C C   . VAL A 1 64 ? -7.235  0.602   -6.802  1.00 18.93 ? 75   VAL A C   1 
ATOM   420 O O   . VAL A 1 64 ? -6.945  -0.508  -7.348  1.00 15.98 ? 75   VAL A O   1 
ATOM   421 C CB  . VAL A 1 64 ? -6.408  0.372   -4.417  1.00 15.93 ? 75   VAL A CB  1 
ATOM   422 C CG1 . VAL A 1 64 ? -5.213  1.211   -4.797  1.00 16.60 ? 75   VAL A CG1 1 
ATOM   423 C CG2 . VAL A 1 64 ? -6.785  0.559   -2.966  1.00 16.22 ? 75   VAL A CG2 1 
ATOM   424 N N   . TYR A 1 65 ? -7.231  1.782   -7.454  1.00 17.76 ? 76   TYR A N   1 
ATOM   425 C CA  . TYR A 1 65 ? -6.802  1.873   -8.876  1.00 21.24 ? 76   TYR A CA  1 
ATOM   426 C C   . TYR A 1 65 ? -5.427  2.442   -8.959  1.00 23.49 ? 76   TYR A C   1 
ATOM   427 O O   . TYR A 1 65 ? -5.204  3.593   -8.595  1.00 22.78 ? 76   TYR A O   1 
ATOM   428 C CB  . TYR A 1 65 ? -7.754  2.729   -9.734  1.00 21.77 ? 76   TYR A CB  1 
ATOM   429 C CG  . TYR A 1 65 ? -9.057  2.049   -9.924  1.00 24.32 ? 76   TYR A CG  1 
ATOM   430 C CD1 . TYR A 1 65 ? -9.184  1.068   -10.890 1.00 24.78 ? 76   TYR A CD1 1 
ATOM   431 C CD2 . TYR A 1 65 ? -10.151 2.346   -9.120  1.00 26.01 ? 76   TYR A CD2 1 
ATOM   432 C CE1 . TYR A 1 65 ? -10.369 0.410   -11.062 1.00 29.83 ? 76   TYR A CE1 1 
ATOM   433 C CE2 . TYR A 1 65 ? -11.357 1.671   -9.276  1.00 30.08 ? 76   TYR A CE2 1 
ATOM   434 C CZ  . TYR A 1 65 ? -11.456 0.711   -10.254 1.00 31.40 ? 76   TYR A CZ  1 
ATOM   435 O OH  . TYR A 1 65 ? -12.619 0.012   -10.453 1.00 33.70 ? 76   TYR A OH  1 
ATOM   436 N N   . CYS A 1 66 ? -4.502  1.620   -9.405  1.00 23.99 ? 77   CYS A N   1 
ATOM   437 C CA  . CYS A 1 66 ? -3.076  1.971   -9.315  1.00 24.47 ? 77   CYS A CA  1 
ATOM   438 C C   . CYS A 1 66 ? -2.390  1.914   -10.651 1.00 25.29 ? 77   CYS A C   1 
ATOM   439 O O   . CYS A 1 66 ? -1.199  2.072   -10.730 1.00 25.41 ? 77   CYS A O   1 
ATOM   440 C CB  . CYS A 1 66 ? -2.330  1.108   -8.231  1.00 24.43 ? 77   CYS A CB  1 
ATOM   441 S SG  . CYS A 1 66 ? -2.647  -0.651  -8.251  1.00 23.30 ? 77   CYS A SG  1 
ATOM   442 N N   . SER A 1 67 ? -3.166  1.751   -11.728 1.00 34.62 ? 78   SER A N   1 
ATOM   443 C CA  . SER A 1 67 ? -2.710  2.074   -13.087 1.00 35.01 ? 78   SER A CA  1 
ATOM   444 C C   . SER A 1 67 ? -2.080  3.412   -13.180 1.00 34.79 ? 78   SER A C   1 
ATOM   445 O O   . SER A 1 67 ? -2.589  4.387   -12.655 1.00 39.66 ? 78   SER A O   1 
ATOM   446 C CB  . SER A 1 67 ? -3.894  2.167   -14.065 1.00 35.42 ? 78   SER A CB  1 
ATOM   447 O OG  . SER A 1 67 ? -3.905  1.051   -14.905 1.00 43.57 ? 78   SER A OG  1 
ATOM   448 N N   . ASN A 1 68 ? -0.982  3.480   -13.882 1.00 37.59 ? 79   ASN A N   1 
ATOM   449 C CA  . ASN A 1 68 ? -0.373  4.755   -14.118 1.00 45.03 ? 79   ASN A CA  1 
ATOM   450 C C   . ASN A 1 68 ? 0.066   5.449   -12.816 1.00 45.10 ? 79   ASN A C   1 
ATOM   451 O O   . ASN A 1 68 ? 0.074   6.694   -12.704 1.00 37.03 ? 79   ASN A O   1 
ATOM   452 C CB  . ASN A 1 68 ? -1.365  5.613   -14.906 1.00 56.44 ? 79   ASN A CB  1 
ATOM   453 C CG  . ASN A 1 68 ? -0.677  6.471   -15.927 1.00 68.93 ? 79   ASN A CG  1 
ATOM   454 O OD1 . ASN A 1 68 ? -0.167  5.968   -16.938 1.00 80.38 ? 79   ASN A OD1 1 
ATOM   455 N ND2 . ASN A 1 68 ? -0.623  7.771   -15.659 1.00 76.82 ? 79   ASN A ND2 1 
ATOM   456 N N   . ASP A 1 69 ? 0.410   4.627   -11.817 1.00 35.61 ? 80   ASP A N   1 
ATOM   457 C CA  . ASP A 1 69 ? 1.005   5.144   -10.597 1.00 30.53 ? 80   ASP A CA  1 
ATOM   458 C C   . ASP A 1 69 ? 2.185   4.250   -10.245 1.00 23.47 ? 80   ASP A C   1 
ATOM   459 O O   . ASP A 1 69 ? 2.196   3.087   -10.583 1.00 25.88 ? 80   ASP A O   1 
ATOM   460 C CB  . ASP A 1 69 ? -0.068  5.159   -9.457  1.00 25.88 ? 80   ASP A CB  1 
ATOM   461 C CG  . ASP A 1 69 ? 0.399   5.873   -8.265  1.00 25.77 ? 80   ASP A CG  1 
ATOM   462 O OD1 . ASP A 1 69 ? 1.039   5.230   -7.409  1.00 25.97 ? 80   ASP A OD1 1 
ATOM   463 O OD2 . ASP A 1 69 ? 0.210   7.099   -8.186  1.00 25.14 ? 80   ASP A OD2 1 
ATOM   464 N N   . LEU A 1 70 ? 3.164   4.807   -9.551  1.00 26.20 ? 81   LEU A N   1 
ATOM   465 C CA  . LEU A 1 70 ? 4.276   4.056   -9.015  1.00 24.37 ? 81   LEU A CA  1 
ATOM   466 C C   . LEU A 1 70 ? 3.758   2.763   -8.312  1.00 25.68 ? 81   LEU A C   1 
ATOM   467 O O   . LEU A 1 70 ? 4.317   1.673   -8.498  1.00 25.54 ? 81   LEU A O   1 
ATOM   468 C CB  . LEU A 1 70 ? 5.014   4.922   -8.013  1.00 26.43 ? 81   LEU A CB  1 
ATOM   469 C CG  . LEU A 1 70 ? 6.161   4.274   -7.209  1.00 29.62 ? 81   LEU A CG  1 
ATOM   470 C CD1 . LEU A 1 70 ? 7.270   3.812   -8.130  1.00 31.06 ? 81   LEU A CD1 1 
ATOM   471 C CD2 . LEU A 1 70 ? 6.694   5.223   -6.151  1.00 32.42 ? 81   LEU A CD2 1 
ATOM   472 N N   . LEU A 1 71 ? 2.660   2.885   -7.547  1.00 22.14 ? 82   LEU A N   1 
ATOM   473 C CA  . LEU A 1 71 ? 2.155   1.712   -6.820  1.00 19.98 ? 82   LEU A CA  1 
ATOM   474 C C   . LEU A 1 71 ? 1.845   0.544   -7.758  1.00 19.20 ? 82   LEU A C   1 
ATOM   475 O O   . LEU A 1 71 ? 2.052   -0.613  -7.447  1.00 19.75 ? 82   LEU A O   1 
ATOM   476 C CB  . LEU A 1 71 ? 0.924   2.074   -6.047  1.00 19.19 ? 82   LEU A CB  1 
ATOM   477 C CG  . LEU A 1 71 ? 0.357   0.942   -5.124  1.00 18.77 ? 82   LEU A CG  1 
ATOM   478 C CD1 . LEU A 1 71 ? 1.403   0.323   -4.225  1.00 19.60 ? 82   LEU A CD1 1 
ATOM   479 C CD2 . LEU A 1 71 ? -0.783  1.443   -4.291  1.00 19.50 ? 82   LEU A CD2 1 
ATOM   480 N N   . GLY A 1 72 ? 1.319   0.864   -8.933  1.00 20.60 ? 83   GLY A N   1 
ATOM   481 C CA  . GLY A 1 72 ? 0.955   -0.158  -9.890  1.00 22.72 ? 83   GLY A CA  1 
ATOM   482 C C   . GLY A 1 72 ? 2.129   -0.812  -10.543 1.00 22.08 ? 83   GLY A C   1 
ATOM   483 O O   . GLY A 1 72 ? 2.111   -2.021  -10.756 1.00 26.98 ? 83   GLY A O   1 
ATOM   484 N N   . ASP A 1 73 ? 3.155   -0.027  -10.818 1.00 23.98 ? 84   ASP A N   1 
ATOM   485 C CA  . ASP A 1 73 ? 4.462   -0.560  -11.205 1.00 28.61 ? 84   ASP A CA  1 
ATOM   486 C C   . ASP A 1 73 ? 5.013   -1.565  -10.142 1.00 30.57 ? 84   ASP A C   1 
ATOM   487 O O   . ASP A 1 73 ? 5.460   -2.676  -10.493 1.00 27.25 ? 84   ASP A O   1 
ATOM   488 C CB  . ASP A 1 73 ? 5.485   0.582   -11.461 1.00 29.12 ? 84   ASP A CB  1 
ATOM   489 C CG  . ASP A 1 73 ? 5.054   1.532   -12.580 1.00 30.29 ? 84   ASP A CG  1 
ATOM   490 O OD1 . ASP A 1 73 ? 4.152   1.170   -13.378 1.00 27.36 ? 84   ASP A OD1 1 
ATOM   491 O OD2 . ASP A 1 73 ? 5.589   2.649   -12.574 1.00 31.09 ? 84   ASP A OD2 1 
ATOM   492 N N   . LEU A 1 74 ? 4.934   -1.196  -8.857  1.00 24.15 ? 85   LEU A N   1 
ATOM   493 C CA  . LEU A 1 74 ? 5.411   -2.088  -7.804  1.00 23.10 ? 85   LEU A CA  1 
ATOM   494 C C   . LEU A 1 74 ? 4.622   -3.347  -7.620  1.00 20.88 ? 85   LEU A C   1 
ATOM   495 O O   . LEU A 1 74 ? 5.202   -4.419  -7.382  1.00 20.10 ? 85   LEU A O   1 
ATOM   496 C CB  . LEU A 1 74 ? 5.499   -1.342  -6.479  1.00 26.00 ? 85   LEU A CB  1 
ATOM   497 C CG  . LEU A 1 74 ? 6.419   -0.098  -6.552  1.00 28.55 ? 85   LEU A CG  1 
ATOM   498 C CD1 . LEU A 1 74 ? 6.649   0.584   -5.221  1.00 29.12 ? 85   LEU A CD1 1 
ATOM   499 C CD2 . LEU A 1 74 ? 7.751   -0.493  -7.161  1.00 31.11 ? 85   LEU A CD2 1 
ATOM   500 N N   . PHE A 1 75 ? 3.312   -3.225  -7.647  1.00 17.39 ? 86   PHE A N   1 
ATOM   501 C CA  . PHE A 1 75 ? 2.431   -4.347  -7.349  1.00 18.06 ? 86   PHE A CA  1 
ATOM   502 C C   . PHE A 1 75 ? 2.199   -5.208  -8.574  1.00 20.61 ? 86   PHE A C   1 
ATOM   503 O O   . PHE A 1 75 ? 1.792   -6.367  -8.442  1.00 21.77 ? 86   PHE A O   1 
ATOM   504 C CB  . PHE A 1 75 ? 1.086   -3.804  -6.808  1.00 17.24 ? 86   PHE A CB  1 
ATOM   505 C CG  . PHE A 1 75 ? 1.112   -3.495  -5.339  1.00 15.60 ? 86   PHE A CG  1 
ATOM   506 C CD1 . PHE A 1 75 ? 2.325   -3.407  -4.631  1.00 16.76 ? 86   PHE A CD1 1 
ATOM   507 C CD2 . PHE A 1 75 ? -0.087  -3.384  -4.639  1.00 16.61 ? 86   PHE A CD2 1 
ATOM   508 C CE1 . PHE A 1 75 ? 2.331   -3.156  -3.247  1.00 15.96 ? 86   PHE A CE1 1 
ATOM   509 C CE2 . PHE A 1 75 ? -0.092  -3.122  -3.262  1.00 15.75 ? 86   PHE A CE2 1 
ATOM   510 C CZ  . PHE A 1 75 ? 1.104   -3.058  -2.569  1.00 14.88 ? 86   PHE A CZ  1 
ATOM   511 N N   . GLY A 1 76 ? 2.461   -4.643  -9.747  1.00 24.59 ? 87   GLY A N   1 
ATOM   512 C CA  . GLY A 1 76 ? 2.233   -5.343  -11.053 1.00 28.60 ? 87   GLY A CA  1 
ATOM   513 C C   . GLY A 1 76 ? 0.762   -5.630  -11.393 1.00 28.87 ? 87   GLY A C   1 
ATOM   514 O O   . GLY A 1 76 ? 0.441   -6.640  -12.023 1.00 26.85 ? 87   GLY A O   1 
ATOM   515 N N   . VAL A 1 77 ? -0.154  -4.795  -10.890 1.00 24.27 ? 88   VAL A N   1 
ATOM   516 C CA  . VAL A 1 77 ? -1.570  -4.882  -11.186 1.00 22.39 ? 88   VAL A CA  1 
ATOM   517 C C   . VAL A 1 77 ? -2.076  -3.472  -11.413 1.00 23.77 ? 88   VAL A C   1 
ATOM   518 O O   . VAL A 1 77 ? -1.454  -2.511  -10.947 1.00 27.85 ? 88   VAL A O   1 
ATOM   519 C CB  . VAL A 1 77 ? -2.422  -5.579  -10.088 1.00 21.72 ? 88   VAL A CB  1 
ATOM   520 C CG1 . VAL A 1 77 ? -1.952  -7.023  -9.898  1.00 24.58 ? 88   VAL A CG1 1 
ATOM   521 C CG2 . VAL A 1 77 ? -2.324  -4.816  -8.739  1.00 21.41 ? 88   VAL A CG2 1 
ATOM   522 N N   . PRO A 1 78 ? -3.187  -3.324  -12.188 1.00 24.17 ? 89   PRO A N   1 
ATOM   523 C CA  . PRO A 1 78 ? -3.810  -2.028  -12.416 1.00 24.16 ? 89   PRO A CA  1 
ATOM   524 C C   . PRO A 1 78 ? -4.843  -1.727  -11.316 1.00 22.24 ? 89   PRO A C   1 
ATOM   525 O O   . PRO A 1 78 ? -5.209  -0.573  -11.126 1.00 22.59 ? 89   PRO A O   1 
ATOM   526 C CB  . PRO A 1 78 ? -4.528  -2.238  -13.776 1.00 25.40 ? 89   PRO A CB  1 
ATOM   527 C CG  . PRO A 1 78 ? -4.974  -3.626  -13.697 1.00 25.81 ? 89   PRO A CG  1 
ATOM   528 C CD  . PRO A 1 78 ? -3.796  -4.353  -13.064 1.00 27.29 ? 89   PRO A CD  1 
ATOM   529 N N   . SER A 1 79 ? -5.293  -2.745  -10.582 1.00 22.09 ? 90   SER A N   1 
ATOM   530 C CA  . SER A 1 79 ? -6.094  -2.496  -9.399  1.00 22.10 ? 90   SER A CA  1 
ATOM   531 C C   . SER A 1 79 ? -6.046  -3.677  -8.487  1.00 20.99 ? 90   SER A C   1 
ATOM   532 O O   . SER A 1 79 ? -5.608  -4.743  -8.878  1.00 22.09 ? 90   SER A O   1 
ATOM   533 C CB  . SER A 1 79 ? -7.572  -2.245  -9.752  1.00 22.86 ? 90   SER A CB  1 
ATOM   534 O OG  . SER A 1 79 ? -8.082  -3.429  -10.288 1.00 26.31 ? 90   SER A OG  1 
ATOM   535 N N   . PHE A 1 80 ? -6.554  -3.486  -7.274  1.00 19.08 ? 91   PHE A N   1 
ATOM   536 C CA  . PHE A 1 80 ? -6.735  -4.586  -6.332  1.00 18.50 ? 91   PHE A CA  1 
ATOM   537 C C   . PHE A 1 80 ? -7.770  -4.217  -5.300  1.00 17.52 ? 91   PHE A C   1 
ATOM   538 O O   . PHE A 1 80 ? -8.136  -3.032  -5.181  1.00 16.96 ? 91   PHE A O   1 
ATOM   539 C CB  . PHE A 1 80 ? -5.381  -4.931  -5.638  1.00 18.68 ? 91   PHE A CB  1 
ATOM   540 C CG  . PHE A 1 80 ? -4.830  -3.843  -4.768  1.00 17.16 ? 91   PHE A CG  1 
ATOM   541 C CD1 . PHE A 1 80 ? -4.008  -2.891  -5.310  1.00 15.29 ? 91   PHE A CD1 1 
ATOM   542 C CD2 . PHE A 1 80 ? -5.144  -3.767  -3.408  1.00 16.34 ? 91   PHE A CD2 1 
ATOM   543 C CE1 . PHE A 1 80 ? -3.516  -1.856  -4.561  1.00 16.97 ? 91   PHE A CE1 1 
ATOM   544 C CE2 . PHE A 1 80 ? -4.609  -2.726  -2.634  1.00 16.47 ? 91   PHE A CE2 1 
ATOM   545 C CZ  . PHE A 1 80 ? -3.786  -1.773  -3.225  1.00 14.83 ? 91   PHE A CZ  1 
ATOM   546 N N   . SER A 1 81 ? -8.233  -5.210  -4.535  1.00 16.78 ? 92   SER A N   1 
ATOM   547 C CA  . SER A 1 81 ? -9.207  -5.002  -3.468  1.00 16.39 ? 92   SER A CA  1 
ATOM   548 C C   . SER A 1 81 ? -8.533  -5.013  -2.130  1.00 15.54 ? 92   SER A C   1 
ATOM   549 O O   . SER A 1 81 ? -7.742  -5.962  -1.837  1.00 13.17 ? 92   SER A O   1 
ATOM   550 C CB  . SER A 1 81 ? -10.289 -6.071  -3.489  1.00 16.74 ? 92   SER A CB  1 
ATOM   551 O OG  . SER A 1 81 ? -11.084 -6.017  -2.287  1.00 17.33 ? 92   SER A OG  1 
ATOM   552 N N   . VAL A 1 82 ? -8.916  -4.040  -1.269  1.00 15.09 ? 93   VAL A N   1 
ATOM   553 C CA  . VAL A 1 82 ? -8.338  -3.978  0.074   1.00 15.42 ? 93   VAL A CA  1 
ATOM   554 C C   . VAL A 1 82 ? -8.664  -5.233  0.885   1.00 16.46 ? 93   VAL A C   1 
ATOM   555 O O   . VAL A 1 82 ? -7.865  -5.638  1.769   1.00 16.33 ? 93   VAL A O   1 
ATOM   556 C CB  . VAL A 1 82 ? -8.721  -2.704  0.788   1.00 15.23 ? 93   VAL A CB  1 
ATOM   557 C CG1 . VAL A 1 82 ? -8.159  -2.678  2.185   1.00 15.93 ? 93   VAL A CG1 1 
ATOM   558 C CG2 . VAL A 1 82 ? -8.183  -1.516  -0.032  1.00 15.17 ? 93   VAL A CG2 1 
ATOM   559 N N   . LYS A 1 83 ? -9.792  -5.879  0.539   1.00 15.86 ? 94   LYS A N   1 
ATOM   560 C CA  . LYS A 1 83 ? -10.253 -7.055  1.239   1.00 16.82 ? 94   LYS A CA  1 
ATOM   561 C C   . LYS A 1 83 ? -9.374  -8.279  1.041   1.00 17.15 ? 94   LYS A C   1 
ATOM   562 O O   . LYS A 1 83 ? -9.422  -9.145  1.874   1.00 17.56 ? 94   LYS A O   1 
ATOM   563 C CB  . LYS A 1 83 ? -11.662 -7.433  0.833   1.00 19.71 ? 94   LYS A CB  1 
ATOM   564 C CG  . LYS A 1 83 ? -12.709 -6.364  1.099   1.00 20.25 ? 94   LYS A CG  1 
ATOM   565 C CD  . LYS A 1 83 ? -13.991 -6.880  0.428   1.00 23.40 ? 94   LYS A CD  1 
ATOM   566 C CE  . LYS A 1 83 ? -15.180 -5.946  0.618   1.00 25.42 ? 94   LYS A CE  1 
ATOM   567 N NZ  . LYS A 1 83 ? -16.465 -6.515  0.086   1.00 23.59 ? 94   LYS A NZ  1 
ATOM   568 N N   . GLU A 1 84 ? -8.540  -8.278  0.013   1.00 16.06 ? 95   GLU A N   1 
ATOM   569 C CA  . GLU A 1 84 ? -7.618  -9.357  -0.319  1.00 18.18 ? 95   GLU A CA  1 
ATOM   570 C C   . GLU A 1 84 ? -6.280  -9.281  0.428   1.00 14.58 ? 95   GLU A C   1 
ATOM   571 O O   . GLU A 1 84 ? -5.224  -9.063  -0.171  1.00 13.51 ? 95   GLU A O   1 
ATOM   572 C CB  . GLU A 1 84 ? -7.359  -9.348  -1.823  1.00 20.33 ? 95   GLU A CB  1 
ATOM   573 C CG  . GLU A 1 84 ? -8.610  -9.583  -2.643  1.00 27.76 ? 95   GLU A CG  1 
ATOM   574 C CD  . GLU A 1 84 ? -8.912  -11.052 -2.847  1.00 36.98 ? 95   GLU A CD  1 
ATOM   575 O OE1 . GLU A 1 84 ? -8.134  -11.932 -2.370  1.00 37.12 ? 95   GLU A OE1 1 
ATOM   576 O OE2 . GLU A 1 84 ? -9.953  -11.337 -3.491  1.00 45.62 ? 95   GLU A OE2 1 
ATOM   577 N N   . HIS A 1 85 ? -6.355  -9.497  1.735   1.00 13.69 ? 96   HIS A N   1 
ATOM   578 C CA  . HIS A 1 85 ? -5.215  -9.210  2.595   1.00 14.67 ? 96   HIS A CA  1 
ATOM   579 C C   . HIS A 1 85 ? -3.990  -10.036 2.187   1.00 15.81 ? 96   HIS A C   1 
ATOM   580 O O   . HIS A 1 85 ? -2.890  -9.510  2.041   1.00 14.64 ? 96   HIS A O   1 
ATOM   581 C CB  . HIS A 1 85 ? -5.547  -9.455  4.061   1.00 14.68 ? 96   HIS A CB  1 
ATOM   582 C CG  . HIS A 1 85 ? -6.696  -8.652  4.572   1.00 15.05 ? 96   HIS A CG  1 
ATOM   583 N ND1 . HIS A 1 85 ? -7.356  -8.972  5.734   1.00 15.51 ? 96   HIS A ND1 1 
ATOM   584 C CD2 . HIS A 1 85 ? -7.349  -7.574  4.055   1.00 14.18 ? 96   HIS A CD2 1 
ATOM   585 C CE1 . HIS A 1 85 ? -8.333  -8.095  5.949   1.00 16.87 ? 96   HIS A CE1 1 
ATOM   586 N NE2 . HIS A 1 85 ? -8.377  -7.273  4.921   1.00 13.79 ? 96   HIS A NE2 1 
ATOM   587 N N   . ARG A 1 86 ? -4.182  -11.356 1.989   1.00 14.71 ? 97   ARG A N   1 
ATOM   588 C CA  . ARG A 1 86 ? -3.045  -12.206 1.675   1.00 15.87 ? 97   ARG A CA  1 
ATOM   589 C C   . ARG A 1 86 ? -2.399  -11.802 0.366   1.00 15.57 ? 97   ARG A C   1 
ATOM   590 O O   . ARG A 1 86 ? -1.207  -11.739 0.285   1.00 14.68 ? 97   ARG A O   1 
ATOM   591 C CB  . ARG A 1 86 ? -3.504  -13.688 1.674   1.00 17.95 ? 97   ARG A CB  1 
ATOM   592 C CG  . ARG A 1 86 ? -2.379  -14.717 1.635   1.00 22.31 ? 97   ARG A CG  1 
ATOM   593 C CD  . ARG A 1 86 ? -2.949  -16.131 1.364   1.00 27.52 ? 97   ARG A CD  1 
ATOM   594 N NE  . ARG A 1 86 ? -3.585  -16.177 0.036   1.00 33.95 ? 97   ARG A NE  1 
ATOM   595 C CZ  . ARG A 1 86 ? -2.926  -16.027 -1.108  1.00 40.67 ? 97   ARG A CZ  1 
ATOM   596 N NH1 . ARG A 1 86 ? -1.614  -15.917 -1.115  1.00 50.69 ? 97   ARG A NH1 1 
ATOM   597 N NH2 . ARG A 1 86 ? -3.581  -16.008 -2.271  1.00 44.73 ? 97   ARG A NH2 1 
ATOM   598 N N   . LYS A 1 87 ? -3.204  -11.453 -0.640  1.00 15.74 ? 98   LYS A N   1 
ATOM   599 C CA  . LYS A 1 87 ? -2.686  -11.043 -1.942  1.00 18.11 ? 98   LYS A CA  1 
ATOM   600 C C   . LYS A 1 87 ? -1.907  -9.719  -1.857  1.00 15.19 ? 98   LYS A C   1 
ATOM   601 O O   . LYS A 1 87 ? -0.950  -9.510  -2.569  1.00 14.02 ? 98   LYS A O   1 
ATOM   602 C CB  . LYS A 1 87 ? -3.849  -10.910 -2.911  1.00 22.38 ? 98   LYS A CB  1 
ATOM   603 C CG  . LYS A 1 87 ? -3.551  -10.255 -4.211  1.00 30.54 ? 98   LYS A CG  1 
ATOM   604 C CD  . LYS A 1 87 ? -4.753  -10.336 -5.179  1.00 43.14 ? 98   LYS A CD  1 
ATOM   605 C CE  . LYS A 1 87 ? -4.507  -9.525  -6.452  1.00 48.07 ? 98   LYS A CE  1 
ATOM   606 N NZ  . LYS A 1 87 ? -3.110  -9.635  -7.000  1.00 52.04 ? 98   LYS A NZ  1 
ATOM   607 N N   . ILE A 1 88 ? -2.347  -8.804  -0.992  1.00 14.89 ? 99   ILE A N   1 
ATOM   608 C CA  . ILE A 1 88 ? -1.629  -7.570  -0.784  1.00 13.60 ? 99   ILE A CA  1 
ATOM   609 C C   . ILE A 1 88 ? -0.281  -7.896  -0.186  1.00 13.71 ? 99   ILE A C   1 
ATOM   610 O O   . ILE A 1 88 ? 0.716   -7.332  -0.605  1.00 13.23 ? 99   ILE A O   1 
ATOM   611 C CB  . ILE A 1 88 ? -2.453  -6.588  0.032   1.00 13.92 ? 99   ILE A CB  1 
ATOM   612 C CG1 . ILE A 1 88 ? -3.626  -6.048  -0.832  1.00 14.11 ? 99   ILE A CG1 1 
ATOM   613 C CG2 . ILE A 1 88 ? -1.575  -5.421  0.505   1.00 15.19 ? 99   ILE A CG2 1 
ATOM   614 C CD1 . ILE A 1 88 ? -4.752  -5.420  -0.030  1.00 13.67 ? 99   ILE A CD1 1 
ATOM   615 N N   . TYR A 1 89 ? -0.212  -8.805  0.776   1.00 13.37 ? 100  TYR A N   1 
ATOM   616 C CA  . TYR A 1 89 ? 1.110   -9.208  1.286   1.00 13.50 ? 100  TYR A CA  1 
ATOM   617 C C   . TYR A 1 89 ? 1.983   -9.767  0.163   1.00 14.34 ? 100  TYR A C   1 
ATOM   618 O O   . TYR A 1 89 ? 3.171   -9.416  0.068   1.00 14.88 ? 100  TYR A O   1 
ATOM   619 C CB  . TYR A 1 89 ? 1.046   -10.178 2.457   1.00 13.56 ? 100  TYR A CB  1 
ATOM   620 C CG  . TYR A 1 89 ? 0.925   -9.581  3.822   1.00 13.59 ? 100  TYR A CG  1 
ATOM   621 C CD1 . TYR A 1 89 ? -0.150  -8.753  4.191   1.00 13.45 ? 100  TYR A CD1 1 
ATOM   622 C CD2 . TYR A 1 89 ? 1.761   -9.959  4.814   1.00 15.51 ? 100  TYR A CD2 1 
ATOM   623 C CE1 . TYR A 1 89 ? -0.224  -8.238  5.501   1.00 14.38 ? 100  TYR A CE1 1 
ATOM   624 C CE2 . TYR A 1 89 ? 1.644   -9.471  6.088   1.00 14.39 ? 100  TYR A CE2 1 
ATOM   625 C CZ  . TYR A 1 89 ? 0.664   -8.594  6.406   1.00 13.75 ? 100  TYR A CZ  1 
ATOM   626 O OH  . TYR A 1 89 ? 0.547   -8.129  7.692   1.00 14.17 ? 100  TYR A OH  1 
ATOM   627 N N   . THR A 1 90 ? 1.422   -10.604 -0.702  1.00 14.60 ? 101  THR A N   1 
ATOM   628 C CA  . THR A 1 90 ? 2.203   -11.097 -1.868  1.00 15.40 ? 101  THR A CA  1 
ATOM   629 C C   . THR A 1 90 ? 2.804   -10.008 -2.726  1.00 14.54 ? 101  THR A C   1 
ATOM   630 O O   . THR A 1 90 ? 3.971   -10.022 -3.015  1.00 14.41 ? 101  THR A O   1 
ATOM   631 C CB  . THR A 1 90 ? 1.315   -12.015 -2.747  1.00 16.90 ? 101  THR A CB  1 
ATOM   632 O OG1 . THR A 1 90 ? 0.784   -13.056 -1.941  1.00 16.74 ? 101  THR A OG1 1 
ATOM   633 C CG2 . THR A 1 90 ? 2.105   -12.591 -3.975  1.00 18.65 ? 101  THR A CG2 1 
ATOM   634 N N   . MET A 1 91 ? 2.019   -8.990  -3.026  1.00 14.25 ? 102  MET A N   1 
ATOM   635 C CA  . MET A 1 91 ? 2.449   -7.863  -3.789  1.00 14.36 ? 102  MET A CA  1 
ATOM   636 C C   . MET A 1 91 ? 3.495   -7.050  -3.116  1.00 14.08 ? 102  MET A C   1 
ATOM   637 O O   . MET A 1 91 ? 4.504   -6.626  -3.748  1.00 15.05 ? 102  MET A O   1 
ATOM   638 C CB  . MET A 1 91 ? 1.235   -7.019  -4.168  1.00 15.12 ? 102  MET A CB  1 
ATOM   639 C CG  . MET A 1 91 ? 0.337   -7.730  -5.163  1.00 17.40 ? 102  MET A CG  1 
ATOM   640 S SD  . MET A 1 91 ? -1.083  -6.806  -5.798  1.00 21.14 ? 102  MET A SD  1 
ATOM   641 C CE  . MET A 1 91 ? -2.073  -6.541  -4.374  1.00 19.67 ? 102  MET A CE  1 
ATOM   642 N N   . ILE A 1 92 ? 3.345   -6.841  -1.812  1.00 13.91 ? 103  ILE A N   1 
ATOM   643 C CA  . ILE A 1 92 ? 4.422   -6.167  -1.073  1.00 13.17 ? 103  ILE A CA  1 
ATOM   644 C C   . ILE A 1 92 ? 5.723   -6.980  -1.014  1.00 14.29 ? 103  ILE A C   1 
ATOM   645 O O   . ILE A 1 92 ? 6.819   -6.424  -1.201  1.00 13.61 ? 103  ILE A O   1 
ATOM   646 C CB  . ILE A 1 92 ? 3.935   -5.840  0.373   1.00 13.42 ? 103  ILE A CB  1 
ATOM   647 C CG1 . ILE A 1 92 ? 2.772   -4.822  0.302   1.00 13.83 ? 103  ILE A CG1 1 
ATOM   648 C CG2 . ILE A 1 92 ? 5.100   -5.446  1.233   1.00 13.83 ? 103  ILE A CG2 1 
ATOM   649 C CD1 . ILE A 1 92 ? 1.990   -4.570  1.597   1.00 14.04 ? 103  ILE A CD1 1 
ATOM   650 N N   . TYR A 1 93 ? 5.607   -8.300  -0.827  1.00 13.96 ? 104  TYR A N   1 
ATOM   651 C CA  . TYR A 1 93 ? 6.774   -9.144  -0.649  1.00 16.06 ? 104  TYR A CA  1 
ATOM   652 C C   . TYR A 1 93 ? 7.644   -9.211  -1.906  1.00 19.08 ? 104  TYR A C   1 
ATOM   653 O O   . TYR A 1 93 ? 8.853   -9.413  -1.803  1.00 22.60 ? 104  TYR A O   1 
ATOM   654 C CB  . TYR A 1 93 ? 6.388   -10.531 -0.150  1.00 15.70 ? 104  TYR A CB  1 
ATOM   655 C CG  . TYR A 1 93 ? 6.568   -10.651 1.310   1.00 17.25 ? 104  TYR A CG  1 
ATOM   656 C CD1 . TYR A 1 93 ? 5.684   -10.097 2.180   1.00 18.19 ? 104  TYR A CD1 1 
ATOM   657 C CD2 . TYR A 1 93 ? 7.702   -11.301 1.840   1.00 20.46 ? 104  TYR A CD2 1 
ATOM   658 C CE1 . TYR A 1 93 ? 5.895   -10.166 3.533   1.00 20.41 ? 104  TYR A CE1 1 
ATOM   659 C CE2 . TYR A 1 93 ? 7.919   -11.383 3.163   1.00 20.93 ? 104  TYR A CE2 1 
ATOM   660 C CZ  . TYR A 1 93 ? 7.027   -10.820 4.024   1.00 22.74 ? 104  TYR A CZ  1 
ATOM   661 O OH  . TYR A 1 93 ? 7.284   -10.890 5.390   1.00 24.78 ? 104  TYR A OH  1 
ATOM   662 N N   . ARG A 1 94 ? 7.052   -8.925  -3.053  1.00 21.85 ? 105  ARG A N   1 
ATOM   663 C CA  . ARG A 1 94 ? 7.804   -8.762  -4.332  1.00 25.58 ? 105  ARG A CA  1 
ATOM   664 C C   . ARG A 1 94 ? 8.761   -7.573  -4.229  1.00 24.84 ? 105  ARG A C   1 
ATOM   665 O O   . ARG A 1 94 ? 9.710   -7.460  -4.988  1.00 24.04 ? 105  ARG A O   1 
ATOM   666 C CB  . ARG A 1 94 ? 6.845   -8.529  -5.490  1.00 29.54 ? 105  ARG A CB  1 
ATOM   667 C CG  . ARG A 1 94 ? 6.019   -9.780  -5.837  1.00 35.62 ? 105  ARG A CG  1 
ATOM   668 C CD  . ARG A 1 94 ? 5.124   -9.644  -7.096  1.00 42.70 ? 105  ARG A CD  1 
ATOM   669 N NE  . ARG A 1 94 ? 4.528   -10.947 -7.436  1.00 47.08 ? 105  ARG A NE  1 
ATOM   670 C CZ  . ARG A 1 94 ? 3.242   -11.278 -7.335  1.00 44.26 ? 105  ARG A CZ  1 
ATOM   671 N NH1 . ARG A 1 94 ? 2.326   -10.406 -6.939  1.00 44.22 ? 105  ARG A NH1 1 
ATOM   672 N NH2 . ARG A 1 94 ? 2.861   -12.510 -7.657  1.00 44.82 ? 105  ARG A NH2 1 
ATOM   673 N N   . ASN A 1 95 ? 8.503   -6.691  -3.277  1.00 20.23 ? 106  ASN A N   1 
ATOM   674 C CA  . ASN A 1 95 ? 9.233   -5.458  -3.130  1.00 20.17 ? 106  ASN A CA  1 
ATOM   675 C C   . ASN A 1 95 ? 10.038  -5.431  -1.842  1.00 21.52 ? 106  ASN A C   1 
ATOM   676 O O   . ASN A 1 95 ? 10.415  -4.372  -1.357  1.00 20.01 ? 106  ASN A O   1 
ATOM   677 C CB  . ASN A 1 95 ? 8.214   -4.351  -3.174  1.00 20.78 ? 106  ASN A CB  1 
ATOM   678 C CG  . ASN A 1 95 ? 7.584   -4.254  -4.534  1.00 20.86 ? 106  ASN A CG  1 
ATOM   679 O OD1 . ASN A 1 95 ? 6.440   -4.713  -4.808  1.00 23.65 ? 106  ASN A OD1 1 
ATOM   680 N ND2 . ASN A 1 95 ? 8.322   -3.644  -5.423  1.00 19.22 ? 106  ASN A ND2 1 
ATOM   681 N N   . LEU A 1 96 ? 10.318  -6.612  -1.295  1.00 17.71 ? 107  LEU A N   1 
ATOM   682 C CA  . LEU A 1 96 ? 11.143  -6.739  -0.131  1.00 19.84 ? 107  LEU A CA  1 
ATOM   683 C C   . LEU A 1 96 ? 12.430  -7.464  -0.502  1.00 26.66 ? 107  LEU A C   1 
ATOM   684 O O   . LEU A 1 96 ? 12.421  -8.386  -1.311  1.00 25.49 ? 107  LEU A O   1 
ATOM   685 C CB  . LEU A 1 96 ? 10.401  -7.454  1.005   1.00 19.02 ? 107  LEU A CB  1 
ATOM   686 C CG  . LEU A 1 96 ? 9.084   -6.797  1.460   1.00 18.99 ? 107  LEU A CG  1 
ATOM   687 C CD1 . LEU A 1 96 ? 8.356   -7.648  2.515   1.00 19.61 ? 107  LEU A CD1 1 
ATOM   688 C CD2 . LEU A 1 96 ? 9.354   -5.414  1.995   1.00 18.70 ? 107  LEU A CD2 1 
ATOM   689 N N   . VAL A 1 97 ? 13.518  -6.998  0.084   1.00 27.90 ? 108  VAL A N   1 
ATOM   690 C CA  . VAL A 1 97 ? 14.843  -7.511  -0.138  1.00 30.19 ? 108  VAL A CA  1 
ATOM   691 C C   . VAL A 1 97 ? 14.935  -8.891  0.472   1.00 32.60 ? 108  VAL A C   1 
ATOM   692 O O   . VAL A 1 97 ? 14.478  -9.079  1.588   1.00 32.02 ? 108  VAL A O   1 
ATOM   693 C CB  . VAL A 1 97 ? 15.901  -6.607  0.523   1.00 34.19 ? 108  VAL A CB  1 
ATOM   694 C CG1 . VAL A 1 97 ? 17.246  -7.338  0.650   1.00 39.07 ? 108  VAL A CG1 1 
ATOM   695 C CG2 . VAL A 1 97 ? 16.066  -5.325  -0.282  1.00 31.95 ? 108  VAL A CG2 1 
ATOM   696 O OXT . VAL A 1 97 ? 15.459  -9.835  -0.178  1.00 35.84 ? 108  VAL A OXT 1 
HETATM 697 C CN  . LAY B 2 1  ? -19.517 0.408   2.762   1.00 36.31 ? 1    LAY B CN  1 
HETATM 698 O O   . LAY B 2 1  ? -20.091 1.382   3.221   1.00 30.40 ? 1    LAY B O   1 
HETATM 699 C CH3 . LAY B 2 1  ? -20.280 -0.628  1.970   1.00 39.53 ? 1    LAY B CH3 1 
HETATM 700 N N   . LAY B 2 1  ? -18.248 0.122   3.033   1.00 27.25 ? 1    LAY B N   1 
HETATM 701 C CA  . LAY B 2 1  ? -17.509 0.826   4.075   1.00 26.41 ? 1    LAY B CA  1 
HETATM 702 C C   . LAY B 2 1  ? -16.716 1.992   3.495   1.00 22.82 ? 1    LAY B C   1 
HETATM 703 O ON  . LAY B 2 1  ? -16.496 2.066   2.286   1.00 21.23 ? 1    LAY B ON  1 
HETATM 704 C CB  . LAY B 2 1  ? -16.572 -0.135  4.809   1.00 27.78 ? 1    LAY B CB  1 
HETATM 705 C CG  . LAY B 2 1  ? -17.133 -0.800  6.067   1.00 33.46 ? 1    LAY B CG  1 
HETATM 706 C CD1 . LAY B 2 1  ? -18.593 -1.178  5.870   1.00 35.17 ? 1    LAY B CD1 1 
HETATM 707 C CD2 . LAY B 2 1  ? -16.307 -2.020  6.445   1.00 28.52 ? 1    LAY B CD2 1 
ATOM   708 N N   . THR B 2 2  ? -15.962 2.814   4.278   1.00 21.26 ? 2    THR B N   1 
ATOM   709 C CA  . THR B 2 2  ? -14.970 3.727   3.735   1.00 21.68 ? 2    THR B CA  1 
ATOM   710 C C   . THR B 2 2  ? -13.650 2.993   3.471   1.00 18.83 ? 2    THR B C   1 
ATOM   711 O O   . THR B 2 2  ? -13.384 1.959   4.052   1.00 17.93 ? 2    THR B O   1 
ATOM   712 C CB  . THR B 2 2  ? -14.694 4.864   4.708   1.00 21.16 ? 2    THR B CB  1 
ATOM   713 O OG1 . THR B 2 2  ? -14.090 4.365   5.899   1.00 21.86 ? 2    THR B OG1 1 
ATOM   714 C CG2 . THR B 2 2  ? -16.002 5.517   5.093   1.00 26.50 ? 2    THR B CG2 1 
ATOM   715 N N   . PHE B 2 3  ? -12.836 3.576   2.583   1.00 19.28 ? 3    PHE B N   1 
ATOM   716 C CA  . PHE B 2 3  ? -11.493 3.085   2.318   1.00 18.58 ? 3    PHE B CA  1 
ATOM   717 C C   . PHE B 2 3  ? -10.764 2.825   3.617   1.00 17.31 ? 3    PHE B C   1 
ATOM   718 O O   . PHE B 2 3  ? -10.231 1.708   3.836   1.00 16.84 ? 3    PHE B O   1 
ATOM   719 C CB  . PHE B 2 3  ? -10.652 4.032   1.453   1.00 17.68 ? 3    PHE B CB  1 
ATOM   720 C CG  . PHE B 2 3  ? -9.220  3.628   1.425   1.00 17.29 ? 3    PHE B CG  1 
ATOM   721 C CD1 . PHE B 2 3  ? -8.829  2.562   0.588   1.00 15.91 ? 3    PHE B CD1 1 
ATOM   722 C CD2 . PHE B 2 3  ? -8.291  4.209   2.297   1.00 15.95 ? 3    PHE B CD2 1 
ATOM   723 C CE1 . PHE B 2 3  ? -7.481  2.104   0.581   1.00 16.31 ? 3    PHE B CE1 1 
ATOM   724 C CE2 . PHE B 2 3  ? -6.975  3.784   2.282   1.00 17.18 ? 3    PHE B CE2 1 
ATOM   725 C CZ  . PHE B 2 3  ? -6.562  2.729   1.427   1.00 15.69 ? 3    PHE B CZ  1 
ATOM   726 N N   . ALA B 2 4  ? -10.720 3.816   4.508   1.00 16.35 ? 4    ALA B N   1 
ATOM   727 C CA  . ALA B 2 4  ? -9.975  3.595   5.731   1.00 18.50 ? 4    ALA B CA  1 
ATOM   728 C C   . ALA B 2 4  ? -10.476 2.440   6.611   1.00 17.27 ? 4    ALA B C   1 
ATOM   729 O O   . ALA B 2 4  ? -9.679  1.765   7.222   1.00 14.96 ? 4    ALA B O   1 
ATOM   730 C CB  . ALA B 2 4  ? -9.794  4.881   6.527   1.00 19.83 ? 4    ALA B CB  1 
ATOM   731 N N   . GLU B 2 5  ? -11.788 2.185   6.630   1.00 17.69 ? 5    GLU B N   1 
ATOM   732 C CA  . GLU B 2 5  ? -12.328 1.088   7.410   1.00 19.81 ? 5    GLU B CA  1 
ATOM   733 C C   . GLU B 2 5  ? -11.878 -0.273  6.841   1.00 18.13 ? 5    GLU B C   1 
ATOM   734 O O   . GLU B 2 5  ? -11.540 -1.240  7.593   1.00 17.65 ? 5    GLU B O   1 
ATOM   735 C CB  . GLU B 2 5  ? -13.869 1.193   7.428   1.00 21.44 ? 5    GLU B CB  1 
ATOM   736 C CG  . GLU B 2 5  ? -14.383 2.359   8.263   1.00 26.69 ? 5    GLU B CG  1 
ATOM   737 C CD  . GLU B 2 5  ? -15.890 2.472   8.275   1.00 28.13 ? 5    GLU B CD  1 
ATOM   738 O OE1 . GLU B 2 5  ? -16.456 2.950   7.271   1.00 29.20 ? 5    GLU B OE1 1 
ATOM   739 O OE2 . GLU B 2 5  ? -16.511 2.102   9.304   1.00 36.10 ? 5    GLU B OE2 1 
ATOM   740 N N   . TYR B 2 6  ? -11.819 -0.346  5.529   1.00 15.82 ? 6    TYR B N   1 
ATOM   741 C CA  . TYR B 2 6  ? -11.290 -1.557  4.886   1.00 17.06 ? 6    TYR B CA  1 
ATOM   742 C C   . TYR B 2 6  ? -9.783  -1.664  5.176   1.00 17.76 ? 6    TYR B C   1 
ATOM   743 O O   . TYR B 2 6  ? -9.258  -2.759  5.475   1.00 16.52 ? 6    TYR B O   1 
ATOM   744 C CB  . TYR B 2 6  ? -11.525 -1.582  3.387   1.00 16.93 ? 6    TYR B CB  1 
ATOM   745 C CG  . TYR B 2 6  ? -12.947 -1.730  2.976   1.00 18.49 ? 6    TYR B CG  1 
ATOM   746 C CD1 . TYR B 2 6  ? -13.680 -2.866  3.297   1.00 19.01 ? 6    TYR B CD1 1 
ATOM   747 C CD2 . TYR B 2 6  ? -13.583 -0.710  2.259   1.00 18.52 ? 6    TYR B CD2 1 
ATOM   748 C CE1 . TYR B 2 6  ? -14.981 -2.990  2.874   1.00 22.45 ? 6    TYR B CE1 1 
ATOM   749 C CE2 . TYR B 2 6  ? -14.859 -0.844  1.809   1.00 20.45 ? 6    TYR B CE2 1 
ATOM   750 C CZ  . TYR B 2 6  ? -15.582 -1.976  2.157   1.00 24.66 ? 6    TYR B CZ  1 
ATOM   751 O OH  . TYR B 2 6  ? -16.892 -2.082  1.748   1.00 25.48 ? 6    TYR B OH  1 
ATOM   752 N N   . TRP B 2 7  ? -9.084  -0.540  5.104   1.00 15.20 ? 7    TRP B N   1 
ATOM   753 C CA  . TRP B 2 7  ? -7.652  -0.572  5.247   1.00 14.53 ? 7    TRP B CA  1 
ATOM   754 C C   . TRP B 2 7  ? -7.280  -0.967  6.683   1.00 15.55 ? 7    TRP B C   1 
ATOM   755 O O   . TRP B 2 7  ? -6.256  -1.640  6.910   1.00 14.20 ? 7    TRP B O   1 
ATOM   756 C CB  . TRP B 2 7  ? -7.042  0.751   4.795   1.00 13.54 ? 7    TRP B CB  1 
ATOM   757 C CG  . TRP B 2 7  ? -5.561  0.663   4.606   1.00 12.53 ? 7    TRP B CG  1 
ATOM   758 C CD1 . TRP B 2 7  ? -4.623  1.028   5.528   1.00 12.25 ? 7    TRP B CD1 1 
ATOM   759 C CD2 . TRP B 2 7  ? -4.859  0.105   3.508   1.00 12.21 ? 7    TRP B CD2 1 
ATOM   760 N NE1 . TRP B 2 7  ? -3.394  0.743   5.069   1.00 12.44 ? 7    TRP B NE1 1 
ATOM   761 C CE2 . TRP B 2 7  ? -3.480  0.182   3.829   1.00 11.99 ? 7    TRP B CE2 1 
ATOM   762 C CE3 . TRP B 2 7  ? -5.251  -0.411  2.232   1.00 13.18 ? 7    TRP B CE3 1 
ATOM   763 C CZ2 . TRP B 2 7  ? -2.475  -0.258  2.958   1.00 12.89 ? 7    TRP B CZ2 1 
ATOM   764 C CZ3 . TRP B 2 7  ? -4.272  -0.838  1.368   1.00 13.54 ? 7    TRP B CZ3 1 
ATOM   765 C CH2 . TRP B 2 7  ? -2.884  -0.782  1.738   1.00 13.57 ? 7    TRP B CH2 1 
ATOM   766 N N   . ALA B 2 8  ? -8.105  -0.575  7.627   1.00 13.93 ? 8    ALA B N   1 
ATOM   767 C CA  . ALA B 2 8  ? -7.810  -0.851  9.036   1.00 15.82 ? 8    ALA B CA  1 
ATOM   768 C C   . ALA B 2 8  ? -7.907  -2.372  9.305   1.00 15.81 ? 8    ALA B C   1 
ATOM   769 O O   . ALA B 2 8  ? -7.183  -2.909  10.138  1.00 13.35 ? 8    ALA B O   1 
ATOM   770 C CB  . ALA B 2 8  ? -8.813  -0.154  9.944   1.00 16.09 ? 8    ALA B CB  1 
ATOM   771 N N   . GLN B 2 9  ? -8.854  -3.023  8.629   1.00 15.68 ? 9    GLN B N   1 
ATOM   772 C CA  . GLN B 2 9  ? -8.971  -4.495  8.728   1.00 16.03 ? 9    GLN B CA  1 
ATOM   773 C C   . GLN B 2 9  ? -7.702  -5.141  8.272   1.00 15.53 ? 9    GLN B C   1 
ATOM   774 O O   . GLN B 2 9  ? -7.147  -6.007  8.965   1.00 15.61 ? 9    GLN B O   1 
ATOM   775 C CB  . GLN B 2 9  ? -10.137 -4.979  7.898   1.00 16.85 ? 9    GLN B CB  1 
ATOM   776 C CG  . GLN B 2 9  ? -11.488 -4.403  8.324   1.00 18.82 ? 9    GLN B CG  1 
ATOM   777 C CD  . GLN B 2 9  ? -12.651 -4.798  7.401   1.00 21.31 ? 9    GLN B CD  1 
ATOM   778 O OE1 . GLN B 2 9  ? -12.478 -5.371  6.311   1.00 20.08 ? 9    GLN B OE1 1 
ATOM   779 N NE2 . GLN B 2 9  ? -13.855 -4.478  7.848   1.00 23.82 ? 9    GLN B NE2 1 
ATOM   780 N N   . LEU B 2 10 ? -7.216  -4.691  7.120   1.00 14.66 ? 10   LEU B N   1 
ATOM   781 C CA  . LEU B 2 10 ? -5.948  -5.145  6.587   1.00 15.32 ? 10   LEU B CA  1 
ATOM   782 C C   . LEU B 2 10 ? -4.810  -4.922  7.578   1.00 15.44 ? 10   LEU B C   1 
ATOM   783 O O   . LEU B 2 10 ? -3.975  -5.832  7.843   1.00 13.35 ? 10   LEU B O   1 
ATOM   784 C CB  . LEU B 2 10 ? -5.639  -4.421  5.261   1.00 14.15 ? 10   LEU B CB  1 
ATOM   785 C CG  . LEU B 2 10 ? -4.230  -4.588  4.665   1.00 16.24 ? 10   LEU B CG  1 
ATOM   786 C CD1 . LEU B 2 10 ? -3.895  -6.064  4.373   1.00 16.63 ? 10   LEU B CD1 1 
ATOM   787 C CD2 . LEU B 2 10 ? -4.064  -3.762  3.405   1.00 15.61 ? 10   LEU B CD2 1 
ATOM   788 N N   . ALA B 2 11 ? -4.750  -3.700  8.130   1.00 14.82 ? 11   ALA B N   1 
ATOM   789 C CA  . ALA B 2 11 ? -3.642  -3.331  9.035   1.00 14.92 ? 11   ALA B CA  1 
ATOM   790 C C   . ALA B 2 11 ? -3.680  -4.124  10.345  1.00 16.22 ? 11   ALA B C   1 
ATOM   791 O O   . ALA B 2 11 ? -2.606  -4.462  10.918  1.00 16.54 ? 11   ALA B O   1 
ATOM   792 C CB  . ALA B 2 11 ? -3.649  -1.811  9.324   1.00 15.55 ? 11   ALA B CB  1 
ATOM   793 N N   . SER B 2 12 ? -4.871  -4.492  10.785  1.00 16.86 ? 12   SER B N   1 
ATOM   794 C CA  . SER B 2 12 ? -4.998  -5.245  12.003  1.00 17.27 ? 12   SER B CA  1 
ATOM   795 C C   . SER B 2 12 ? -4.605  -6.701  11.816  1.00 19.19 ? 12   SER B C   1 
ATOM   796 O O   . SER B 2 12 ? -4.587  -7.272  10.672  1.00 19.83 ? 12   SER B O   1 
ATOM   797 C CB  . SER B 2 12 ? -6.405  -5.173  12.569  1.00 20.91 ? 12   SER B CB  1 
ATOM   798 O OG  . SER B 2 12 ? -7.288  -5.868  11.733  1.00 29.51 ? 12   SER B OG  1 
ATOM   799 O OXT . SER B 2 12 ? -4.236  -7.271  12.878  1.00 16.51 ? 12   SER B OXT 1 
HETATM 800 C CAK . P07 C 3 .  ? -9.326  4.676   7.899   1.00 19.33 ? 1030 P07 B CAK 1 
HETATM 801 C CAM . P07 C 3 .  ? -7.870  4.273   7.894   1.00 17.74 ? 1030 P07 B CAM 1 
HETATM 802 N NBA . P07 C 3 .  ? -7.245  3.896   9.245   1.00 16.04 ? 1030 P07 B NBA 1 
HETATM 803 N NAQ . P07 C 3 .  ? -7.894  3.258   10.238  1.00 15.57 ? 1030 P07 B NAQ 1 
HETATM 804 N NAP . P07 C 3 .  ? -7.077  2.957   11.101  1.00 14.96 ? 1030 P07 B NAP 1 
HETATM 805 C CAX . P07 C 3 .  ? -5.843  3.421   10.809  1.00 13.88 ? 1030 P07 B CAX 1 
HETATM 806 C CAY . P07 C 3 .  ? -5.942  4.031   9.579   1.00 13.83 ? 1030 P07 B CAY 1 
HETATM 807 C CAU . P07 C 3 .  ? -5.028  4.723   8.806   1.00 15.01 ? 1030 P07 B CAU 1 
HETATM 808 C CAI . P07 C 3 .  ? -5.361  6.070   8.479   1.00 16.48 ? 1030 P07 B CAI 1 
HETATM 809 C CAE . P07 C 3 .  ? -4.595  6.940   7.666   1.00 15.98 ? 1030 P07 B CAE 1 
HETATM 810 C CAC . P07 C 3 .  ? -3.392  6.431   7.190   1.00 16.08 ? 1030 P07 B CAC 1 
HETATM 811 C CAG . P07 C 3 .  ? -3.032  5.100   7.541   1.00 15.62 ? 1030 P07 B CAG 1 
HETATM 812 C CAS . P07 C 3 .  ? -3.807  4.247   8.343   1.00 15.82 ? 1030 P07 B CAS 1 
HETATM 813 C CAW . P07 C 3 .  ? -3.353  2.980   8.683   1.00 15.37 ? 1030 P07 B CAW 1 
HETATM 814 N NAO . P07 C 3 .  ? -2.780  2.118   7.826   1.00 14.24 ? 1030 P07 B NAO 1 
HETATM 815 N NAR . P07 C 3 .  ? -2.429  1.054   8.356   1.00 15.08 ? 1030 P07 B NAR 1 
HETATM 816 N NBB . P07 C 3 .  ? -2.731  1.110   9.664   1.00 15.82 ? 1030 P07 B NBB 1 
HETATM 817 C CAN . P07 C 3 .  ? -2.381  0.064   10.594  1.00 15.99 ? 1030 P07 B CAN 1 
HETATM 818 C CAL . P07 C 3 .  ? -2.319  -1.376  9.902   1.00 16.75 ? 1030 P07 B CAL 1 
HETATM 819 C CAZ . P07 C 3 .  ? -3.277  2.369   9.921   1.00 14.90 ? 1030 P07 B CAZ 1 
HETATM 820 C CAV . P07 C 3 .  ? -3.584  2.805   11.225  1.00 14.11 ? 1030 P07 B CAV 1 
HETATM 821 C CAT . P07 C 3 .  ? -4.801  3.316   11.646  1.00 12.77 ? 1030 P07 B CAT 1 
HETATM 822 C CAH . P07 C 3 .  ? -4.951  3.703   12.985  1.00 13.76 ? 1030 P07 B CAH 1 
HETATM 823 C CAD . P07 C 3 .  ? -3.898  3.617   13.903  1.00 13.01 ? 1030 P07 B CAD 1 
HETATM 824 C CAF . P07 C 3 .  ? -2.634  3.129   13.521  1.00 13.77 ? 1030 P07 B CAF 1 
HETATM 825 C CAJ . P07 C 3 .  ? -2.522  2.729   12.138  1.00 12.95 ? 1030 P07 B CAJ 1 
HETATM 826 O O   . HOH D 4 .  ? 6.622   -7.587  10.129  1.00 31.64 ? 2001 HOH A O   1 
HETATM 827 O O   . HOH D 4 .  ? 9.937   -10.721 9.204   1.00 40.53 ? 2002 HOH A O   1 
HETATM 828 O O   . HOH D 4 .  ? 13.017  -8.016  3.628   1.00 27.08 ? 2003 HOH A O   1 
HETATM 829 O O   . HOH D 4 .  ? 20.166  -0.447  6.658   1.00 43.56 ? 2004 HOH A O   1 
HETATM 830 O O   . HOH D 4 .  ? 18.139  -0.835  2.910   1.00 35.83 ? 2005 HOH A O   1 
HETATM 831 O O   . HOH D 4 .  ? 16.430  -0.908  -0.602  1.00 34.96 ? 2006 HOH A O   1 
HETATM 832 O O   . HOH D 4 .  ? 15.139  -0.373  2.584   1.00 21.94 ? 2007 HOH A O   1 
HETATM 833 O O   . HOH D 4 .  ? 11.506  -10.370 -3.192  1.00 53.67 ? 2008 HOH A O   1 
HETATM 834 O O   . HOH D 4 .  ? 14.957  4.244   -2.434  1.00 43.23 ? 2009 HOH A O   1 
HETATM 835 O O   . HOH D 4 .  ? 12.766  -1.406  -6.450  1.00 25.29 ? 2010 HOH A O   1 
HETATM 836 O O   . HOH D 4 .  ? 10.550  -1.968  -4.583  1.00 23.45 ? 2011 HOH A O   1 
HETATM 837 O O   . HOH D 4 .  ? 10.652  9.540   -1.386  1.00 28.67 ? 2012 HOH A O   1 
HETATM 838 O O   . HOH D 4 .  ? 15.253  8.552   -6.784  1.00 47.09 ? 2013 HOH A O   1 
HETATM 839 O O   . HOH D 4 .  ? 14.710  6.199   -0.629  1.00 42.25 ? 2014 HOH A O   1 
HETATM 840 O O   . HOH D 4 .  ? 10.410  10.686  4.731   1.00 26.61 ? 2015 HOH A O   1 
HETATM 841 O O   . HOH D 4 .  ? 16.068  6.073   1.512   1.00 46.86 ? 2016 HOH A O   1 
HETATM 842 O O   . HOH D 4 .  ? 16.535  5.550   6.146   1.00 34.67 ? 2017 HOH A O   1 
HETATM 843 O O   . HOH D 4 .  ? 15.460  9.569   5.366   1.00 37.43 ? 2018 HOH A O   1 
HETATM 844 O O   . HOH D 4 .  ? 15.348  -3.396  -6.690  1.00 40.32 ? 2019 HOH A O   1 
HETATM 845 O O   . HOH D 4 .  ? 3.221   10.767  -2.230  1.00 42.90 ? 2020 HOH A O   1 
HETATM 846 O O   . HOH D 4 .  ? 13.663  8.669   -1.352  1.00 50.07 ? 2021 HOH A O   1 
HETATM 847 O O   . HOH D 4 .  ? 9.457   6.081   9.973   1.00 15.06 ? 2022 HOH A O   1 
HETATM 848 O O   . HOH D 4 .  ? 9.946   13.181  5.879   1.00 39.26 ? 2023 HOH A O   1 
HETATM 849 O O   . HOH D 4 .  ? 13.160  -0.591  12.031  1.00 47.38 ? 2024 HOH A O   1 
HETATM 850 O O   . HOH D 4 .  ? 16.280  1.023   9.814   1.00 45.78 ? 2025 HOH A O   1 
HETATM 851 O O   . HOH D 4 .  ? 16.392  -3.625  10.964  1.00 39.57 ? 2026 HOH A O   1 
HETATM 852 O O   . HOH D 4 .  ? 3.843   -6.123  11.779  1.00 34.42 ? 2027 HOH A O   1 
HETATM 853 O O   . HOH D 4 .  ? 9.238   -0.566  14.979  1.00 41.08 ? 2028 HOH A O   1 
HETATM 854 O O   . HOH D 4 .  ? 5.517   4.593   12.115  1.00 24.42 ? 2029 HOH A O   1 
HETATM 855 O O   . HOH D 4 .  ? -2.536  10.654  4.005   1.00 41.21 ? 2030 HOH A O   1 
HETATM 856 O O   . HOH D 4 .  ? 0.505   11.616  8.435   1.00 17.81 ? 2031 HOH A O   1 
HETATM 857 O O   . HOH D 4 .  ? 0.770   11.412  3.945   1.00 27.73 ? 2032 HOH A O   1 
HETATM 858 O O   . HOH D 4 .  ? -0.210  -16.833 -4.522  1.00 54.65 ? 2033 HOH A O   1 
HETATM 859 O O   . HOH D 4 .  ? 5.007   -14.296 -1.205  1.00 35.87 ? 2034 HOH A O   1 
HETATM 860 O O   . HOH D 4 .  ? -3.308  10.320  -8.153  1.00 43.18 ? 2035 HOH A O   1 
HETATM 861 O O   . HOH D 4 .  ? -6.560  9.947   -8.267  1.00 38.74 ? 2036 HOH A O   1 
HETATM 862 O O   . HOH D 4 .  ? 3.389   7.754   -9.347  1.00 29.78 ? 2037 HOH A O   1 
HETATM 863 O O   . HOH D 4 .  ? -8.069  13.539  2.147   1.00 48.07 ? 2038 HOH A O   1 
HETATM 864 O O   . HOH D 4 .  ? -11.558 9.106   -4.806  1.00 53.04 ? 2039 HOH A O   1 
HETATM 865 O O   . HOH D 4 .  ? -8.767  9.534   1.686   1.00 36.79 ? 2040 HOH A O   1 
HETATM 866 O O   . HOH D 4 .  ? -13.034 7.689   2.206   1.00 31.35 ? 2041 HOH A O   1 
HETATM 867 O O   . HOH D 4 .  ? -16.430 5.911   -9.335  1.00 47.34 ? 2042 HOH A O   1 
HETATM 868 O O   . HOH D 4 .  ? -16.884 3.235   -9.867  1.00 58.23 ? 2043 HOH A O   1 
HETATM 869 O O   . HOH D 4 .  ? -17.427 1.650   -0.074  1.00 28.54 ? 2044 HOH A O   1 
HETATM 870 O O   . HOH D 4 .  ? -19.630 3.431   0.103   1.00 46.70 ? 2045 HOH A O   1 
HETATM 871 O O   . HOH D 4 .  ? -17.327 -1.071  -0.904  1.00 33.21 ? 2046 HOH A O   1 
HETATM 872 O O   . HOH D 4 .  ? -15.793 -7.514  -2.845  1.00 46.42 ? 2047 HOH A O   1 
HETATM 873 O O   . HOH D 4 .  ? -4.833  5.214   -10.822 1.00 42.15 ? 2048 HOH A O   1 
HETATM 874 O O   . HOH D 4 .  ? 1.401   9.070   -11.679 1.00 48.83 ? 2049 HOH A O   1 
HETATM 875 O O   . HOH D 4 .  ? -1.420  8.551   -9.540  1.00 32.82 ? 2050 HOH A O   1 
HETATM 876 O O   . HOH D 4 .  ? 5.284   5.397   -12.827 1.00 54.80 ? 2051 HOH A O   1 
HETATM 877 O O   . HOH D 4 .  ? 3.274   4.867   -14.109 1.00 56.77 ? 2052 HOH A O   1 
HETATM 878 O O   . HOH D 4 .  ? 5.393   -6.898  -8.659  1.00 37.05 ? 2053 HOH A O   1 
HETATM 879 O O   . HOH D 4 .  ? -5.632  -6.653  -11.444 1.00 53.47 ? 2054 HOH A O   1 
HETATM 880 O O   . HOH D 4 .  ? -5.654  -7.866  -8.022  1.00 49.72 ? 2055 HOH A O   1 
HETATM 881 O O   . HOH D 4 .  ? -7.131  -7.876  -5.227  1.00 24.22 ? 2056 HOH A O   1 
HETATM 882 O O   . HOH D 4 .  ? -12.562 -8.330  -2.845  1.00 31.77 ? 2057 HOH A O   1 
HETATM 883 O O   . HOH D 4 .  ? -10.271 -5.313  4.502   1.00 16.25 ? 2058 HOH A O   1 
HETATM 884 O O   . HOH D 4 .  ? -17.496 -8.105  2.173   1.00 46.54 ? 2059 HOH A O   1 
HETATM 885 O O   . HOH D 4 .  ? -11.132 -10.172 3.779   1.00 25.98 ? 2060 HOH A O   1 
HETATM 886 O O   . HOH D 4 .  ? -6.276  -12.411 -0.483  1.00 18.12 ? 2061 HOH A O   1 
HETATM 887 O O   . HOH D 4 .  ? -8.600  -14.835 -3.021  1.00 43.83 ? 2062 HOH A O   1 
HETATM 888 O O   . HOH D 4 .  ? -4.706  -8.593  7.591   1.00 19.90 ? 2063 HOH A O   1 
HETATM 889 O O   . HOH D 4 .  ? -6.125  -15.355 -0.363  1.00 27.13 ? 2064 HOH A O   1 
HETATM 890 O O   . HOH D 4 .  ? -5.554  -18.245 -0.835  1.00 36.39 ? 2065 HOH A O   1 
HETATM 891 O O   . HOH D 4 .  ? -1.204  -14.305 -3.184  1.00 37.29 ? 2066 HOH A O   1 
HETATM 892 O O   . HOH D 4 .  ? 0.711   -16.952 0.144   1.00 31.42 ? 2067 HOH A O   1 
HETATM 893 O O   . HOH D 4 .  ? -0.632  -11.578 -6.189  1.00 50.99 ? 2068 HOH A O   1 
HETATM 894 O O   . HOH D 4 .  ? 1.970   -8.751  10.068  1.00 28.43 ? 2069 HOH A O   1 
HETATM 895 O O   . HOH D 4 .  ? 5.436   -12.275 -3.347  1.00 28.46 ? 2070 HOH A O   1 
HETATM 896 O O   . HOH D 4 .  ? 2.496   -15.203 -1.505  1.00 30.60 ? 2071 HOH A O   1 
HETATM 897 O O   . HOH D 4 .  ? 10.510  -11.314 -0.438  1.00 43.90 ? 2072 HOH A O   1 
HETATM 898 O O   . HOH D 4 .  ? 7.283   -10.290 8.008   1.00 35.11 ? 2073 HOH A O   1 
HETATM 899 O O   . HOH D 4 .  ? 10.052  -11.457 5.561   1.00 32.84 ? 2074 HOH A O   1 
HETATM 900 O O   . HOH D 4 .  ? 9.093   -4.832  -8.045  1.00 45.79 ? 2075 HOH A O   1 
HETATM 901 O O   . HOH E 4 .  ? -12.199 1.184   11.739  1.00 40.38 ? 2001 HOH B O   1 
HETATM 902 O O   . HOH E 4 .  ? -13.117 6.288   7.751   1.00 37.31 ? 2002 HOH B O   1 
HETATM 903 O O   . HOH E 4 .  ? -11.439 6.618   4.052   1.00 20.76 ? 2003 HOH B O   1 
HETATM 904 O O   . HOH E 4 .  ? -5.711  -1.212  12.163  1.00 25.36 ? 2004 HOH B O   1 
HETATM 905 O O   . HOH E 4 .  ? -14.167 -6.336  4.554   1.00 36.33 ? 2005 HOH B O   1 
HETATM 906 O O   . HOH E 4 .  ? -13.790 -2.922  10.401  1.00 47.13 ? 2006 HOH B O   1 
HETATM 907 O O   . HOH E 4 .  ? -3.686  -2.217  13.378  1.00 40.04 ? 2007 HOH B O   1 
HETATM 908 O O   . HOH E 4 .  ? -9.266  -7.152  13.781  1.00 44.85 ? 2008 HOH B O   1 
HETATM 909 O O   . HOH E 4 .  ? -4.544  -6.748  15.496  1.00 31.13 ? 2009 HOH B O   1 
HETATM 910 O O   . HOH E 4 .  ? -13.594 -9.142  3.632   1.00 39.12 ? 2010 HOH B O   1 
HETATM 911 O O   . HOH E 4 .  ? -19.986 3.416   4.980   1.00 38.93 ? 2011 HOH B O   1 
HETATM 912 O O   . HOH E 4 .  ? -7.784  1.536   13.304  1.00 36.59 ? 2012 HOH B O   1 
HETATM 913 O O   . HOH E 4 .  ? -11.050 2.997   10.459  1.00 29.01 ? 2013 HOH B O   1 
# 
